data_7LPC
#
_entry.id   7LPC
#
_cell.length_a   1.00
_cell.length_b   1.00
_cell.length_c   1.00
_cell.angle_alpha   90.00
_cell.angle_beta   90.00
_cell.angle_gamma   90.00
#
_symmetry.space_group_name_H-M   'P 1'
#
loop_
_entity.id
_entity.type
_entity.pdbx_description
1 polymer 'Transient receptor potential cation channel subfamily V member 1'
2 non-polymer '[(2~{R})-1-[2-azanylethoxy(oxidanyl)phosphoryl]oxy-3-hexadecanoyloxy-propan-2-yl] (~{Z})-octadec-9-enoate'
3 non-polymer 1-palmitoyl-2-oleoyl-sn-glycero-3-phosphocholine
4 non-polymer 1-palmitoyl-2-oleoyl-sn-glycero-3-phosphoglycerol
5 non-polymer Phosphatidylinositol
#
_entity_poly.entity_id   1
_entity_poly.type   'polypeptide(L)'
_entity_poly.pdbx_seq_one_letter_code
;MEQRASLDSEESESPPQENSCLDPPDRDPNCKPPPVKPHIFTTRSRTRLFGKGDSEEASPLDCPYEEGGLASCPIITVSS
VLTIQRPGDGPASVRPSSQDSVSAGEKPPRLYDRRSIFDAVAQSNCQELESLLPFLQRSKKRLTDSEFKDPETGKTCLLK
AMLNLHNGQNDTIALLLDVARKTDSLKQFVNASYTDSYYKGQTALHIAIERRNMTLVTLLVENGADVQAAANGDFFKKTK
GRPGFYFGELPLSLAACTNQLAIVKFLLQNSWQPADISARDSVGNTVLHALVEVADNTVDNTKFVTSMYNEILILGAKLH
PTLKLEEITNRKGLTPLALAASSGKIGVLAYILQREIHEPECRHLSRKFTEWAYGPVHSSLYDLSCIDTCEKNSVLEVIA
YSSSETPNRHDMLLVEPLNRLLQDKWDRFVKRIFYFNFFVYCLYMIIFTAAAYYRPVEGLPPYKLKNTVGDYFRVTGEIL
SVSGGVYFFFRGIQYFLQRRPSLKSLFVDSYSEILFFVQSLFMLVSVVLYFSQRKEYVASMVFSLAMGWTNMLYYTRGFQ
QMGIYAVMIEKMILRDLCRFMFVYLVFLFGFSTAVVTLIEDGKNNSLPMESTPHKCRGSACKPGNSYNSLYSTCLELFKF
TIGMGDLEFTENYDFKAVFIILLLAYVILTYILLLNMLIALMGETVNKIAQESKNIWKLQRAITILDTEKSFLKCMRKAF
RSGKLLQVGFTPDGKDDYRWCFRVDEVNWTTWNTNVGIINEDPGNCEGVKRTLSFSLRSGRVSGRNWKNFALVPLLRDAS
TRDRHATQQEEVQLKHYTGSLKPEDAEVFKDSMVPGEKENSLEVLFQGPDYKDDDDKAHHHHHHHHHH
;
_entity_poly.pdbx_strand_id   C,A,B,D
#
loop_
_chem_comp.id
_chem_comp.type
_chem_comp.name
_chem_comp.formula
6OU non-polymer '[(2~{R})-1-[2-azanylethoxy(oxidanyl)phosphoryl]oxy-3-hexadecanoyloxy-propan-2-yl] (~{Z})-octadec-9-enoate' 'C39 H76 N O8 P'
LBN non-polymer 1-palmitoyl-2-oleoyl-sn-glycero-3-phosphocholine 'C42 H82 N O8 P'
T7X non-polymer Phosphatidylinositol 'C47 H83 O13 P'
YFP non-polymer 1-palmitoyl-2-oleoyl-sn-glycero-3-phosphoglycerol 'C40 H77 O10 P'
#
# COMPACT_ATOMS: atom_id res chain seq x y z
N ILE A 277 16.67 -17.99 54.03
CA ILE A 277 16.72 -17.52 52.65
C ILE A 277 16.33 -18.65 51.70
N SER A 278 16.57 -19.89 52.13
CA SER A 278 16.24 -21.07 51.34
C SER A 278 14.86 -21.61 51.64
N ALA A 279 14.08 -20.90 52.45
CA ALA A 279 12.76 -21.38 52.84
C ALA A 279 11.82 -21.45 51.63
N ARG A 280 10.95 -22.44 51.64
CA ARG A 280 10.01 -22.69 50.55
C ARG A 280 8.58 -22.57 51.06
N ASP A 281 7.71 -22.06 50.19
CA ASP A 281 6.31 -21.87 50.52
C ASP A 281 5.53 -23.14 50.19
N SER A 282 4.20 -23.05 50.22
CA SER A 282 3.37 -24.23 49.99
C SER A 282 3.62 -24.81 48.60
N VAL A 283 3.64 -23.93 47.58
CA VAL A 283 3.93 -24.39 46.23
C VAL A 283 5.39 -24.72 46.01
N GLY A 284 6.27 -24.35 46.95
CA GLY A 284 7.69 -24.57 46.82
C GLY A 284 8.48 -23.39 46.30
N ASN A 285 7.80 -22.29 45.97
CA ASN A 285 8.50 -21.14 45.43
C ASN A 285 9.38 -20.49 46.49
N THR A 286 10.58 -20.11 46.09
CA THR A 286 11.53 -19.41 46.94
C THR A 286 11.41 -17.92 46.64
N VAL A 287 12.16 -17.08 47.34
CA VAL A 287 12.06 -15.64 47.10
C VAL A 287 12.38 -15.31 45.66
N LEU A 288 13.36 -15.99 45.06
CA LEU A 288 13.66 -15.79 43.65
C LEU A 288 12.47 -16.20 42.78
N HIS A 289 11.91 -17.38 43.04
CA HIS A 289 10.74 -17.81 42.29
C HIS A 289 9.60 -16.82 42.44
N ALA A 290 9.42 -16.27 43.66
CA ALA A 290 8.37 -15.29 43.89
C ALA A 290 8.59 -14.04 43.06
N LEU A 291 9.81 -13.50 43.09
CA LEU A 291 10.13 -12.37 42.24
C LEU A 291 9.81 -12.66 40.79
N VAL A 292 10.19 -13.85 40.30
CA VAL A 292 9.95 -14.19 38.91
C VAL A 292 8.45 -14.20 38.62
N GLU A 293 7.66 -14.81 39.52
CA GLU A 293 6.22 -14.85 39.31
C GLU A 293 5.62 -13.45 39.36
N VAL A 294 6.30 -12.52 40.02
CA VAL A 294 5.79 -11.15 40.13
C VAL A 294 5.86 -10.42 38.79
N ALA A 295 6.96 -10.59 38.08
CA ALA A 295 7.26 -9.71 36.95
C ALA A 295 6.17 -9.77 35.89
N ASP A 296 5.86 -8.61 35.31
CA ASP A 296 4.91 -8.49 34.22
C ASP A 296 5.53 -7.93 32.95
N ASN A 297 6.86 -7.81 32.92
CA ASN A 297 7.63 -7.36 31.77
C ASN A 297 7.49 -5.86 31.51
N THR A 298 6.99 -5.10 32.49
CA THR A 298 7.03 -3.65 32.39
C THR A 298 8.44 -3.14 32.70
N VAL A 299 8.77 -2.00 32.09
CA VAL A 299 10.14 -1.48 32.23
C VAL A 299 10.48 -1.23 33.69
N ASP A 300 9.60 -0.50 34.40
CA ASP A 300 9.86 -0.23 35.81
C ASP A 300 9.87 -1.53 36.61
N ASN A 301 8.90 -2.40 36.36
CA ASN A 301 8.87 -3.69 37.05
C ASN A 301 10.13 -4.50 36.74
N THR A 302 10.55 -4.50 35.47
CA THR A 302 11.74 -5.26 35.10
C THR A 302 12.97 -4.75 35.83
N LYS A 303 13.18 -3.43 35.83
CA LYS A 303 14.35 -2.87 36.50
C LYS A 303 14.31 -3.19 37.99
N PHE A 304 13.15 -3.00 38.61
CA PHE A 304 13.05 -3.21 40.06
C PHE A 304 13.28 -4.67 40.42
N VAL A 305 12.70 -5.59 39.64
CA VAL A 305 12.86 -7.02 39.95
C VAL A 305 14.30 -7.44 39.72
N THR A 306 14.94 -6.96 38.65
CA THR A 306 16.33 -7.30 38.42
C THR A 306 17.22 -6.81 39.56
N SER A 307 16.98 -5.57 40.01
CA SER A 307 17.77 -5.04 41.12
C SER A 307 17.57 -5.88 42.37
N MET A 308 16.32 -6.24 42.66
CA MET A 308 16.02 -7.00 43.86
C MET A 308 16.64 -8.39 43.80
N TYR A 309 16.58 -9.02 42.63
CA TYR A 309 17.19 -10.33 42.43
C TYR A 309 18.69 -10.24 42.66
N ASN A 310 19.35 -9.22 42.11
CA ASN A 310 20.78 -9.09 42.28
C ASN A 310 21.14 -8.85 43.74
N GLU A 311 20.38 -7.99 44.42
CA GLU A 311 20.65 -7.72 45.83
C GLU A 311 20.47 -8.98 46.67
N ILE A 312 19.37 -9.70 46.47
CA ILE A 312 19.12 -10.92 47.24
C ILE A 312 20.21 -11.95 46.97
N LEU A 313 20.61 -12.09 45.71
CA LEU A 313 21.64 -13.07 45.37
C LEU A 313 22.96 -12.73 46.05
N ILE A 314 23.37 -11.46 45.98
CA ILE A 314 24.64 -11.05 46.59
C ILE A 314 24.57 -11.25 48.11
N LEU A 315 23.47 -10.84 48.73
CA LEU A 315 23.34 -10.98 50.17
C LEU A 315 23.39 -12.45 50.58
N GLY A 316 22.72 -13.32 49.82
CA GLY A 316 22.75 -14.73 50.14
C GLY A 316 24.14 -15.33 49.98
N ALA A 317 24.84 -14.94 48.92
CA ALA A 317 26.20 -15.43 48.73
C ALA A 317 27.10 -14.99 49.88
N LYS A 318 26.93 -13.74 50.33
CA LYS A 318 27.70 -13.26 51.48
C LYS A 318 27.36 -14.06 52.73
N LEU A 319 26.08 -14.36 52.93
CA LEU A 319 25.66 -15.07 54.14
C LEU A 319 26.01 -16.54 54.06
N HIS A 320 25.70 -17.20 52.95
CA HIS A 320 25.87 -18.65 52.80
C HIS A 320 26.61 -18.95 51.50
N PRO A 321 27.94 -18.78 51.50
CA PRO A 321 28.70 -19.10 50.29
C PRO A 321 28.52 -20.54 49.83
N THR A 322 28.44 -21.49 50.75
CA THR A 322 28.40 -22.90 50.36
C THR A 322 27.12 -23.24 49.63
N LEU A 323 25.98 -22.75 50.12
CA LEU A 323 24.70 -23.11 49.52
C LEU A 323 24.55 -22.47 48.14
N LYS A 324 23.78 -23.14 47.28
CA LYS A 324 23.42 -22.64 45.97
C LYS A 324 21.94 -22.29 45.97
N LEU A 325 21.63 -21.04 45.64
CA LEU A 325 20.27 -20.53 45.70
C LEU A 325 19.50 -20.75 44.40
N GLU A 326 20.19 -20.67 43.26
CA GLU A 326 19.52 -20.89 41.98
C GLU A 326 19.25 -22.37 41.73
N GLU A 327 20.05 -23.26 42.32
CA GLU A 327 19.84 -24.68 42.12
C GLU A 327 18.53 -25.14 42.74
N ILE A 328 18.10 -24.47 43.81
CA ILE A 328 16.84 -24.85 44.46
C ILE A 328 15.71 -24.81 43.45
N THR A 329 14.83 -25.79 43.53
CA THR A 329 13.73 -25.94 42.60
C THR A 329 12.40 -25.96 43.36
N ASN A 330 11.36 -25.51 42.68
CA ASN A 330 10.03 -25.53 43.25
C ASN A 330 9.44 -26.94 43.15
N ARG A 331 8.21 -27.11 43.62
CA ARG A 331 7.57 -28.42 43.59
C ARG A 331 7.50 -28.96 42.16
N LYS A 332 7.33 -28.08 41.17
CA LYS A 332 7.24 -28.50 39.78
C LYS A 332 8.59 -28.90 39.20
N GLY A 333 9.69 -28.62 39.91
CA GLY A 333 11.02 -28.89 39.39
C GLY A 333 11.61 -27.80 38.53
N LEU A 334 11.01 -26.63 38.48
CA LEU A 334 11.46 -25.53 37.64
C LEU A 334 12.31 -24.56 38.46
N THR A 335 13.49 -24.24 37.95
CA THR A 335 14.35 -23.26 38.57
C THR A 335 13.90 -21.85 38.18
N PRO A 336 14.40 -20.82 38.85
CA PRO A 336 13.98 -19.46 38.49
C PRO A 336 14.21 -19.14 37.03
N LEU A 337 15.33 -19.61 36.48
CA LEU A 337 15.62 -19.37 35.07
C LEU A 337 14.62 -20.08 34.18
N ALA A 338 14.40 -21.38 34.43
CA ALA A 338 13.44 -22.13 33.65
C ALA A 338 12.03 -21.59 33.88
N LEU A 339 11.73 -21.14 35.10
CA LEU A 339 10.41 -20.57 35.37
C LEU A 339 10.19 -19.32 34.55
N ALA A 340 11.20 -18.43 34.50
CA ALA A 340 11.07 -17.22 33.70
C ALA A 340 10.94 -17.55 32.23
N ALA A 341 11.71 -18.52 31.74
CA ALA A 341 11.61 -18.90 30.34
C ALA A 341 10.23 -19.45 30.01
N SER A 342 9.71 -20.34 30.85
CA SER A 342 8.38 -20.91 30.60
C SER A 342 7.30 -19.85 30.67
N SER A 343 7.39 -18.94 31.63
CA SER A 343 6.32 -17.96 31.86
C SER A 343 6.37 -16.79 30.90
N GLY A 344 7.41 -16.66 30.09
CA GLY A 344 7.47 -15.58 29.12
C GLY A 344 8.05 -14.29 29.65
N LYS A 345 8.80 -14.33 30.73
CA LYS A 345 9.36 -13.11 31.32
C LYS A 345 10.71 -12.83 30.66
N ILE A 346 10.66 -12.10 29.56
CA ILE A 346 11.85 -11.88 28.75
C ILE A 346 12.86 -11.00 29.50
N GLY A 347 12.37 -10.03 30.27
CA GLY A 347 13.28 -9.14 30.97
C GLY A 347 14.13 -9.86 32.00
N VAL A 348 13.50 -10.67 32.84
CA VAL A 348 14.24 -11.41 33.86
C VAL A 348 15.18 -12.40 33.21
N LEU A 349 14.71 -13.10 32.18
CA LEU A 349 15.55 -14.06 31.47
C LEU A 349 16.78 -13.38 30.90
N ALA A 350 16.59 -12.24 30.24
CA ALA A 350 17.70 -11.51 29.67
C ALA A 350 18.68 -11.05 30.75
N TYR A 351 18.15 -10.59 31.88
CA TYR A 351 19.03 -10.20 32.98
C TYR A 351 19.87 -11.37 33.44
N ILE A 352 19.26 -12.54 33.64
CA ILE A 352 19.98 -13.67 34.19
C ILE A 352 21.04 -14.15 33.22
N LEU A 353 20.68 -14.32 31.95
CA LEU A 353 21.61 -14.90 30.99
C LEU A 353 22.86 -14.04 30.84
N GLN A 354 22.71 -12.72 30.96
CA GLN A 354 23.81 -11.79 30.78
C GLN A 354 24.26 -11.15 32.10
N ARG A 355 24.04 -11.81 33.23
CA ARG A 355 24.42 -11.24 34.51
C ARG A 355 25.94 -11.19 34.65
N GLU A 356 26.44 -10.02 35.08
CA GLU A 356 27.84 -9.82 35.37
C GLU A 356 27.97 -9.18 36.74
N ILE A 357 28.85 -9.73 37.58
CA ILE A 357 29.05 -9.25 38.94
C ILE A 357 30.55 -9.05 39.15
N HIS A 358 30.97 -7.79 39.21
CA HIS A 358 32.39 -7.45 39.29
C HIS A 358 32.91 -7.41 40.73
N GLU A 359 32.10 -7.79 41.71
CA GLU A 359 32.56 -7.75 43.09
C GLU A 359 33.60 -8.85 43.33
N PRO A 360 34.80 -8.50 43.80
CA PRO A 360 35.80 -9.56 44.04
C PRO A 360 35.32 -10.63 44.99
N GLU A 361 34.54 -10.25 46.00
CA GLU A 361 34.08 -11.22 46.99
C GLU A 361 33.25 -12.32 46.35
N CYS A 362 32.37 -11.96 45.42
CA CYS A 362 31.47 -12.90 44.76
C CYS A 362 31.42 -12.59 43.27
N ARG A 363 32.32 -13.23 42.51
CA ARG A 363 32.30 -13.20 41.05
C ARG A 363 31.73 -14.49 40.47
N HIS A 364 31.67 -15.56 41.27
CA HIS A 364 31.19 -16.85 40.78
C HIS A 364 29.72 -16.78 40.37
N LEU A 365 28.98 -15.79 40.89
CA LEU A 365 27.54 -15.76 40.65
C LEU A 365 27.23 -15.26 39.25
N SER A 366 28.19 -14.59 38.61
CA SER A 366 27.97 -14.04 37.28
C SER A 366 28.02 -15.12 36.22
N ARG A 367 27.30 -14.89 35.12
CA ARG A 367 27.22 -15.81 34.00
C ARG A 367 28.02 -15.33 32.79
N LYS A 368 28.38 -14.05 32.73
CA LYS A 368 29.09 -13.48 31.60
C LYS A 368 30.42 -12.88 32.02
N PHE A 369 31.45 -13.23 31.26
CA PHE A 369 32.86 -13.03 31.56
C PHE A 369 33.56 -12.42 30.35
N THR A 370 34.65 -11.69 30.62
CA THR A 370 35.51 -11.18 29.57
C THR A 370 36.84 -11.93 29.64
N GLU A 371 37.08 -12.80 28.66
CA GLU A 371 38.31 -13.59 28.65
C GLU A 371 39.53 -12.69 28.48
N TRP A 372 39.45 -11.73 27.56
CA TRP A 372 40.55 -10.80 27.35
C TRP A 372 40.06 -9.62 26.53
N ALA A 373 40.89 -8.58 26.47
CA ALA A 373 40.63 -7.39 25.68
C ALA A 373 41.94 -6.92 25.07
N TYR A 374 41.95 -6.76 23.74
CA TYR A 374 43.11 -6.29 23.00
C TYR A 374 42.96 -4.83 22.60
N GLY A 375 42.25 -4.03 23.38
CA GLY A 375 42.00 -2.65 23.05
C GLY A 375 40.59 -2.44 22.54
N PRO A 376 40.44 -2.22 21.23
CA PRO A 376 39.07 -2.15 20.68
C PRO A 376 38.35 -3.47 20.79
N VAL A 377 39.08 -4.59 20.70
CA VAL A 377 38.47 -5.90 20.70
C VAL A 377 38.23 -6.38 22.12
N HIS A 378 37.26 -7.26 22.29
CA HIS A 378 36.98 -7.90 23.56
C HIS A 378 36.44 -9.30 23.27
N SER A 379 36.74 -10.24 24.16
CA SER A 379 36.23 -11.60 24.04
C SER A 379 35.48 -11.95 25.30
N SER A 380 34.21 -12.32 25.16
CA SER A 380 33.33 -12.63 26.26
C SER A 380 32.98 -14.11 26.26
N LEU A 381 32.59 -14.63 27.42
CA LEU A 381 32.20 -16.01 27.58
C LEU A 381 30.86 -16.12 28.26
N TYR A 382 30.01 -16.98 27.72
CA TYR A 382 28.70 -17.28 28.29
C TYR A 382 28.69 -18.71 28.82
N ASP A 383 27.81 -18.97 29.78
CA ASP A 383 27.99 -20.10 30.69
C ASP A 383 27.39 -21.38 30.10
N LEU A 384 26.14 -21.33 29.64
CA LEU A 384 25.47 -22.50 29.06
C LEU A 384 25.26 -23.60 30.09
N SER A 385 25.10 -23.24 31.36
CA SER A 385 24.97 -24.25 32.41
C SER A 385 23.73 -25.11 32.19
N CYS A 386 22.57 -24.46 32.08
CA CYS A 386 21.35 -25.10 31.58
C CYS A 386 20.68 -24.37 30.43
N ILE A 387 21.45 -23.85 29.48
CA ILE A 387 20.84 -23.35 28.25
C ILE A 387 20.65 -24.48 27.24
N ASP A 388 21.61 -25.40 27.15
CA ASP A 388 21.63 -26.39 26.09
C ASP A 388 21.40 -27.82 26.57
N THR A 389 22.23 -28.32 27.48
CA THR A 389 22.25 -29.75 27.81
C THR A 389 21.64 -30.09 29.15
N CYS A 390 20.89 -29.18 29.76
CA CYS A 390 20.40 -29.42 31.11
C CYS A 390 19.41 -30.58 31.08
N GLU A 391 19.57 -31.51 32.03
CA GLU A 391 18.98 -32.83 31.86
C GLU A 391 17.45 -32.76 31.76
N LYS A 392 16.81 -32.02 32.65
CA LYS A 392 15.36 -32.05 32.76
C LYS A 392 14.68 -30.94 31.95
N ASN A 393 14.98 -29.68 32.24
CA ASN A 393 14.31 -28.55 31.61
C ASN A 393 15.38 -27.57 31.09
N SER A 394 15.84 -27.81 29.88
CA SER A 394 16.73 -26.87 29.23
C SER A 394 15.94 -25.67 28.72
N VAL A 395 16.53 -24.49 28.86
CA VAL A 395 15.83 -23.26 28.54
C VAL A 395 15.42 -23.24 27.07
N LEU A 396 16.34 -23.62 26.18
CA LEU A 396 16.02 -23.68 24.76
C LEU A 396 14.87 -24.66 24.51
N GLU A 397 14.99 -25.87 25.05
CA GLU A 397 13.94 -26.86 24.94
C GLU A 397 12.62 -26.31 25.44
N VAL A 398 12.65 -25.54 26.53
CA VAL A 398 11.44 -25.03 27.15
C VAL A 398 10.79 -23.96 26.28
N ILE A 399 11.59 -23.08 25.71
CA ILE A 399 11.03 -22.00 24.89
C ILE A 399 10.46 -22.55 23.58
N ALA A 400 11.22 -23.40 22.89
CA ALA A 400 10.76 -23.92 21.61
C ALA A 400 9.49 -24.74 21.78
N TYR A 401 9.42 -25.56 22.82
CA TYR A 401 8.35 -26.51 23.08
C TYR A 401 7.18 -25.89 23.84
N SER A 402 7.05 -24.57 23.81
CA SER A 402 5.98 -23.89 24.53
C SER A 402 4.65 -24.08 23.81
N SER A 403 3.57 -23.72 24.51
CA SER A 403 2.21 -23.94 24.04
C SER A 403 1.55 -22.66 23.54
N SER A 404 2.30 -21.57 23.41
CA SER A 404 1.84 -20.27 22.92
C SER A 404 1.03 -19.51 23.95
N GLU A 405 0.82 -20.06 25.15
CA GLU A 405 0.17 -19.29 26.19
C GLU A 405 1.01 -18.09 26.58
N THR A 406 2.33 -18.22 26.48
CA THR A 406 3.22 -17.13 26.84
C THR A 406 2.98 -15.94 25.93
N PRO A 407 3.04 -14.71 26.46
CA PRO A 407 2.78 -13.54 25.60
C PRO A 407 3.78 -13.40 24.47
N ASN A 408 5.08 -13.54 24.76
CA ASN A 408 6.13 -13.34 23.77
C ASN A 408 7.16 -14.48 23.89
N ARG A 409 6.98 -15.51 23.05
CA ARG A 409 8.02 -16.52 22.92
C ARG A 409 8.87 -16.29 21.67
N HIS A 410 8.38 -15.45 20.75
CA HIS A 410 9.16 -15.16 19.55
C HIS A 410 10.38 -14.31 19.88
N ASP A 411 10.22 -13.33 20.79
CA ASP A 411 11.30 -12.41 21.09
C ASP A 411 12.31 -13.01 22.07
N MET A 412 11.95 -14.12 22.70
CA MET A 412 12.82 -14.71 23.71
C MET A 412 14.13 -15.18 23.11
N LEU A 413 14.09 -15.79 21.93
CA LEU A 413 15.30 -16.32 21.32
C LEU A 413 16.23 -15.21 20.84
N LEU A 414 15.79 -13.96 20.88
CA LEU A 414 16.59 -12.85 20.38
C LEU A 414 17.73 -12.48 21.31
N VAL A 415 17.73 -12.96 22.55
CA VAL A 415 18.80 -12.61 23.47
C VAL A 415 20.14 -13.05 22.89
N GLU A 416 21.22 -12.44 23.38
CA GLU A 416 22.51 -12.61 22.73
C GLU A 416 22.98 -14.06 22.68
N PRO A 417 23.02 -14.82 23.77
CA PRO A 417 23.62 -16.15 23.70
C PRO A 417 22.81 -17.14 22.86
N LEU A 418 21.48 -17.16 23.02
CA LEU A 418 20.67 -18.19 22.40
C LEU A 418 20.70 -18.10 20.88
N ASN A 419 20.61 -16.89 20.35
CA ASN A 419 20.61 -16.72 18.90
C ASN A 419 21.89 -17.29 18.29
N ARG A 420 23.04 -16.91 18.86
CA ARG A 420 24.32 -17.35 18.31
C ARG A 420 24.52 -18.84 18.52
N LEU A 421 24.04 -19.36 19.65
CA LEU A 421 24.16 -20.79 19.91
C LEU A 421 23.38 -21.58 18.88
N LEU A 422 22.14 -21.18 18.61
CA LEU A 422 21.33 -21.86 17.61
C LEU A 422 21.96 -21.77 16.24
N GLN A 423 22.47 -20.59 15.87
CA GLN A 423 23.07 -20.47 14.56
C GLN A 423 24.31 -21.35 14.44
N ASP A 424 25.08 -21.45 15.52
CA ASP A 424 26.24 -22.35 15.51
C ASP A 424 25.80 -23.79 15.30
N LYS A 425 24.76 -24.21 16.02
CA LYS A 425 24.27 -25.58 15.86
C LYS A 425 23.79 -25.83 14.44
N TRP A 426 23.17 -24.82 13.83
CA TRP A 426 22.68 -24.96 12.47
C TRP A 426 23.83 -25.08 11.48
N ASP A 427 24.77 -24.15 11.55
CA ASP A 427 25.89 -24.14 10.61
C ASP A 427 26.81 -25.33 10.81
N ARG A 428 26.79 -25.98 11.98
CA ARG A 428 27.76 -27.04 12.22
C ARG A 428 27.31 -28.36 11.61
N PHE A 429 26.15 -28.88 12.02
CA PHE A 429 25.76 -30.22 11.60
C PHE A 429 24.31 -30.39 11.16
N VAL A 430 23.39 -29.54 11.62
CA VAL A 430 21.99 -29.81 11.33
C VAL A 430 21.61 -29.42 9.90
N LYS A 431 22.34 -28.48 9.30
CA LYS A 431 21.99 -28.04 7.95
C LYS A 431 22.07 -29.17 6.95
N ARG A 432 23.14 -29.96 7.01
CA ARG A 432 23.30 -31.07 6.10
C ARG A 432 22.21 -32.11 6.29
N ILE A 433 21.85 -32.39 7.53
CA ILE A 433 20.79 -33.35 7.81
C ILE A 433 19.47 -32.86 7.24
N PHE A 434 19.17 -31.58 7.41
CA PHE A 434 17.93 -31.03 6.86
C PHE A 434 17.91 -31.13 5.35
N TYR A 435 19.03 -30.84 4.71
CA TYR A 435 19.10 -30.93 3.25
C TYR A 435 18.91 -32.37 2.79
N PHE A 436 19.49 -33.32 3.52
CA PHE A 436 19.32 -34.74 3.19
C PHE A 436 17.86 -35.16 3.30
N ASN A 437 17.19 -34.73 4.36
CA ASN A 437 15.78 -35.06 4.53
C ASN A 437 14.93 -34.45 3.42
N PHE A 438 15.24 -33.21 3.04
CA PHE A 438 14.55 -32.57 1.93
C PHE A 438 14.72 -33.35 0.63
N PHE A 439 15.96 -33.78 0.35
CA PHE A 439 16.21 -34.58 -0.84
C PHE A 439 15.41 -35.89 -0.82
N VAL A 440 15.41 -36.56 0.34
CA VAL A 440 14.70 -37.83 0.45
C VAL A 440 13.20 -37.63 0.24
N TYR A 441 12.63 -36.60 0.83
CA TYR A 441 11.21 -36.34 0.64
C TYR A 441 10.89 -36.03 -0.82
N CYS A 442 11.74 -35.26 -1.48
CA CYS A 442 11.56 -35.00 -2.90
C CYS A 442 11.53 -36.31 -3.69
N LEU A 443 12.48 -37.19 -3.43
CA LEU A 443 12.48 -38.49 -4.09
C LEU A 443 11.21 -39.26 -3.82
N TYR A 444 10.78 -39.30 -2.56
CA TYR A 444 9.56 -40.02 -2.20
C TYR A 444 8.37 -39.49 -2.98
N MET A 445 8.25 -38.17 -3.08
CA MET A 445 7.12 -37.59 -3.79
C MET A 445 7.18 -37.93 -5.27
N ILE A 446 8.38 -37.94 -5.84
CA ILE A 446 8.51 -38.29 -7.25
C ILE A 446 8.10 -39.75 -7.48
N ILE A 447 8.55 -40.65 -6.61
CA ILE A 447 8.17 -42.05 -6.73
C ILE A 447 6.66 -42.20 -6.64
N PHE A 448 6.06 -41.54 -5.66
CA PHE A 448 4.61 -41.61 -5.48
C PHE A 448 3.88 -41.08 -6.70
N THR A 449 4.32 -39.95 -7.23
CA THR A 449 3.70 -39.38 -8.42
C THR A 449 3.76 -40.33 -9.60
N ALA A 450 4.95 -40.89 -9.86
CA ALA A 450 5.10 -41.79 -10.99
C ALA A 450 4.25 -43.04 -10.82
N ALA A 451 4.23 -43.61 -9.62
CA ALA A 451 3.46 -44.81 -9.39
C ALA A 451 1.96 -44.56 -9.55
N ALA A 452 1.49 -43.42 -9.06
CA ALA A 452 0.07 -43.11 -9.18
C ALA A 452 -0.33 -42.80 -10.61
N TYR A 453 0.57 -42.18 -11.37
CA TYR A 453 0.26 -41.81 -12.74
C TYR A 453 -0.01 -43.03 -13.60
N TYR A 454 0.77 -44.09 -13.41
CA TYR A 454 0.68 -45.30 -14.22
C TYR A 454 -0.15 -46.38 -13.57
N ARG A 455 -1.17 -45.99 -12.82
CA ARG A 455 -2.01 -46.98 -12.16
C ARG A 455 -2.78 -47.79 -13.21
N PRO A 456 -3.08 -49.05 -12.92
CA PRO A 456 -3.95 -49.80 -13.82
C PRO A 456 -5.36 -49.25 -13.81
N VAL A 457 -6.06 -49.48 -14.92
CA VAL A 457 -7.41 -48.96 -15.11
C VAL A 457 -8.42 -50.04 -15.44
N GLU A 458 -7.98 -51.26 -15.75
CA GLU A 458 -8.86 -52.33 -16.19
C GLU A 458 -9.21 -53.22 -15.02
N GLY A 459 -10.49 -53.23 -14.65
CA GLY A 459 -10.98 -54.12 -13.63
C GLY A 459 -11.12 -53.47 -12.27
N LEU A 460 -11.13 -54.30 -11.23
CA LEU A 460 -11.21 -53.84 -9.85
C LEU A 460 -9.91 -54.24 -9.13
N PRO A 461 -9.54 -53.49 -8.11
CA PRO A 461 -8.36 -53.86 -7.34
C PRO A 461 -8.65 -55.04 -6.44
N PRO A 462 -7.63 -55.79 -6.03
CA PRO A 462 -6.21 -55.64 -6.39
C PRO A 462 -5.92 -56.12 -7.81
N TYR A 463 -4.87 -55.59 -8.41
CA TYR A 463 -4.52 -55.88 -9.79
C TYR A 463 -3.43 -56.93 -9.84
N LYS A 464 -3.64 -57.96 -10.65
CA LYS A 464 -2.69 -59.07 -10.72
C LYS A 464 -1.36 -58.59 -11.28
N LEU A 465 -0.28 -59.11 -10.73
CA LEU A 465 1.04 -58.74 -11.20
C LEU A 465 1.30 -59.35 -12.57
N LYS A 466 2.31 -58.80 -13.24
CA LYS A 466 2.77 -59.30 -14.52
C LYS A 466 4.29 -59.37 -14.52
N ASN A 467 4.83 -60.17 -15.44
CA ASN A 467 6.26 -60.26 -15.61
C ASN A 467 6.86 -59.04 -16.28
N THR A 468 6.04 -58.12 -16.76
CA THR A 468 6.55 -56.91 -17.38
C THR A 468 7.40 -56.13 -16.39
N VAL A 469 8.55 -55.65 -16.85
CA VAL A 469 9.48 -54.93 -15.97
C VAL A 469 8.84 -53.66 -15.43
N GLY A 470 8.10 -52.93 -16.29
CA GLY A 470 7.43 -51.74 -15.84
C GLY A 470 6.47 -52.02 -14.69
N ASP A 471 5.83 -53.19 -14.72
CA ASP A 471 4.94 -53.56 -13.62
C ASP A 471 5.71 -53.77 -12.32
N TYR A 472 6.90 -54.38 -12.41
CA TYR A 472 7.71 -54.52 -11.22
C TYR A 472 8.10 -53.16 -10.65
N PHE A 473 8.50 -52.23 -11.51
CA PHE A 473 8.82 -50.89 -11.03
C PHE A 473 7.61 -50.23 -10.39
N ARG A 474 6.44 -50.38 -11.01
CA ARG A 474 5.23 -49.79 -10.46
C ARG A 474 4.93 -50.33 -9.07
N VAL A 475 5.05 -51.65 -8.90
CA VAL A 475 4.78 -52.25 -7.59
C VAL A 475 5.81 -51.77 -6.58
N THR A 476 7.07 -51.67 -6.99
CA THR A 476 8.10 -51.15 -6.10
C THR A 476 7.75 -49.74 -5.63
N GLY A 477 7.34 -48.89 -6.56
CA GLY A 477 6.94 -47.55 -6.18
C GLY A 477 5.76 -47.53 -5.23
N GLU A 478 4.78 -48.40 -5.48
CA GLU A 478 3.62 -48.47 -4.58
C GLU A 478 4.05 -48.83 -3.17
N ILE A 479 4.93 -49.83 -3.06
CA ILE A 479 5.37 -50.29 -1.75
C ILE A 479 6.12 -49.19 -1.03
N LEU A 480 7.01 -48.50 -1.74
CA LEU A 480 7.76 -47.41 -1.12
C LEU A 480 6.83 -46.29 -0.66
N SER A 481 5.82 -45.98 -1.46
CA SER A 481 4.86 -44.94 -1.08
C SER A 481 4.14 -45.34 0.21
N VAL A 482 3.68 -46.58 0.29
CA VAL A 482 2.98 -47.03 1.48
C VAL A 482 3.90 -46.97 2.70
N SER A 483 5.15 -47.37 2.52
CA SER A 483 6.10 -47.33 3.63
C SER A 483 6.31 -45.92 4.13
N GLY A 484 6.49 -44.96 3.23
CA GLY A 484 6.59 -43.56 3.64
C GLY A 484 5.35 -43.10 4.39
N GLY A 485 4.18 -43.54 3.94
CA GLY A 485 2.96 -43.13 4.61
C GLY A 485 2.88 -43.64 6.03
N VAL A 486 3.18 -44.92 6.23
CA VAL A 486 3.11 -45.48 7.59
C VAL A 486 4.20 -44.87 8.47
N TYR A 487 5.36 -44.56 7.88
CA TYR A 487 6.39 -43.87 8.65
C TYR A 487 5.91 -42.52 9.16
N PHE A 488 5.27 -41.74 8.30
CA PHE A 488 4.75 -40.45 8.75
C PHE A 488 3.65 -40.64 9.80
N PHE A 489 2.85 -41.68 9.63
CA PHE A 489 1.83 -42.01 10.62
C PHE A 489 2.45 -42.19 12.01
N PHE A 490 3.48 -43.04 12.09
CA PHE A 490 4.10 -43.32 13.38
C PHE A 490 4.83 -42.10 13.92
N ARG A 491 5.45 -41.31 13.05
CA ARG A 491 6.12 -40.10 13.52
C ARG A 491 5.13 -39.12 14.12
N GLY A 492 3.96 -38.96 13.52
CA GLY A 492 2.94 -38.11 14.11
C GLY A 492 2.47 -38.66 15.45
N ILE A 493 2.31 -39.98 15.54
CA ILE A 493 1.92 -40.59 16.80
C ILE A 493 2.93 -40.25 17.89
N GLN A 494 4.22 -40.48 17.60
CA GLN A 494 5.23 -40.26 18.64
C GLN A 494 5.33 -38.79 18.99
N TYR A 495 5.16 -37.89 18.02
CA TYR A 495 5.12 -36.47 18.34
C TYR A 495 4.00 -36.19 19.33
N PHE A 496 2.81 -36.73 19.08
CA PHE A 496 1.69 -36.46 19.97
C PHE A 496 1.96 -36.99 21.37
N LEU A 497 2.54 -38.18 21.46
CA LEU A 497 2.84 -38.77 22.76
C LEU A 497 3.87 -37.93 23.50
N GLN A 498 4.98 -37.65 22.84
CA GLN A 498 6.10 -36.95 23.45
C GLN A 498 5.74 -35.54 23.87
N ARG A 499 5.17 -34.76 22.96
CA ARG A 499 4.91 -33.34 23.23
C ARG A 499 3.66 -33.12 24.06
N ARG A 500 2.79 -34.12 24.16
CA ARG A 500 1.57 -34.05 24.95
C ARG A 500 0.88 -32.71 24.74
N PRO A 501 0.68 -32.29 23.50
CA PRO A 501 0.11 -30.97 23.25
C PRO A 501 -1.32 -30.87 23.78
N SER A 502 -1.67 -29.68 24.25
CA SER A 502 -3.03 -29.42 24.66
C SER A 502 -3.93 -29.31 23.43
N LEU A 503 -5.24 -29.35 23.69
CA LEU A 503 -6.21 -29.26 22.61
C LEU A 503 -5.99 -27.97 21.81
N LYS A 504 -5.89 -26.84 22.51
CA LYS A 504 -5.61 -25.60 21.82
C LYS A 504 -4.29 -25.70 21.07
N SER A 505 -3.22 -26.07 21.77
CA SER A 505 -1.91 -26.17 21.12
C SER A 505 -1.96 -27.10 19.94
N LEU A 506 -2.89 -28.06 19.97
CA LEU A 506 -3.08 -28.93 18.81
C LEU A 506 -3.73 -28.16 17.66
N PHE A 507 -4.66 -27.26 17.97
CA PHE A 507 -5.36 -26.54 16.92
C PHE A 507 -4.53 -25.40 16.33
N VAL A 508 -3.72 -24.74 17.16
CA VAL A 508 -3.15 -23.44 16.83
C VAL A 508 -1.69 -23.50 16.45
N ASP A 509 -0.95 -24.51 16.89
CA ASP A 509 0.50 -24.48 16.78
C ASP A 509 1.05 -25.53 15.81
N SER A 510 0.56 -26.76 15.90
CA SER A 510 1.18 -27.88 15.19
C SER A 510 0.42 -28.13 13.89
N TYR A 511 0.56 -27.19 12.96
CA TYR A 511 -0.10 -27.32 11.66
C TYR A 511 0.62 -28.34 10.79
N SER A 512 1.94 -28.30 10.73
CA SER A 512 2.69 -29.18 9.84
C SER A 512 2.55 -30.64 10.25
N GLU A 513 2.65 -30.92 11.54
CA GLU A 513 2.49 -32.28 12.01
C GLU A 513 1.12 -32.82 11.64
N ILE A 514 0.09 -32.00 11.80
CA ILE A 514 -1.27 -32.39 11.45
C ILE A 514 -1.37 -32.67 9.96
N LEU A 515 -0.78 -31.81 9.14
CA LEU A 515 -0.88 -31.97 7.69
C LEU A 515 -0.21 -33.25 7.22
N PHE A 516 1.00 -33.52 7.72
CA PHE A 516 1.68 -34.76 7.37
C PHE A 516 0.91 -35.97 7.85
N PHE A 517 0.35 -35.89 9.06
CA PHE A 517 -0.44 -37.00 9.58
C PHE A 517 -1.66 -37.27 8.72
N VAL A 518 -2.33 -36.21 8.29
CA VAL A 518 -3.53 -36.37 7.46
C VAL A 518 -3.17 -36.97 6.11
N GLN A 519 -2.04 -36.56 5.54
CA GLN A 519 -1.56 -37.17 4.30
C GLN A 519 -1.36 -38.67 4.49
N SER A 520 -0.72 -39.05 5.59
CA SER A 520 -0.51 -40.46 5.87
C SER A 520 -1.84 -41.20 6.05
N LEU A 521 -2.80 -40.56 6.71
CA LEU A 521 -4.11 -41.16 6.89
C LEU A 521 -4.78 -41.43 5.55
N PHE A 522 -4.72 -40.46 4.63
CA PHE A 522 -5.30 -40.66 3.32
C PHE A 522 -4.64 -41.84 2.62
N MET A 523 -3.32 -41.95 2.71
CA MET A 523 -2.64 -43.08 2.10
C MET A 523 -3.11 -44.41 2.69
N LEU A 524 -3.19 -44.48 4.02
CA LEU A 524 -3.56 -45.73 4.67
C LEU A 524 -4.98 -46.12 4.33
N VAL A 525 -5.89 -45.15 4.33
CA VAL A 525 -7.26 -45.41 3.92
C VAL A 525 -7.30 -45.91 2.48
N SER A 526 -6.44 -45.35 1.62
CA SER A 526 -6.37 -45.81 0.25
C SER A 526 -5.96 -47.27 0.18
N VAL A 527 -4.98 -47.66 0.98
CA VAL A 527 -4.57 -49.06 1.01
C VAL A 527 -5.74 -49.94 1.46
N VAL A 528 -6.42 -49.52 2.52
CA VAL A 528 -7.52 -50.30 3.06
C VAL A 528 -8.59 -50.52 1.98
N LEU A 529 -8.95 -49.43 1.28
CA LEU A 529 -9.98 -49.53 0.26
C LEU A 529 -9.49 -50.35 -0.93
N TYR A 530 -8.20 -50.28 -1.22
CA TYR A 530 -7.64 -51.01 -2.35
C TYR A 530 -7.73 -52.51 -2.12
N PHE A 531 -7.40 -52.97 -0.92
CA PHE A 531 -7.49 -54.39 -0.64
C PHE A 531 -8.90 -54.82 -0.29
N SER A 532 -9.81 -53.87 -0.06
CA SER A 532 -11.22 -54.16 0.11
C SER A 532 -11.97 -54.19 -1.21
N GLN A 533 -11.26 -54.22 -2.32
CA GLN A 533 -11.79 -54.29 -3.68
C GLN A 533 -12.62 -53.09 -4.08
N ARG A 534 -12.73 -52.08 -3.23
CA ARG A 534 -13.40 -50.85 -3.62
C ARG A 534 -12.53 -50.06 -4.58
N LYS A 535 -13.19 -49.35 -5.48
CA LYS A 535 -12.51 -48.52 -6.47
C LYS A 535 -12.29 -47.10 -6.00
N GLU A 536 -12.88 -46.70 -4.89
CA GLU A 536 -12.79 -45.34 -4.39
C GLU A 536 -11.39 -44.98 -3.92
N TYR A 537 -10.50 -45.96 -3.78
CA TYR A 537 -9.18 -45.69 -3.23
C TYR A 537 -8.48 -44.58 -3.99
N VAL A 538 -8.68 -44.50 -5.30
CA VAL A 538 -8.03 -43.47 -6.09
C VAL A 538 -8.27 -42.10 -5.47
N ALA A 539 -9.53 -41.79 -5.17
CA ALA A 539 -9.84 -40.53 -4.51
C ALA A 539 -8.85 -40.26 -3.39
N SER A 540 -8.82 -41.13 -2.39
CA SER A 540 -7.92 -40.91 -1.27
C SER A 540 -6.52 -40.62 -1.77
N MET A 541 -5.99 -41.50 -2.62
CA MET A 541 -4.63 -41.35 -3.08
C MET A 541 -4.39 -39.95 -3.62
N VAL A 542 -5.27 -39.47 -4.51
CA VAL A 542 -4.99 -38.19 -5.13
C VAL A 542 -4.89 -37.09 -4.09
N PHE A 543 -5.82 -37.09 -3.13
CA PHE A 543 -5.75 -36.08 -2.08
C PHE A 543 -4.38 -36.13 -1.42
N SER A 544 -3.97 -37.31 -0.99
CA SER A 544 -2.65 -37.46 -0.39
C SER A 544 -1.60 -36.86 -1.30
N LEU A 545 -1.60 -37.29 -2.56
CA LEU A 545 -0.64 -36.76 -3.53
C LEU A 545 -0.62 -35.24 -3.45
N ALA A 546 -1.76 -34.60 -3.66
CA ALA A 546 -1.79 -33.15 -3.66
C ALA A 546 -1.18 -32.61 -2.39
N MET A 547 -1.63 -33.10 -1.24
CA MET A 547 -1.17 -32.52 0.01
C MET A 547 0.33 -32.72 0.13
N GLY A 548 0.82 -33.88 -0.28
CA GLY A 548 2.24 -34.12 -0.26
C GLY A 548 3.00 -32.99 -0.90
N TRP A 549 2.62 -32.63 -2.13
CA TRP A 549 3.37 -31.60 -2.84
C TRP A 549 3.30 -30.28 -2.07
N THR A 550 2.12 -29.94 -1.56
CA THR A 550 2.02 -28.69 -0.80
C THR A 550 2.89 -28.75 0.43
N ASN A 551 2.98 -29.91 1.07
CA ASN A 551 3.76 -30.04 2.28
C ASN A 551 5.25 -29.89 2.01
N MET A 552 5.66 -29.94 0.74
CA MET A 552 7.04 -29.64 0.41
C MET A 552 7.41 -28.24 0.90
N LEU A 553 6.42 -27.38 1.01
CA LEU A 553 6.66 -26.02 1.46
C LEU A 553 7.23 -25.98 2.86
N TYR A 554 7.03 -27.05 3.64
CA TYR A 554 7.59 -27.11 4.98
C TYR A 554 9.09 -26.93 4.96
N TYR A 555 9.73 -27.27 3.85
CA TYR A 555 11.18 -27.22 3.77
C TYR A 555 11.69 -25.86 3.32
N THR A 556 10.84 -24.84 3.34
CA THR A 556 11.28 -23.49 3.07
C THR A 556 11.85 -22.80 4.30
N ARG A 557 11.85 -23.48 5.45
CA ARG A 557 12.36 -22.92 6.68
C ARG A 557 13.85 -23.12 6.87
N GLY A 558 14.49 -23.87 5.98
CA GLY A 558 15.94 -23.90 5.94
C GLY A 558 16.55 -22.74 5.21
N PHE A 559 15.72 -21.91 4.60
CA PHE A 559 16.15 -20.74 3.86
C PHE A 559 15.35 -19.54 4.34
N GLN A 560 16.06 -18.44 4.59
CA GLN A 560 15.49 -17.33 5.33
C GLN A 560 14.38 -16.64 4.54
N GLN A 561 14.66 -16.29 3.29
CA GLN A 561 13.70 -15.52 2.51
C GLN A 561 12.43 -16.32 2.27
N MET A 562 12.58 -17.56 1.85
CA MET A 562 11.42 -18.41 1.56
C MET A 562 10.68 -18.79 2.83
N GLY A 563 11.40 -18.98 3.94
CA GLY A 563 10.72 -19.24 5.20
C GLY A 563 9.85 -18.09 5.64
N ILE A 564 10.37 -16.87 5.52
CA ILE A 564 9.58 -15.70 5.87
C ILE A 564 8.38 -15.56 4.94
N TYR A 565 8.58 -15.83 3.65
CA TYR A 565 7.48 -15.84 2.70
C TYR A 565 6.38 -16.81 3.12
N ALA A 566 6.77 -18.01 3.53
CA ALA A 566 5.80 -19.03 3.91
C ALA A 566 5.08 -18.66 5.20
N VAL A 567 5.79 -18.00 6.12
CA VAL A 567 5.14 -17.50 7.33
C VAL A 567 4.08 -16.48 6.97
N MET A 568 4.40 -15.57 6.05
CA MET A 568 3.40 -14.61 5.59
C MET A 568 2.20 -15.32 4.98
N ILE A 569 2.43 -16.35 4.18
CA ILE A 569 1.34 -17.12 3.60
C ILE A 569 0.44 -17.67 4.69
N GLU A 570 1.05 -18.27 5.72
CA GLU A 570 0.28 -18.79 6.84
C GLU A 570 -0.60 -17.71 7.47
N LYS A 571 0.00 -16.56 7.76
CA LYS A 571 -0.76 -15.50 8.44
C LYS A 571 -1.92 -15.02 7.59
N MET A 572 -1.68 -14.85 6.29
CA MET A 572 -2.75 -14.41 5.40
C MET A 572 -3.88 -15.43 5.37
N ILE A 573 -3.54 -16.70 5.25
CA ILE A 573 -4.58 -17.73 5.27
C ILE A 573 -5.39 -17.61 6.54
N LEU A 574 -4.72 -17.48 7.68
CA LEU A 574 -5.42 -17.53 8.95
C LEU A 574 -6.37 -16.36 9.10
N ARG A 575 -5.95 -15.17 8.69
CA ARG A 575 -6.75 -13.97 8.94
C ARG A 575 -7.62 -13.56 7.75
N ASP A 576 -6.96 -13.19 6.64
CA ASP A 576 -7.65 -12.48 5.57
C ASP A 576 -8.56 -13.40 4.79
N LEU A 577 -8.07 -14.58 4.40
CA LEU A 577 -8.93 -15.53 3.71
C LEU A 577 -10.11 -15.94 4.57
N CYS A 578 -9.88 -16.20 5.84
CA CYS A 578 -10.97 -16.66 6.69
C CYS A 578 -12.10 -15.64 6.71
N ARG A 579 -11.76 -14.39 6.99
CA ARG A 579 -12.80 -13.35 7.03
C ARG A 579 -13.47 -13.19 5.66
N PHE A 580 -12.67 -13.05 4.62
CA PHE A 580 -13.20 -12.83 3.28
C PHE A 580 -14.11 -13.97 2.88
N MET A 581 -13.75 -15.20 3.20
CA MET A 581 -14.50 -16.34 2.71
C MET A 581 -15.79 -16.51 3.49
N PHE A 582 -15.78 -16.21 4.79
CA PHE A 582 -17.05 -16.11 5.49
C PHE A 582 -18.01 -15.23 4.73
N VAL A 583 -17.62 -13.97 4.54
CA VAL A 583 -18.53 -12.99 3.95
C VAL A 583 -18.92 -13.39 2.54
N TYR A 584 -17.94 -13.81 1.74
CA TYR A 584 -18.19 -14.16 0.35
C TYR A 584 -19.15 -15.32 0.24
N LEU A 585 -19.03 -16.32 1.10
CA LEU A 585 -19.93 -17.46 1.04
C LEU A 585 -21.33 -17.06 1.44
N VAL A 586 -21.47 -16.19 2.43
CA VAL A 586 -22.79 -15.67 2.78
C VAL A 586 -23.44 -15.05 1.56
N PHE A 587 -22.74 -14.13 0.91
CA PHE A 587 -23.31 -13.41 -0.23
C PHE A 587 -23.62 -14.36 -1.38
N LEU A 588 -22.69 -15.25 -1.69
CA LEU A 588 -22.88 -16.20 -2.79
C LEU A 588 -24.09 -17.08 -2.56
N PHE A 589 -24.23 -17.64 -1.35
CA PHE A 589 -25.39 -18.49 -1.09
C PHE A 589 -26.69 -17.72 -1.17
N GLY A 590 -26.72 -16.51 -0.62
CA GLY A 590 -27.95 -15.73 -0.70
C GLY A 590 -28.37 -15.45 -2.13
N PHE A 591 -27.44 -14.92 -2.93
CA PHE A 591 -27.80 -14.59 -4.30
C PHE A 591 -28.09 -15.82 -5.14
N SER A 592 -27.43 -16.95 -4.83
CA SER A 592 -27.71 -18.18 -5.55
C SER A 592 -29.10 -18.70 -5.24
N THR A 593 -29.52 -18.64 -3.98
CA THR A 593 -30.88 -19.03 -3.64
C THR A 593 -31.88 -18.14 -4.36
N ALA A 594 -31.65 -16.83 -4.35
CA ALA A 594 -32.56 -15.93 -5.03
C ALA A 594 -32.67 -16.26 -6.52
N VAL A 595 -31.52 -16.42 -7.18
CA VAL A 595 -31.52 -16.70 -8.61
C VAL A 595 -32.18 -18.04 -8.91
N VAL A 596 -31.92 -19.05 -8.11
CA VAL A 596 -32.50 -20.37 -8.35
C VAL A 596 -34.00 -20.34 -8.17
N THR A 597 -34.48 -19.64 -7.14
CA THR A 597 -35.91 -19.47 -6.96
C THR A 597 -36.55 -18.77 -8.15
N LEU A 598 -35.92 -17.69 -8.64
CA LEU A 598 -36.48 -17.00 -9.79
C LEU A 598 -36.61 -17.94 -10.99
N ILE A 599 -35.64 -18.83 -11.18
CA ILE A 599 -35.62 -19.71 -12.34
C ILE A 599 -36.78 -20.69 -12.27
N GLU A 600 -37.41 -20.91 -13.41
CA GLU A 600 -38.57 -21.79 -13.54
C GLU A 600 -38.21 -23.12 -14.21
N ASP A 601 -37.44 -23.06 -15.28
CA ASP A 601 -37.05 -24.23 -16.07
C ASP A 601 -38.29 -24.97 -16.59
N GLY A 602 -39.07 -24.23 -17.38
CA GLY A 602 -40.27 -24.73 -18.01
C GLY A 602 -40.20 -24.55 -19.52
N ASN A 625 -28.00 -26.96 -19.65
CA ASN A 625 -29.44 -27.01 -19.45
C ASN A 625 -29.73 -27.33 -17.99
N SER A 626 -31.01 -27.28 -17.64
CA SER A 626 -31.47 -27.57 -16.29
C SER A 626 -30.63 -26.85 -15.25
N TYR A 627 -30.66 -25.53 -15.30
CA TYR A 627 -29.97 -24.71 -14.30
C TYR A 627 -30.76 -24.59 -13.04
N ASN A 628 -31.87 -25.30 -12.92
CA ASN A 628 -32.73 -25.17 -11.73
C ASN A 628 -32.16 -26.05 -10.62
N SER A 629 -30.87 -25.88 -10.34
CA SER A 629 -30.19 -26.57 -9.26
C SER A 629 -29.37 -25.57 -8.48
N LEU A 630 -29.27 -25.78 -7.17
CA LEU A 630 -28.53 -24.87 -6.32
C LEU A 630 -27.03 -24.97 -6.60
N TYR A 631 -26.53 -26.19 -6.81
CA TYR A 631 -25.12 -26.38 -7.06
C TYR A 631 -24.69 -25.70 -8.35
N SER A 632 -25.46 -25.91 -9.42
CA SER A 632 -25.13 -25.31 -10.71
C SER A 632 -25.11 -23.78 -10.63
N THR A 633 -26.11 -23.21 -9.98
CA THR A 633 -26.18 -21.75 -9.88
C THR A 633 -25.07 -21.19 -9.02
N CYS A 634 -24.74 -21.87 -7.91
CA CYS A 634 -23.63 -21.42 -7.09
C CYS A 634 -22.33 -21.46 -7.88
N LEU A 635 -22.14 -22.51 -8.68
CA LEU A 635 -20.94 -22.61 -9.50
C LEU A 635 -20.88 -21.51 -10.55
N GLU A 636 -22.00 -21.26 -11.24
CA GLU A 636 -22.04 -20.23 -12.27
C GLU A 636 -21.75 -18.86 -11.69
N LEU A 637 -22.21 -18.61 -10.46
CA LEU A 637 -21.94 -17.33 -9.82
C LEU A 637 -20.51 -17.26 -9.31
N PHE A 638 -19.93 -18.38 -8.90
CA PHE A 638 -18.53 -18.40 -8.50
C PHE A 638 -17.62 -18.10 -9.69
N LYS A 639 -18.03 -18.53 -10.88
CA LYS A 639 -17.26 -18.24 -12.08
C LYS A 639 -17.01 -16.75 -12.25
N PHE A 640 -17.94 -15.90 -11.82
CA PHE A 640 -17.73 -14.46 -11.93
C PHE A 640 -16.49 -14.03 -11.18
N THR A 641 -16.05 -14.84 -10.22
CA THR A 641 -14.98 -14.44 -9.32
C THR A 641 -13.61 -14.70 -9.94
N ILE A 642 -13.53 -15.65 -10.86
CA ILE A 642 -12.29 -16.04 -11.50
C ILE A 642 -12.26 -15.49 -12.92
N GLY A 643 -13.12 -14.52 -13.19
CA GLY A 643 -13.14 -13.85 -14.47
C GLY A 643 -13.72 -14.62 -15.62
N MET A 644 -14.71 -15.47 -15.36
CA MET A 644 -15.33 -16.26 -16.43
C MET A 644 -16.84 -16.29 -16.30
N GLY A 645 -17.42 -15.20 -15.82
CA GLY A 645 -18.86 -15.16 -15.59
C GLY A 645 -19.66 -14.83 -16.84
N ASP A 646 -20.71 -15.60 -17.07
CA ASP A 646 -21.66 -15.36 -18.14
C ASP A 646 -22.89 -14.69 -17.55
N LEU A 647 -23.18 -13.48 -18.01
CA LEU A 647 -24.36 -12.75 -17.57
C LEU A 647 -25.63 -13.25 -18.22
N GLU A 648 -25.52 -14.21 -19.14
CA GLU A 648 -26.63 -14.76 -19.89
C GLU A 648 -26.59 -16.27 -19.86
N PHE A 649 -26.39 -16.85 -18.67
CA PHE A 649 -26.24 -18.28 -18.57
C PHE A 649 -27.56 -19.03 -18.53
N THR A 650 -28.69 -18.33 -18.60
CA THR A 650 -29.96 -18.99 -18.73
C THR A 650 -31.00 -17.97 -19.17
N GLU A 651 -32.08 -18.49 -19.76
CA GLU A 651 -33.20 -17.67 -20.17
C GLU A 651 -34.51 -18.20 -19.60
N ASN A 652 -34.45 -19.24 -18.76
CA ASN A 652 -35.63 -19.86 -18.17
C ASN A 652 -36.07 -19.03 -16.95
N TYR A 653 -36.60 -17.85 -17.24
CA TYR A 653 -37.15 -16.99 -16.21
C TYR A 653 -38.23 -16.13 -16.86
N ASP A 654 -39.10 -15.59 -16.01
CA ASP A 654 -40.19 -14.75 -16.47
C ASP A 654 -39.88 -13.26 -16.41
N PHE A 655 -38.97 -12.85 -15.52
CA PHE A 655 -38.62 -11.45 -15.36
C PHE A 655 -37.12 -11.31 -15.55
N LYS A 656 -36.73 -10.64 -16.64
CA LYS A 656 -35.32 -10.44 -16.96
C LYS A 656 -34.69 -9.35 -16.12
N ALA A 657 -35.43 -8.29 -15.82
CA ALA A 657 -34.87 -7.19 -15.05
C ALA A 657 -34.44 -7.65 -13.67
N VAL A 658 -35.24 -8.50 -13.04
CA VAL A 658 -34.91 -9.00 -11.71
C VAL A 658 -33.61 -9.81 -11.75
N PHE A 659 -33.51 -10.70 -12.72
CA PHE A 659 -32.32 -11.53 -12.89
C PHE A 659 -31.07 -10.69 -13.10
N ILE A 660 -31.16 -9.73 -14.03
CA ILE A 660 -30.04 -8.86 -14.33
C ILE A 660 -29.64 -8.05 -13.11
N ILE A 661 -30.62 -7.48 -12.41
CA ILE A 661 -30.33 -6.66 -11.23
C ILE A 661 -29.63 -7.48 -10.17
N LEU A 662 -30.11 -8.70 -9.91
CA LEU A 662 -29.50 -9.55 -8.91
C LEU A 662 -28.05 -9.85 -9.28
N LEU A 663 -27.82 -10.20 -10.55
CA LEU A 663 -26.47 -10.53 -10.96
C LEU A 663 -25.53 -9.34 -10.82
N LEU A 664 -25.99 -8.15 -11.19
CA LEU A 664 -25.10 -7.00 -11.13
C LEU A 664 -24.84 -6.59 -9.69
N ALA A 665 -25.84 -6.72 -8.81
CA ALA A 665 -25.60 -6.49 -7.40
C ALA A 665 -24.55 -7.45 -6.86
N TYR A 666 -24.66 -8.72 -7.22
CA TYR A 666 -23.66 -9.70 -6.80
C TYR A 666 -22.27 -9.33 -7.31
N VAL A 667 -22.18 -8.95 -8.59
CA VAL A 667 -20.89 -8.62 -9.18
C VAL A 667 -20.27 -7.42 -8.47
N ILE A 668 -21.06 -6.38 -8.25
CA ILE A 668 -20.55 -5.17 -7.62
C ILE A 668 -20.11 -5.46 -6.19
N LEU A 669 -20.85 -6.31 -5.49
CA LEU A 669 -20.58 -6.52 -4.08
C LEU A 669 -19.38 -7.43 -3.87
N THR A 670 -19.20 -8.44 -4.72
CA THR A 670 -18.11 -9.39 -4.57
C THR A 670 -16.88 -9.06 -5.40
N TYR A 671 -17.04 -8.76 -6.68
CA TYR A 671 -15.91 -8.64 -7.59
C TYR A 671 -15.24 -7.29 -7.49
N ILE A 672 -16.02 -6.22 -7.35
CA ILE A 672 -15.48 -4.87 -7.39
C ILE A 672 -15.15 -4.34 -6.01
N LEU A 673 -15.80 -4.84 -4.97
CA LEU A 673 -15.59 -4.40 -3.61
C LEU A 673 -14.78 -5.39 -2.77
N LEU A 674 -15.23 -6.64 -2.69
CA LEU A 674 -14.64 -7.56 -1.72
C LEU A 674 -13.24 -8.00 -2.11
N LEU A 675 -13.01 -8.32 -3.37
CA LEU A 675 -11.71 -8.81 -3.80
C LEU A 675 -10.63 -7.74 -3.69
N ASN A 676 -10.92 -6.54 -4.21
CA ASN A 676 -9.96 -5.45 -4.12
C ASN A 676 -9.75 -5.01 -2.67
N MET A 677 -10.83 -5.04 -1.90
CA MET A 677 -10.75 -4.85 -0.45
C MET A 677 -9.79 -5.86 0.18
N LEU A 678 -9.86 -7.11 -0.26
CA LEU A 678 -8.96 -8.13 0.24
C LEU A 678 -7.52 -7.81 -0.09
N ILE A 679 -7.27 -7.37 -1.32
CA ILE A 679 -5.91 -6.99 -1.71
C ILE A 679 -5.39 -5.89 -0.79
N ALA A 680 -6.23 -4.89 -0.53
CA ALA A 680 -5.85 -3.81 0.39
C ALA A 680 -5.50 -4.34 1.77
N LEU A 681 -6.33 -5.24 2.30
CA LEU A 681 -6.07 -5.77 3.63
C LEU A 681 -4.78 -6.57 3.67
N MET A 682 -4.52 -7.35 2.63
CA MET A 682 -3.25 -8.06 2.52
C MET A 682 -2.09 -7.08 2.57
N GLY A 683 -2.20 -5.96 1.87
CA GLY A 683 -1.14 -4.97 1.92
C GLY A 683 -0.89 -4.44 3.32
N GLU A 684 -1.97 -4.12 4.03
CA GLU A 684 -1.82 -3.65 5.41
C GLU A 684 -1.14 -4.70 6.28
N THR A 685 -1.59 -5.95 6.17
CA THR A 685 -1.01 -7.03 6.96
C THR A 685 0.47 -7.20 6.66
N VAL A 686 0.83 -7.18 5.38
CA VAL A 686 2.23 -7.29 4.99
C VAL A 686 3.04 -6.18 5.63
N ASN A 687 2.55 -4.95 5.54
CA ASN A 687 3.24 -3.84 6.19
C ASN A 687 3.38 -4.07 7.68
N LYS A 688 2.47 -4.85 8.26
CA LYS A 688 2.46 -5.01 9.70
C LYS A 688 3.35 -6.14 10.22
N ILE A 689 3.54 -7.21 9.45
CA ILE A 689 4.11 -8.44 10.01
C ILE A 689 5.52 -8.69 9.51
N ALA A 690 6.27 -7.63 9.23
CA ALA A 690 7.60 -7.78 8.68
C ALA A 690 8.54 -8.50 9.65
N GLN A 691 8.49 -8.13 10.94
CA GLN A 691 9.44 -8.66 11.91
C GLN A 691 8.93 -9.91 12.61
N GLU A 692 7.62 -9.95 12.88
CA GLU A 692 7.03 -11.15 13.46
C GLU A 692 7.28 -12.37 12.61
N SER A 693 7.25 -12.22 11.28
CA SER A 693 7.49 -13.36 10.41
C SER A 693 8.91 -13.88 10.55
N LYS A 694 9.88 -12.98 10.64
CA LYS A 694 11.26 -13.39 10.84
C LYS A 694 11.43 -14.12 12.17
N ASN A 695 10.81 -13.60 13.22
CA ASN A 695 10.93 -14.24 14.52
C ASN A 695 10.29 -15.62 14.53
N ILE A 696 9.12 -15.75 13.88
CA ILE A 696 8.47 -17.05 13.80
C ILE A 696 9.31 -18.02 12.98
N TRP A 697 9.95 -17.54 11.93
CA TRP A 697 10.85 -18.41 11.18
C TRP A 697 12.00 -18.89 12.05
N LYS A 698 12.56 -18.00 12.87
CA LYS A 698 13.64 -18.39 13.75
C LYS A 698 13.18 -19.47 14.73
N LEU A 699 11.97 -19.32 15.27
CA LEU A 699 11.40 -20.39 16.09
C LEU A 699 11.27 -21.70 15.35
N GLN A 700 10.75 -21.66 14.12
CA GLN A 700 10.55 -22.89 13.37
C GLN A 700 11.87 -23.60 13.15
N ARG A 701 12.89 -22.84 12.79
CA ARG A 701 14.22 -23.42 12.61
C ARG A 701 14.78 -23.96 13.92
N ALA A 702 14.54 -23.26 15.04
CA ALA A 702 15.01 -23.75 16.33
C ALA A 702 14.37 -25.09 16.68
N ILE A 703 13.07 -25.21 16.46
CA ILE A 703 12.38 -26.46 16.71
C ILE A 703 12.96 -27.57 15.84
N THR A 704 13.21 -27.25 14.57
CA THR A 704 13.83 -28.23 13.68
C THR A 704 15.17 -28.68 14.23
N ILE A 705 15.97 -27.73 14.71
CA ILE A 705 17.29 -28.05 15.24
C ILE A 705 17.17 -28.99 16.43
N LEU A 706 16.29 -28.65 17.37
CA LEU A 706 16.14 -29.47 18.57
C LEU A 706 15.66 -30.86 18.23
N ASP A 707 14.64 -30.97 17.37
CA ASP A 707 14.12 -32.28 17.00
C ASP A 707 15.20 -33.13 16.34
N THR A 708 15.94 -32.56 15.38
CA THR A 708 17.02 -33.30 14.74
C THR A 708 18.06 -33.74 15.76
N GLU A 709 18.43 -32.84 16.66
CA GLU A 709 19.49 -33.15 17.62
C GLU A 709 19.06 -34.28 18.55
N LYS A 710 17.76 -34.33 18.89
CA LYS A 710 17.25 -35.43 19.67
C LYS A 710 17.27 -36.73 18.89
N SER A 711 16.85 -36.69 17.62
CA SER A 711 16.73 -37.93 16.85
C SER A 711 18.07 -38.63 16.71
N PHE A 712 19.14 -37.88 16.49
CA PHE A 712 20.46 -38.42 16.20
C PHE A 712 21.32 -38.57 17.46
N LEU A 713 20.68 -38.84 18.60
CA LEU A 713 21.45 -39.13 19.81
C LEU A 713 22.30 -40.37 19.63
N LYS A 714 21.74 -41.41 19.01
CA LYS A 714 22.49 -42.65 18.82
C LYS A 714 23.74 -42.43 17.97
N CYS A 715 23.59 -41.72 16.85
CA CYS A 715 24.73 -41.46 15.98
C CYS A 715 25.80 -40.66 16.72
N MET A 716 25.38 -39.66 17.49
CA MET A 716 26.32 -38.83 18.24
C MET A 716 25.60 -38.30 19.47
N ARG A 717 25.83 -38.93 20.62
CA ARG A 717 25.17 -38.49 21.84
C ARG A 717 25.70 -37.15 22.31
N LYS A 718 27.03 -37.00 22.36
CA LYS A 718 27.65 -35.76 22.81
C LYS A 718 28.85 -35.36 21.96
N ALA A 719 29.05 -35.99 20.79
CA ALA A 719 30.15 -35.58 19.93
C ALA A 719 29.95 -34.16 19.44
N PHE A 720 28.72 -33.81 19.05
CA PHE A 720 28.39 -32.46 18.61
C PHE A 720 27.77 -31.71 19.79
N ARG A 721 28.64 -31.19 20.66
CA ARG A 721 28.25 -30.38 21.79
C ARG A 721 28.81 -28.97 21.60
N SER A 722 28.03 -27.97 21.99
CA SER A 722 28.37 -26.59 21.68
C SER A 722 29.24 -25.98 22.78
N GLY A 723 30.06 -25.02 22.38
CA GLY A 723 31.01 -24.40 23.29
C GLY A 723 32.14 -25.35 23.61
N LYS A 724 33.03 -24.90 24.48
CA LYS A 724 34.11 -25.76 24.93
C LYS A 724 34.34 -25.57 26.42
N LEU A 725 34.95 -26.59 27.03
CA LEU A 725 35.26 -26.57 28.45
C LEU A 725 36.47 -25.68 28.69
N LEU A 726 36.29 -24.64 29.48
CA LEU A 726 37.36 -23.69 29.75
C LEU A 726 37.41 -23.39 31.23
N GLN A 727 38.62 -23.09 31.70
CA GLN A 727 38.82 -22.63 33.07
C GLN A 727 38.57 -21.13 33.11
N VAL A 728 37.70 -20.73 34.02
CA VAL A 728 37.23 -19.35 34.11
C VAL A 728 37.89 -18.63 35.27
N GLY A 729 38.04 -19.32 36.39
CA GLY A 729 38.59 -18.71 37.57
C GLY A 729 38.72 -19.73 38.69
N PHE A 730 38.49 -19.29 39.93
CA PHE A 730 38.61 -20.15 41.09
C PHE A 730 37.38 -19.98 41.97
N THR A 731 36.81 -21.09 42.39
CA THR A 731 35.71 -21.06 43.32
C THR A 731 36.20 -20.54 44.68
N PRO A 732 35.32 -19.92 45.46
CA PRO A 732 35.75 -19.43 46.78
C PRO A 732 36.35 -20.51 47.65
N ASP A 733 36.00 -21.78 47.41
CA ASP A 733 36.65 -22.89 48.09
C ASP A 733 38.10 -23.06 47.67
N GLY A 734 38.55 -22.37 46.61
CA GLY A 734 39.92 -22.44 46.16
C GLY A 734 40.15 -23.37 44.99
N LYS A 735 39.18 -24.22 44.65
CA LYS A 735 39.33 -25.11 43.52
C LYS A 735 39.19 -24.34 42.21
N ASP A 736 39.51 -25.01 41.11
CA ASP A 736 39.34 -24.41 39.80
C ASP A 736 37.85 -24.33 39.44
N ASP A 737 37.53 -23.41 38.54
CA ASP A 737 36.19 -23.25 38.00
C ASP A 737 36.23 -23.61 36.52
N TYR A 738 35.62 -24.73 36.16
CA TYR A 738 35.58 -25.21 34.79
C TYR A 738 34.14 -25.18 34.30
N ARG A 739 33.91 -24.51 33.17
CA ARG A 739 32.56 -24.39 32.63
C ARG A 739 32.56 -24.58 31.13
N TRP A 740 31.42 -25.03 30.61
CA TRP A 740 31.20 -25.16 29.17
C TRP A 740 30.79 -23.81 28.62
N CYS A 741 31.78 -23.03 28.19
CA CYS A 741 31.54 -21.66 27.80
C CYS A 741 31.43 -21.54 26.28
N PHE A 742 30.77 -20.46 25.85
CA PHE A 742 30.56 -20.16 24.43
C PHE A 742 31.14 -18.77 24.16
N ARG A 743 32.33 -18.74 23.56
CA ARG A 743 33.02 -17.48 23.37
C ARG A 743 32.35 -16.64 22.29
N VAL A 744 32.45 -15.33 22.46
CA VAL A 744 31.97 -14.33 21.50
C VAL A 744 33.02 -13.24 21.39
N ASP A 745 33.16 -12.68 20.21
CA ASP A 745 34.08 -11.57 19.97
C ASP A 745 33.27 -10.31 19.65
N GLU A 746 33.57 -9.21 20.33
CA GLU A 746 32.87 -7.95 20.13
C GLU A 746 33.86 -6.80 20.20
N VAL A 747 33.76 -5.88 19.24
CA VAL A 747 34.67 -4.74 19.14
C VAL A 747 33.89 -3.48 19.49
N ASN A 748 34.40 -2.70 20.43
CA ASN A 748 33.78 -1.45 20.86
C ASN A 748 34.82 -0.34 20.76
N TRP A 749 34.55 0.63 19.88
CA TRP A 749 35.48 1.74 19.70
C TRP A 749 35.28 2.81 20.76
N THR A 750 34.05 2.96 21.25
CA THR A 750 33.75 4.04 22.19
C THR A 750 34.51 3.86 23.50
N THR A 751 34.49 2.65 24.06
CA THR A 751 35.08 2.45 25.38
C THR A 751 36.59 2.67 25.36
N TRP A 752 37.28 2.07 24.42
CA TRP A 752 38.74 2.15 24.36
C TRP A 752 39.38 1.64 25.65
N ILE B 277 16.45 56.78 -2.17
CA ILE B 277 15.75 55.55 -1.80
C ILE B 277 14.82 55.13 -2.94
N SER B 278 14.38 56.09 -3.74
CA SER B 278 13.50 55.83 -4.87
C SER B 278 14.28 55.60 -6.16
N ALA B 279 15.61 55.54 -6.09
CA ALA B 279 16.41 55.39 -7.29
C ALA B 279 16.14 54.04 -7.96
N ARG B 280 16.21 54.03 -9.29
CA ARG B 280 15.94 52.84 -10.08
C ARG B 280 17.17 52.47 -10.89
N ASP B 281 17.37 51.16 -11.06
CA ASP B 281 18.51 50.64 -11.80
C ASP B 281 18.17 50.56 -13.28
N SER B 282 19.03 49.87 -14.06
CA SER B 282 18.81 49.80 -15.50
C SER B 282 17.49 49.10 -15.82
N VAL B 283 17.22 47.99 -15.15
CA VAL B 283 15.95 47.27 -15.34
C VAL B 283 14.78 47.99 -14.67
N GLY B 284 15.05 48.97 -13.81
CA GLY B 284 14.00 49.67 -13.10
C GLY B 284 13.76 49.16 -11.70
N ASN B 285 14.46 48.11 -11.27
CA ASN B 285 14.24 47.55 -9.94
C ASN B 285 14.71 48.52 -8.86
N THR B 286 13.90 48.64 -7.82
CA THR B 286 14.22 49.47 -6.67
C THR B 286 14.81 48.54 -5.60
N VAL B 287 15.21 49.08 -4.45
CA VAL B 287 15.79 48.25 -3.41
C VAL B 287 14.81 47.16 -2.98
N LEU B 288 13.52 47.50 -2.90
CA LEU B 288 12.53 46.48 -2.59
C LEU B 288 12.47 45.41 -3.67
N HIS B 289 12.42 45.83 -4.93
CA HIS B 289 12.42 44.87 -6.03
C HIS B 289 13.68 44.01 -5.97
N ALA B 290 14.82 44.60 -5.64
CA ALA B 290 16.05 43.84 -5.55
C ALA B 290 15.97 42.79 -4.45
N LEU B 291 15.52 43.18 -3.26
CA LEU B 291 15.31 42.21 -2.20
C LEU B 291 14.42 41.07 -2.67
N VAL B 292 13.32 41.41 -3.35
CA VAL B 292 12.39 40.38 -3.80
C VAL B 292 13.09 39.42 -4.75
N GLU B 293 13.86 39.97 -5.70
CA GLU B 293 14.57 39.11 -6.66
C GLU B 293 15.62 38.26 -5.96
N VAL B 294 16.08 38.70 -4.78
CA VAL B 294 17.10 37.95 -4.06
C VAL B 294 16.53 36.67 -3.48
N ALA B 295 15.33 36.73 -2.91
CA ALA B 295 14.83 35.65 -2.07
C ALA B 295 14.75 34.34 -2.83
N ASP B 296 15.11 33.25 -2.14
CA ASP B 296 15.03 31.90 -2.68
C ASP B 296 14.09 31.02 -1.88
N ASN B 297 13.34 31.59 -0.94
CA ASN B 297 12.34 30.90 -0.13
C ASN B 297 12.97 30.00 0.94
N THR B 298 14.25 30.17 1.23
CA THR B 298 14.85 29.51 2.37
C THR B 298 14.45 30.22 3.66
N VAL B 299 14.38 29.45 4.75
CA VAL B 299 13.91 29.99 6.02
C VAL B 299 14.78 31.16 6.46
N ASP B 300 16.10 30.97 6.49
CA ASP B 300 17.00 32.05 6.88
C ASP B 300 16.90 33.21 5.90
N ASN B 301 16.91 32.92 4.61
CA ASN B 301 16.76 33.96 3.61
C ASN B 301 15.43 34.68 3.77
N THR B 302 14.36 33.94 4.01
CA THR B 302 13.05 34.57 4.17
C THR B 302 13.03 35.52 5.36
N LYS B 303 13.53 35.06 6.51
CA LYS B 303 13.53 35.91 7.69
C LYS B 303 14.38 37.15 7.46
N PHE B 304 15.57 36.98 6.88
CA PHE B 304 16.46 38.11 6.70
C PHE B 304 15.87 39.11 5.71
N VAL B 305 15.27 38.64 4.62
CA VAL B 305 14.71 39.56 3.63
C VAL B 305 13.50 40.27 4.19
N THR B 306 12.66 39.57 4.95
CA THR B 306 11.52 40.23 5.56
C THR B 306 11.97 41.32 6.52
N SER B 307 12.98 41.02 7.34
CA SER B 307 13.48 42.03 8.28
C SER B 307 14.03 43.23 7.53
N MET B 308 14.78 42.99 6.46
CA MET B 308 15.38 44.09 5.72
C MET B 308 14.32 44.92 5.03
N TYR B 309 13.30 44.26 4.47
CA TYR B 309 12.19 44.98 3.86
C TYR B 309 11.48 45.86 4.87
N ASN B 310 11.22 45.33 6.06
CA ASN B 310 10.54 46.11 7.09
C ASN B 310 11.39 47.30 7.52
N GLU B 311 12.69 47.07 7.72
CA GLU B 311 13.58 48.17 8.13
C GLU B 311 13.64 49.24 7.06
N ILE B 312 13.81 48.85 5.81
CA ILE B 312 13.90 49.83 4.73
C ILE B 312 12.59 50.60 4.60
N LEU B 313 11.46 49.91 4.73
CA LEU B 313 10.17 50.58 4.61
C LEU B 313 9.98 51.60 5.72
N ILE B 314 10.29 51.21 6.96
CA ILE B 314 10.13 52.13 8.08
C ILE B 314 11.05 53.33 7.94
N LEU B 315 12.32 53.07 7.56
CA LEU B 315 13.26 54.17 7.40
C LEU B 315 12.80 55.13 6.30
N GLY B 316 12.31 54.59 5.20
CA GLY B 316 11.83 55.45 4.12
C GLY B 316 10.62 56.26 4.53
N ALA B 317 9.69 55.64 5.26
CA ALA B 317 8.53 56.38 5.74
C ALA B 317 8.95 57.51 6.67
N LYS B 318 9.93 57.24 7.55
CA LYS B 318 10.45 58.28 8.43
C LYS B 318 11.08 59.40 7.62
N LEU B 319 11.84 59.05 6.58
CA LEU B 319 12.54 60.06 5.79
C LEU B 319 11.58 60.81 4.87
N HIS B 320 10.73 60.09 4.14
CA HIS B 320 9.86 60.67 3.12
C HIS B 320 8.43 60.19 3.35
N PRO B 321 7.72 60.77 4.31
CA PRO B 321 6.32 60.36 4.51
C PRO B 321 5.45 60.53 3.28
N THR B 322 5.66 61.59 2.52
CA THR B 322 4.77 61.88 1.39
C THR B 322 4.89 60.83 0.30
N LEU B 323 6.12 60.43 -0.03
CA LEU B 323 6.33 59.50 -1.12
C LEU B 323 5.82 58.10 -0.76
N LYS B 324 5.40 57.36 -1.79
CA LYS B 324 5.00 55.97 -1.65
C LYS B 324 6.04 55.08 -2.33
N LEU B 325 6.59 54.15 -1.55
CA LEU B 325 7.69 53.32 -2.02
C LEU B 325 7.20 52.04 -2.70
N GLU B 326 6.08 51.49 -2.23
CA GLU B 326 5.53 50.28 -2.85
C GLU B 326 4.85 50.59 -4.18
N GLU B 327 4.34 51.80 -4.34
CA GLU B 327 3.65 52.16 -5.59
C GLU B 327 4.63 52.17 -6.75
N ILE B 328 5.90 52.48 -6.49
CA ILE B 328 6.89 52.52 -7.56
C ILE B 328 6.93 51.17 -8.26
N THR B 329 7.04 51.22 -9.59
CA THR B 329 7.03 50.03 -10.42
C THR B 329 8.29 49.96 -11.25
N ASN B 330 8.69 48.74 -11.58
CA ASN B 330 9.85 48.52 -12.43
C ASN B 330 9.46 48.76 -13.89
N ARG B 331 10.43 48.57 -14.80
CA ARG B 331 10.17 48.79 -16.21
C ARG B 331 9.03 47.91 -16.70
N LYS B 332 8.91 46.70 -16.15
CA LYS B 332 7.85 45.78 -16.57
C LYS B 332 6.48 46.17 -16.03
N GLY B 333 6.41 47.13 -15.10
CA GLY B 333 5.16 47.50 -14.48
C GLY B 333 4.75 46.69 -13.29
N LEU B 334 5.64 45.86 -12.75
CA LEU B 334 5.33 44.98 -11.63
C LEU B 334 5.82 45.61 -10.33
N THR B 335 4.94 45.67 -9.35
CA THR B 335 5.29 46.14 -8.02
C THR B 335 5.96 45.02 -7.24
N PRO B 336 6.59 45.34 -6.11
CA PRO B 336 7.25 44.28 -5.32
C PRO B 336 6.30 43.16 -4.96
N LEU B 337 5.05 43.49 -4.63
CA LEU B 337 4.09 42.45 -4.28
C LEU B 337 3.76 41.59 -5.49
N ALA B 338 3.45 42.23 -6.63
CA ALA B 338 3.17 41.47 -7.83
C ALA B 338 4.40 40.73 -8.31
N LEU B 339 5.58 41.31 -8.13
CA LEU B 339 6.82 40.63 -8.51
C LEU B 339 7.00 39.36 -7.70
N ALA B 340 6.79 39.44 -6.38
CA ALA B 340 6.91 38.27 -5.53
C ALA B 340 5.88 37.22 -5.92
N ALA B 341 4.65 37.65 -6.18
CA ALA B 341 3.61 36.70 -6.57
C ALA B 341 3.97 36.00 -7.87
N SER B 342 4.40 36.75 -8.87
CA SER B 342 4.76 36.16 -10.15
C SER B 342 5.94 35.22 -10.03
N SER B 343 6.95 35.60 -9.24
CA SER B 343 8.19 34.83 -9.16
C SER B 343 8.09 33.62 -8.25
N GLY B 344 7.00 33.47 -7.50
CA GLY B 344 6.85 32.32 -6.64
C GLY B 344 7.45 32.44 -5.27
N LYS B 345 7.69 33.66 -4.79
CA LYS B 345 8.32 33.87 -3.49
C LYS B 345 7.21 33.92 -2.44
N ILE B 346 6.86 32.74 -1.92
CA ILE B 346 5.73 32.63 -1.01
C ILE B 346 6.03 33.31 0.32
N GLY B 347 7.29 33.24 0.77
CA GLY B 347 7.62 33.84 2.06
C GLY B 347 7.44 35.35 2.06
N VAL B 348 7.98 36.03 1.05
CA VAL B 348 7.85 37.48 0.97
C VAL B 348 6.40 37.87 0.78
N LEU B 349 5.69 37.15 -0.09
CA LEU B 349 4.29 37.44 -0.30
C LEU B 349 3.49 37.32 0.99
N ALA B 350 3.72 36.24 1.74
CA ALA B 350 3.02 36.05 3.00
C ALA B 350 3.35 37.16 3.99
N TYR B 351 4.62 37.56 4.04
CA TYR B 351 5.00 38.66 4.92
C TYR B 351 4.25 39.93 4.56
N ILE B 352 4.20 40.26 3.26
CA ILE B 352 3.59 41.53 2.85
C ILE B 352 2.11 41.52 3.14
N LEU B 353 1.41 40.44 2.75
CA LEU B 353 -0.04 40.42 2.88
C LEU B 353 -0.47 40.57 4.33
N GLN B 354 0.31 40.02 5.25
CA GLN B 354 -0.01 40.03 6.68
C GLN B 354 0.86 40.98 7.48
N ARG B 355 1.43 42.01 6.85
CA ARG B 355 2.30 42.94 7.56
C ARG B 355 1.51 43.76 8.57
N GLU B 356 2.04 43.83 9.78
CA GLU B 356 1.48 44.67 10.84
C GLU B 356 2.61 45.50 11.45
N ILE B 357 2.37 46.80 11.60
CA ILE B 357 3.36 47.73 12.12
C ILE B 357 2.70 48.54 13.23
N HIS B 358 3.07 48.27 14.47
CA HIS B 358 2.46 48.88 15.64
C HIS B 358 3.09 50.21 16.02
N GLU B 359 4.03 50.72 15.25
CA GLU B 359 4.68 51.98 15.59
C GLU B 359 3.70 53.13 15.41
N PRO B 360 3.45 53.94 16.45
CA PRO B 360 2.51 55.06 16.27
C PRO B 360 2.92 56.00 15.15
N GLU B 361 4.22 56.22 14.97
CA GLU B 361 4.67 57.16 13.95
C GLU B 361 4.24 56.73 12.56
N CYS B 362 4.33 55.43 12.26
CA CYS B 362 3.99 54.90 10.95
C CYS B 362 3.19 53.60 11.14
N ARG B 363 1.87 53.75 11.20
CA ARG B 363 0.94 52.62 11.17
C ARG B 363 0.30 52.45 9.80
N HIS B 364 0.35 53.48 8.95
CA HIS B 364 -0.29 53.41 7.64
C HIS B 364 0.36 52.35 6.76
N LEU B 365 1.59 51.96 7.07
CA LEU B 365 2.31 51.04 6.17
C LEU B 365 1.81 49.62 6.33
N SER B 366 1.14 49.33 7.45
CA SER B 366 0.67 47.98 7.70
C SER B 366 -0.57 47.66 6.87
N ARG B 367 -0.74 46.37 6.58
CA ARG B 367 -1.85 45.87 5.79
C ARG B 367 -2.89 45.13 6.63
N LYS B 368 -2.53 44.73 7.86
CA LYS B 368 -3.44 43.98 8.72
C LYS B 368 -3.67 44.70 10.04
N PHE B 369 -4.94 44.78 10.40
CA PHE B 369 -5.49 45.62 11.46
C PHE B 369 -6.41 44.79 12.35
N THR B 370 -6.54 45.21 13.61
CA THR B 370 -7.50 44.63 14.53
C THR B 370 -8.60 45.66 14.79
N GLU B 371 -9.79 45.40 14.25
CA GLU B 371 -10.91 46.34 14.42
C GLU B 371 -11.31 46.43 15.88
N TRP B 372 -11.42 45.29 16.56
CA TRP B 372 -11.76 45.27 17.98
C TRP B 372 -11.44 43.90 18.55
N ALA B 373 -11.49 43.84 19.89
CA ALA B 373 -11.30 42.60 20.61
C ALA B 373 -12.26 42.58 21.80
N TYR B 374 -13.05 41.51 21.89
CA TYR B 374 -13.99 41.33 22.99
C TYR B 374 -13.49 40.33 24.02
N GLY B 375 -12.17 40.23 24.19
CA GLY B 375 -11.59 39.27 25.10
C GLY B 375 -10.99 38.10 24.36
N PRO B 376 -11.65 36.93 24.41
CA PRO B 376 -11.17 35.81 23.59
C PRO B 376 -11.27 36.11 22.10
N VAL B 377 -12.30 36.86 21.70
CA VAL B 377 -12.56 37.12 20.30
C VAL B 377 -11.71 38.29 19.81
N HIS B 378 -11.44 38.30 18.51
CA HIS B 378 -10.74 39.41 17.86
C HIS B 378 -11.27 39.51 16.44
N SER B 379 -11.30 40.73 15.92
CA SER B 379 -11.73 40.97 14.54
C SER B 379 -10.61 41.71 13.82
N SER B 380 -10.14 41.13 12.73
CA SER B 380 -9.04 41.67 11.96
C SER B 380 -9.53 42.11 10.59
N LEU B 381 -8.78 43.03 9.98
CA LEU B 381 -9.10 43.55 8.66
C LEU B 381 -7.89 43.44 7.73
N TYR B 382 -8.15 42.97 6.52
CA TYR B 382 -7.15 42.89 5.47
C TYR B 382 -7.47 43.89 4.37
N ASP B 383 -6.43 44.30 3.64
CA ASP B 383 -6.49 45.55 2.88
C ASP B 383 -7.11 45.36 1.51
N LEU B 384 -6.64 44.37 0.75
CA LEU B 384 -7.17 44.10 -0.60
C LEU B 384 -6.89 45.24 -1.56
N SER B 385 -5.79 45.98 -1.36
CA SER B 385 -5.52 47.13 -2.20
C SER B 385 -5.31 46.72 -3.66
N CYS B 386 -4.40 45.78 -3.90
CA CYS B 386 -4.29 45.08 -5.16
C CYS B 386 -4.31 43.57 -5.06
N ILE B 387 -5.13 43.00 -4.19
CA ILE B 387 -5.34 41.56 -4.21
C ILE B 387 -6.41 41.18 -5.21
N ASP B 388 -7.48 41.97 -5.32
CA ASP B 388 -8.64 41.60 -6.11
C ASP B 388 -8.87 42.46 -7.35
N THR B 389 -9.00 43.77 -7.20
CA THR B 389 -9.48 44.63 -8.27
C THR B 389 -8.39 45.49 -8.91
N CYS B 390 -7.12 45.19 -8.65
CA CYS B 390 -6.06 46.08 -9.12
C CYS B 390 -6.05 46.07 -10.64
N GLU B 391 -5.96 47.26 -11.23
CA GLU B 391 -6.34 47.41 -12.65
C GLU B 391 -5.47 46.55 -13.56
N LYS B 392 -4.15 46.59 -13.37
CA LYS B 392 -3.22 45.96 -14.31
C LYS B 392 -2.84 44.55 -13.91
N ASN B 393 -2.23 44.38 -12.73
CA ASN B 393 -1.71 43.09 -12.29
C ASN B 393 -2.22 42.81 -10.88
N SER B 394 -3.40 42.22 -10.80
CA SER B 394 -3.91 41.77 -9.51
C SER B 394 -3.21 40.48 -9.10
N VAL B 395 -2.92 40.38 -7.80
CA VAL B 395 -2.13 39.26 -7.30
C VAL B 395 -2.83 37.94 -7.58
N LEU B 396 -4.14 37.87 -7.30
CA LEU B 396 -4.90 36.67 -7.60
C LEU B 396 -4.83 36.32 -9.07
N GLU B 397 -5.12 37.31 -9.92
CA GLU B 397 -5.04 37.13 -11.37
C GLU B 397 -3.66 36.63 -11.76
N VAL B 398 -2.62 37.13 -11.12
CA VAL B 398 -1.25 36.79 -11.49
C VAL B 398 -0.92 35.35 -11.10
N ILE B 399 -1.36 34.93 -9.90
CA ILE B 399 -1.05 33.59 -9.45
C ILE B 399 -1.81 32.55 -10.26
N ALA B 400 -3.12 32.77 -10.45
CA ALA B 400 -3.92 31.79 -11.17
C ALA B 400 -3.44 31.62 -12.60
N TYR B 401 -3.11 32.74 -13.26
CA TYR B 401 -2.75 32.80 -14.66
C TYR B 401 -1.27 32.53 -14.91
N SER B 402 -0.59 31.89 -13.96
CA SER B 402 0.83 31.62 -14.12
C SER B 402 1.08 30.50 -15.12
N SER B 403 2.34 30.35 -15.51
CA SER B 403 2.75 29.41 -16.55
C SER B 403 3.41 28.16 -16.00
N SER B 404 3.40 27.98 -14.68
CA SER B 404 3.96 26.82 -13.96
C SER B 404 5.47 26.87 -13.87
N GLU B 405 6.11 27.91 -14.40
CA GLU B 405 7.55 28.06 -14.20
C GLU B 405 7.86 28.26 -12.72
N THR B 406 6.96 28.89 -12.00
CA THR B 406 7.17 29.15 -10.59
C THR B 406 7.29 27.82 -9.83
N PRO B 407 8.17 27.73 -8.84
CA PRO B 407 8.31 26.45 -8.12
C PRO B 407 7.05 26.03 -7.39
N ASN B 408 6.39 26.95 -6.67
CA ASN B 408 5.22 26.64 -5.88
C ASN B 408 4.14 27.72 -6.10
N ARG B 409 3.22 27.44 -7.02
CA ARG B 409 2.04 28.27 -7.15
C ARG B 409 0.84 27.65 -6.46
N HIS B 410 0.91 26.35 -6.14
CA HIS B 410 -0.19 25.70 -5.44
C HIS B 410 -0.30 26.19 -4.01
N ASP B 411 0.84 26.39 -3.34
CA ASP B 411 0.84 26.76 -1.93
C ASP B 411 0.58 28.25 -1.74
N MET B 412 0.68 29.03 -2.81
CA MET B 412 0.54 30.48 -2.71
C MET B 412 -0.85 30.87 -2.24
N LEU B 413 -1.87 30.21 -2.77
CA LEU B 413 -3.25 30.57 -2.42
C LEU B 413 -3.59 30.20 -0.98
N LEU B 414 -2.71 29.47 -0.29
CA LEU B 414 -3.00 29.03 1.06
C LEU B 414 -2.90 30.13 2.10
N VAL B 415 -2.31 31.27 1.74
CA VAL B 415 -2.19 32.36 2.70
C VAL B 415 -3.57 32.77 3.20
N GLU B 416 -3.61 33.40 4.36
CA GLU B 416 -4.88 33.63 5.05
C GLU B 416 -5.88 34.44 4.22
N PRO B 417 -5.53 35.60 3.68
CA PRO B 417 -6.57 36.42 3.02
C PRO B 417 -7.09 35.81 1.73
N LEU B 418 -6.21 35.27 0.89
CA LEU B 418 -6.62 34.84 -0.45
C LEU B 418 -7.58 33.67 -0.39
N ASN B 419 -7.31 32.70 0.47
CA ASN B 419 -8.18 31.53 0.59
C ASN B 419 -9.60 31.94 0.95
N ARG B 420 -9.74 32.77 1.98
CA ARG B 420 -11.05 33.18 2.43
C ARG B 420 -11.74 34.08 1.42
N LEU B 421 -10.97 34.91 0.73
CA LEU B 421 -11.53 35.77 -0.30
C LEU B 421 -12.12 34.95 -1.43
N LEU B 422 -11.37 33.96 -1.90
CA LEU B 422 -11.85 33.10 -2.96
C LEU B 422 -13.08 32.32 -2.53
N GLN B 423 -13.08 31.80 -1.30
CA GLN B 423 -14.23 31.04 -0.85
C GLN B 423 -15.46 31.94 -0.74
N ASP B 424 -15.27 33.19 -0.32
CA ASP B 424 -16.39 34.12 -0.28
C ASP B 424 -16.93 34.37 -1.68
N LYS B 425 -16.05 34.57 -2.64
CA LYS B 425 -16.50 34.80 -4.01
C LYS B 425 -17.26 33.59 -4.53
N TRP B 426 -16.80 32.39 -4.17
CA TRP B 426 -17.47 31.17 -4.62
C TRP B 426 -18.85 31.04 -4.00
N ASP B 427 -18.94 31.16 -2.68
CA ASP B 427 -20.21 31.01 -1.99
C ASP B 427 -21.19 32.11 -2.32
N ARG B 428 -20.71 33.26 -2.81
CA ARG B 428 -21.63 34.38 -3.01
C ARG B 428 -22.38 34.25 -4.33
N PHE B 429 -21.67 34.22 -5.45
CA PHE B 429 -22.35 34.27 -6.74
C PHE B 429 -21.85 33.30 -7.81
N VAL B 430 -20.60 32.82 -7.72
CA VAL B 430 -20.08 32.03 -8.82
C VAL B 430 -20.60 30.60 -8.80
N LYS B 431 -20.99 30.10 -7.62
CA LYS B 431 -21.44 28.71 -7.52
C LYS B 431 -22.68 28.48 -8.36
N ARG B 432 -23.64 29.39 -8.30
CA ARG B 432 -24.86 29.24 -9.08
C ARG B 432 -24.58 29.28 -10.57
N ILE B 433 -23.67 30.17 -10.99
CA ILE B 433 -23.31 30.27 -12.39
C ILE B 433 -22.68 28.97 -12.87
N PHE B 434 -21.78 28.41 -12.06
CA PHE B 434 -21.14 27.16 -12.43
C PHE B 434 -22.16 26.04 -12.56
N TYR B 435 -23.11 25.98 -11.63
CA TYR B 435 -24.14 24.95 -11.69
C TYR B 435 -25.01 25.12 -12.94
N PHE B 436 -25.33 26.36 -13.29
CA PHE B 436 -26.11 26.62 -14.50
C PHE B 436 -25.36 26.17 -15.75
N ASN B 437 -24.07 26.47 -15.82
CA ASN B 437 -23.27 26.04 -16.97
C ASN B 437 -23.20 24.52 -17.05
N PHE B 438 -23.07 23.85 -15.91
CA PHE B 438 -23.06 22.39 -15.88
C PHE B 438 -24.38 21.83 -16.39
N PHE B 439 -25.50 22.40 -15.95
CA PHE B 439 -26.81 21.96 -16.44
C PHE B 439 -26.92 22.15 -17.95
N VAL B 440 -26.49 23.30 -18.45
CA VAL B 440 -26.59 23.57 -19.88
C VAL B 440 -25.75 22.60 -20.68
N TYR B 441 -24.52 22.32 -20.22
CA TYR B 441 -23.68 21.37 -20.93
C TYR B 441 -24.29 19.98 -20.92
N CYS B 442 -24.87 19.57 -19.79
CA CYS B 442 -25.57 18.28 -19.75
C CYS B 442 -26.68 18.22 -20.80
N LEU B 443 -27.50 19.28 -20.87
CA LEU B 443 -28.54 19.32 -21.88
C LEU B 443 -27.97 19.22 -23.29
N TYR B 444 -26.91 19.99 -23.56
CA TYR B 444 -26.29 19.96 -24.88
C TYR B 444 -25.84 18.56 -25.24
N MET B 445 -25.21 17.86 -24.29
CA MET B 445 -24.73 16.52 -24.57
C MET B 445 -25.87 15.57 -24.83
N ILE B 446 -26.98 15.72 -24.09
CA ILE B 446 -28.14 14.88 -24.31
C ILE B 446 -28.73 15.12 -25.70
N ILE B 447 -28.85 16.38 -26.10
CA ILE B 447 -29.36 16.71 -27.42
C ILE B 447 -28.48 16.09 -28.49
N PHE B 448 -27.16 16.26 -28.35
CA PHE B 448 -26.21 15.71 -29.31
C PHE B 448 -26.32 14.20 -29.39
N THR B 449 -26.40 13.53 -28.25
CA THR B 449 -26.54 12.08 -28.22
C THR B 449 -27.79 11.62 -28.94
N ALA B 450 -28.93 12.24 -28.63
CA ALA B 450 -30.18 11.85 -29.26
C ALA B 450 -30.16 12.09 -30.75
N ALA B 451 -29.63 13.23 -31.19
CA ALA B 451 -29.58 13.53 -32.60
C ALA B 451 -28.67 12.56 -33.35
N ALA B 452 -27.54 12.22 -32.76
CA ALA B 452 -26.62 11.29 -33.43
C ALA B 452 -27.19 9.88 -33.47
N TYR B 453 -27.91 9.48 -32.44
CA TYR B 453 -28.44 8.12 -32.37
C TYR B 453 -29.42 7.86 -33.51
N TYR B 454 -30.25 8.84 -33.84
CA TYR B 454 -31.30 8.71 -34.84
C TYR B 454 -30.89 9.23 -36.19
N ARG B 455 -29.61 9.15 -36.53
CA ARG B 455 -29.15 9.65 -37.80
C ARG B 455 -29.74 8.81 -38.93
N PRO B 456 -29.98 9.42 -40.09
CA PRO B 456 -30.40 8.63 -41.24
C PRO B 456 -29.29 7.70 -41.72
N VAL B 457 -29.70 6.61 -42.35
CA VAL B 457 -28.78 5.58 -42.81
C VAL B 457 -28.91 5.29 -44.30
N GLU B 458 -29.94 5.80 -44.96
CA GLU B 458 -30.21 5.48 -46.36
C GLU B 458 -29.65 6.58 -47.25
N GLY B 459 -28.66 6.23 -48.06
CA GLY B 459 -28.11 7.14 -49.04
C GLY B 459 -26.84 7.82 -48.60
N LEU B 460 -26.54 8.96 -49.22
CA LEU B 460 -25.39 9.77 -48.88
C LEU B 460 -25.88 11.12 -48.36
N PRO B 461 -25.09 11.77 -47.52
CA PRO B 461 -25.46 13.09 -47.04
C PRO B 461 -25.25 14.12 -48.11
N PRO B 462 -25.95 15.27 -48.05
CA PRO B 462 -26.96 15.62 -47.04
C PRO B 462 -28.28 14.90 -47.26
N TYR B 463 -29.05 14.74 -46.19
CA TYR B 463 -30.30 13.99 -46.23
C TYR B 463 -31.47 14.94 -46.35
N LYS B 464 -32.36 14.65 -47.29
CA LYS B 464 -33.49 15.52 -47.55
C LYS B 464 -34.42 15.56 -46.35
N LEU B 465 -34.94 16.74 -46.05
CA LEU B 465 -35.87 16.87 -44.95
C LEU B 465 -37.20 16.22 -45.27
N LYS B 466 -37.98 15.98 -44.23
CA LYS B 466 -39.33 15.45 -44.35
C LYS B 466 -40.27 16.24 -43.44
N ASN B 467 -41.56 16.14 -43.74
CA ASN B 467 -42.57 16.76 -42.91
C ASN B 467 -42.80 16.02 -41.60
N THR B 468 -42.18 14.85 -41.41
CA THR B 468 -42.32 14.13 -40.17
C THR B 468 -41.81 14.98 -39.00
N VAL B 469 -42.57 14.98 -37.92
CA VAL B 469 -42.21 15.81 -36.76
C VAL B 469 -40.87 15.35 -36.17
N GLY B 470 -40.67 14.04 -36.09
CA GLY B 470 -39.41 13.54 -35.58
C GLY B 470 -38.22 14.06 -36.38
N ASP B 471 -38.40 14.22 -37.69
CA ASP B 471 -37.33 14.77 -38.51
C ASP B 471 -37.04 16.22 -38.16
N TYR B 472 -38.09 17.00 -37.88
CA TYR B 472 -37.87 18.37 -37.46
C TYR B 472 -37.10 18.41 -36.15
N PHE B 473 -37.46 17.55 -35.20
CA PHE B 473 -36.71 17.51 -33.94
C PHE B 473 -35.25 17.12 -34.18
N ARG B 474 -35.03 16.13 -35.05
CA ARG B 474 -33.67 15.70 -35.35
C ARG B 474 -32.84 16.84 -35.93
N VAL B 475 -33.43 17.59 -36.88
CA VAL B 475 -32.71 18.70 -37.48
C VAL B 475 -32.43 19.79 -36.44
N THR B 476 -33.40 20.04 -35.57
CA THR B 476 -33.18 21.02 -34.50
C THR B 476 -32.01 20.61 -33.61
N GLY B 477 -31.97 19.33 -33.24
CA GLY B 477 -30.86 18.83 -32.44
C GLY B 477 -29.52 18.97 -33.16
N GLU B 478 -29.50 18.68 -34.46
CA GLU B 478 -28.28 18.81 -35.23
C GLU B 478 -27.78 20.25 -35.21
N ILE B 479 -28.69 21.19 -35.43
CA ILE B 479 -28.32 22.60 -35.47
C ILE B 479 -27.79 23.05 -34.12
N LEU B 480 -28.45 22.65 -33.04
CA LEU B 480 -27.98 23.03 -31.71
C LEU B 480 -26.61 22.45 -31.42
N SER B 481 -26.37 21.20 -31.84
CA SER B 481 -25.07 20.59 -31.64
C SER B 481 -23.99 21.37 -32.37
N VAL B 482 -24.25 21.73 -33.62
CA VAL B 482 -23.26 22.48 -34.40
C VAL B 482 -22.99 23.83 -33.75
N SER B 483 -24.05 24.48 -33.25
CA SER B 483 -23.87 25.78 -32.60
C SER B 483 -22.98 25.67 -31.37
N GLY B 484 -23.25 24.66 -30.53
CA GLY B 484 -22.37 24.43 -29.39
C GLY B 484 -20.93 24.20 -29.80
N GLY B 485 -20.73 23.46 -30.88
CA GLY B 485 -19.38 23.19 -31.33
C GLY B 485 -18.64 24.45 -31.73
N VAL B 486 -19.30 25.28 -32.54
CA VAL B 486 -18.64 26.52 -32.98
C VAL B 486 -18.42 27.47 -31.81
N TYR B 487 -19.34 27.46 -30.84
CA TYR B 487 -19.15 28.26 -29.63
C TYR B 487 -17.89 27.84 -28.89
N PHE B 488 -17.69 26.53 -28.71
CA PHE B 488 -16.49 26.07 -28.03
C PHE B 488 -15.25 26.40 -28.84
N PHE B 489 -15.37 26.33 -30.17
CA PHE B 489 -14.25 26.72 -31.04
C PHE B 489 -13.82 28.15 -30.76
N PHE B 490 -14.78 29.08 -30.77
CA PHE B 490 -14.44 30.48 -30.56
C PHE B 490 -13.96 30.74 -29.15
N ARG B 491 -14.51 30.04 -28.17
CA ARG B 491 -14.05 30.22 -26.80
C ARG B 491 -12.60 29.78 -26.65
N GLY B 492 -12.22 28.66 -27.28
CA GLY B 492 -10.83 28.26 -27.26
C GLY B 492 -9.93 29.27 -27.95
N ILE B 493 -10.40 29.81 -29.07
CA ILE B 493 -9.62 30.84 -29.76
C ILE B 493 -9.38 32.03 -28.84
N GLN B 494 -10.43 32.54 -28.21
CA GLN B 494 -10.25 33.73 -27.38
C GLN B 494 -9.39 33.43 -26.16
N TYR B 495 -9.50 32.23 -25.60
CA TYR B 495 -8.59 31.84 -24.52
C TYR B 495 -7.15 31.91 -24.99
N PHE B 496 -6.87 31.37 -26.17
CA PHE B 496 -5.48 31.38 -26.65
C PHE B 496 -4.99 32.80 -26.85
N LEU B 497 -5.83 33.66 -27.42
CA LEU B 497 -5.44 35.05 -27.64
C LEU B 497 -5.17 35.76 -26.33
N GLN B 498 -6.13 35.69 -25.42
CA GLN B 498 -6.08 36.41 -24.16
C GLN B 498 -4.92 35.95 -23.29
N ARG B 499 -4.82 34.64 -23.06
CA ARG B 499 -3.82 34.12 -22.13
C ARG B 499 -2.43 34.03 -22.74
N ARG B 500 -2.32 34.12 -24.05
CA ARG B 500 -1.04 34.08 -24.76
C ARG B 500 -0.14 33.01 -24.17
N PRO B 501 -0.63 31.78 -23.99
CA PRO B 501 0.18 30.76 -23.34
C PRO B 501 1.41 30.41 -24.16
N SER B 502 2.48 30.09 -23.44
CA SER B 502 3.69 29.62 -24.10
C SER B 502 3.49 28.19 -24.61
N LEU B 503 4.41 27.75 -25.46
CA LEU B 503 4.32 26.42 -26.03
C LEU B 503 4.29 25.38 -24.91
N LYS B 504 5.21 25.48 -23.96
CA LYS B 504 5.18 24.57 -22.82
C LYS B 504 3.85 24.68 -22.08
N SER B 505 3.49 25.91 -21.69
CA SER B 505 2.25 26.11 -20.94
C SER B 505 1.06 25.58 -21.72
N LEU B 506 1.18 25.55 -23.05
CA LEU B 506 0.14 24.94 -23.87
C LEU B 506 0.13 23.43 -23.71
N PHE B 507 1.32 22.82 -23.59
CA PHE B 507 1.39 21.37 -23.51
C PHE B 507 1.05 20.85 -22.11
N VAL B 508 1.42 21.60 -21.07
CA VAL B 508 1.48 21.07 -19.71
C VAL B 508 0.33 21.53 -18.83
N ASP B 509 -0.29 22.67 -19.13
CA ASP B 509 -1.23 23.30 -18.20
C ASP B 509 -2.67 23.28 -18.68
N SER B 510 -2.91 23.61 -19.94
CA SER B 510 -4.26 23.85 -20.44
C SER B 510 -4.77 22.61 -21.14
N TYR B 511 -5.01 21.57 -20.34
CA TYR B 511 -5.54 20.32 -20.88
C TYR B 511 -7.01 20.44 -21.24
N SER B 512 -7.81 21.04 -20.37
CA SER B 512 -9.25 21.10 -20.59
C SER B 512 -9.59 21.95 -21.80
N GLU B 513 -8.94 23.11 -21.93
CA GLU B 513 -9.18 23.97 -23.07
C GLU B 513 -8.86 23.24 -24.37
N ILE B 514 -7.75 22.50 -24.37
CA ILE B 514 -7.36 21.73 -25.55
C ILE B 514 -8.40 20.67 -25.86
N LEU B 515 -8.88 19.97 -24.84
CA LEU B 515 -9.84 18.89 -25.06
C LEU B 515 -11.15 19.42 -25.64
N PHE B 516 -11.67 20.50 -25.06
CA PHE B 516 -12.88 21.09 -25.60
C PHE B 516 -12.68 21.59 -27.02
N PHE B 517 -11.53 22.21 -27.28
CA PHE B 517 -11.24 22.68 -28.63
C PHE B 517 -11.20 21.54 -29.63
N VAL B 518 -10.58 20.42 -29.25
CA VAL B 518 -10.48 19.27 -30.14
C VAL B 518 -11.86 18.68 -30.41
N GLN B 519 -12.70 18.63 -29.38
CA GLN B 519 -14.08 18.20 -29.58
C GLN B 519 -14.79 19.07 -30.61
N SER B 520 -14.63 20.39 -30.48
CA SER B 520 -15.23 21.30 -31.44
C SER B 520 -14.67 21.09 -32.84
N LEU B 521 -13.37 20.85 -32.94
CA LEU B 521 -12.75 20.59 -34.23
C LEU B 521 -13.35 19.36 -34.88
N PHE B 522 -13.54 18.29 -34.12
CA PHE B 522 -14.14 17.09 -34.67
C PHE B 522 -15.54 17.37 -35.18
N MET B 523 -16.32 18.15 -34.42
CA MET B 523 -17.66 18.50 -34.88
C MET B 523 -17.61 19.29 -36.19
N LEU B 524 -16.74 20.28 -36.28
CA LEU B 524 -16.69 21.12 -37.46
C LEU B 524 -16.24 20.33 -38.68
N VAL B 525 -15.24 19.46 -38.50
CA VAL B 525 -14.81 18.58 -39.58
C VAL B 525 -15.97 17.68 -40.01
N SER B 526 -16.77 17.23 -39.05
CA SER B 526 -17.92 16.41 -39.40
C SER B 526 -18.89 17.18 -40.26
N VAL B 527 -19.15 18.44 -39.93
CA VAL B 527 -20.02 19.27 -40.76
C VAL B 527 -19.46 19.40 -42.16
N VAL B 528 -18.16 19.68 -42.25
CA VAL B 528 -17.52 19.88 -43.54
C VAL B 528 -17.69 18.63 -44.40
N LEU B 529 -17.42 17.47 -43.82
CA LEU B 529 -17.52 16.22 -44.55
C LEU B 529 -18.97 15.91 -44.91
N TYR B 530 -19.89 16.28 -44.04
CA TYR B 530 -21.29 16.02 -44.28
C TYR B 530 -21.81 16.79 -45.49
N PHE B 531 -21.43 18.05 -45.61
CA PHE B 531 -21.87 18.83 -46.76
C PHE B 531 -21.01 18.57 -47.99
N SER B 532 -19.87 17.90 -47.82
CA SER B 532 -19.04 17.46 -48.93
C SER B 532 -19.48 16.09 -49.46
N GLN B 533 -20.64 15.62 -49.06
CA GLN B 533 -21.24 14.35 -49.47
C GLN B 533 -20.43 13.13 -49.08
N ARG B 534 -19.34 13.29 -48.35
CA ARG B 534 -18.62 12.14 -47.84
C ARG B 534 -19.39 11.51 -46.69
N LYS B 535 -19.26 10.19 -46.56
CA LYS B 535 -19.92 9.43 -45.52
C LYS B 535 -19.08 9.29 -44.26
N GLU B 536 -17.80 9.68 -44.32
CA GLU B 536 -16.90 9.51 -43.20
C GLU B 536 -17.25 10.42 -42.02
N TYR B 537 -18.15 11.38 -42.22
CA TYR B 537 -18.46 12.33 -41.16
C TYR B 537 -18.85 11.64 -39.87
N VAL B 538 -19.54 10.50 -39.96
CA VAL B 538 -19.96 9.78 -38.77
C VAL B 538 -18.77 9.55 -37.85
N ALA B 539 -17.67 9.04 -38.40
CA ALA B 539 -16.47 8.85 -37.61
C ALA B 539 -16.20 10.07 -36.75
N SER B 540 -15.98 11.22 -37.39
CA SER B 540 -15.69 12.41 -36.62
C SER B 540 -16.71 12.61 -35.51
N MET B 541 -17.98 12.59 -35.88
CA MET B 541 -19.03 12.84 -34.91
C MET B 541 -18.87 11.96 -33.70
N VAL B 542 -18.69 10.66 -33.90
CA VAL B 542 -18.67 9.77 -32.74
C VAL B 542 -17.52 10.15 -31.81
N PHE B 543 -16.35 10.42 -32.38
CA PHE B 543 -15.24 10.82 -31.52
C PHE B 543 -15.64 12.02 -30.69
N SER B 544 -16.17 13.05 -31.33
CA SER B 544 -16.62 14.22 -30.60
C SER B 544 -17.57 13.79 -29.49
N LEU B 545 -18.59 13.02 -29.84
CA LEU B 545 -19.53 12.52 -28.85
C LEU B 545 -18.79 11.95 -27.65
N ALA B 546 -17.93 10.96 -27.89
CA ALA B 546 -17.24 10.33 -26.79
C ALA B 546 -16.52 11.37 -25.95
N MET B 547 -15.74 12.22 -26.59
CA MET B 547 -14.93 13.14 -25.83
C MET B 547 -15.83 14.08 -25.03
N GLY B 548 -16.94 14.49 -25.63
CA GLY B 548 -17.89 15.31 -24.91
C GLY B 548 -18.23 14.72 -23.57
N TRP B 549 -18.63 13.45 -23.55
CA TRP B 549 -19.05 12.84 -22.30
C TRP B 549 -17.90 12.84 -21.31
N THR B 550 -16.70 12.49 -21.77
CA THR B 550 -15.56 12.49 -20.88
C THR B 550 -15.29 13.88 -20.33
N ASN B 551 -15.48 14.89 -21.17
CA ASN B 551 -15.22 16.26 -20.73
C ASN B 551 -16.21 16.72 -19.69
N MET B 552 -17.30 15.99 -19.49
CA MET B 552 -18.20 16.29 -18.39
C MET B 552 -17.44 16.25 -17.07
N LEU B 553 -16.37 15.47 -17.02
CA LEU B 553 -15.59 15.35 -15.81
C LEU B 553 -15.00 16.69 -15.39
N TYR B 554 -14.87 17.63 -16.33
CA TYR B 554 -14.36 18.95 -15.99
C TYR B 554 -15.19 19.60 -14.90
N TYR B 555 -16.45 19.22 -14.78
CA TYR B 555 -17.34 19.85 -13.83
C TYR B 555 -17.30 19.18 -12.47
N THR B 556 -16.31 18.35 -12.22
CA THR B 556 -16.11 17.79 -10.89
C THR B 556 -15.32 18.72 -9.98
N ARG B 557 -14.90 19.87 -10.47
CA ARG B 557 -14.12 20.83 -9.69
C ARG B 557 -14.99 21.78 -8.90
N GLY B 558 -16.30 21.75 -9.09
CA GLY B 558 -17.20 22.43 -8.20
C GLY B 558 -17.50 21.70 -6.94
N PHE B 559 -17.01 20.47 -6.83
CA PHE B 559 -17.20 19.63 -5.67
C PHE B 559 -15.85 19.09 -5.23
N GLN B 560 -15.59 19.16 -3.93
CA GLN B 560 -14.24 18.96 -3.40
C GLN B 560 -13.77 17.53 -3.61
N GLN B 561 -14.59 16.56 -3.18
CA GLN B 561 -14.16 15.17 -3.21
C GLN B 561 -13.93 14.70 -4.64
N MET B 562 -14.89 14.99 -5.51
CA MET B 562 -14.78 14.57 -6.90
C MET B 562 -13.69 15.31 -7.64
N GLY B 563 -13.49 16.58 -7.32
CA GLY B 563 -12.39 17.32 -7.92
C GLY B 563 -11.04 16.73 -7.57
N ILE B 564 -10.85 16.39 -6.30
CA ILE B 564 -9.60 15.76 -5.88
C ILE B 564 -9.44 14.41 -6.56
N TYR B 565 -10.52 13.64 -6.67
CA TYR B 565 -10.48 12.38 -7.39
C TYR B 565 -10.01 12.57 -8.83
N ALA B 566 -10.54 13.59 -9.50
CA ALA B 566 -10.19 13.81 -10.90
C ALA B 566 -8.76 14.29 -11.04
N VAL B 567 -8.27 15.06 -10.06
CA VAL B 567 -6.86 15.44 -10.05
C VAL B 567 -5.97 14.22 -9.96
N MET B 568 -6.34 13.28 -9.07
CA MET B 568 -5.60 12.03 -8.96
C MET B 568 -5.60 11.28 -10.29
N ILE B 569 -6.75 11.23 -10.94
CA ILE B 569 -6.85 10.59 -12.24
C ILE B 569 -5.86 11.19 -13.22
N GLU B 570 -5.83 12.52 -13.28
CA GLU B 570 -4.88 13.22 -14.15
C GLU B 570 -3.45 12.81 -13.86
N LYS B 571 -3.06 12.83 -12.58
CA LYS B 571 -1.68 12.53 -12.23
C LYS B 571 -1.32 11.10 -12.62
N MET B 572 -2.21 10.16 -12.35
CA MET B 572 -1.96 8.77 -12.70
C MET B 572 -1.78 8.62 -14.20
N ILE B 573 -2.66 9.23 -14.99
CA ILE B 573 -2.51 9.18 -16.43
C ILE B 573 -1.15 9.69 -16.83
N LEU B 574 -0.75 10.83 -16.28
CA LEU B 574 0.47 11.47 -16.74
C LEU B 574 1.70 10.62 -16.44
N ARG B 575 1.74 10.02 -15.25
CA ARG B 575 2.93 9.29 -14.81
C ARG B 575 2.86 7.79 -15.08
N ASP B 576 1.93 7.12 -14.40
CA ASP B 576 1.98 5.67 -14.31
C ASP B 576 1.58 5.01 -15.62
N LEU B 577 0.48 5.46 -16.22
CA LEU B 577 0.10 4.91 -17.52
C LEU B 577 1.17 5.15 -18.57
N CYS B 578 1.74 6.35 -18.60
CA CYS B 578 2.72 6.64 -19.63
C CYS B 578 3.89 5.66 -19.56
N ARG B 579 4.46 5.51 -18.36
CA ARG B 579 5.59 4.59 -18.21
C ARG B 579 5.18 3.16 -18.55
N PHE B 580 4.08 2.70 -17.94
CA PHE B 580 3.63 1.33 -18.15
C PHE B 580 3.37 1.04 -19.61
N MET B 581 2.79 2.01 -20.33
CA MET B 581 2.38 1.75 -21.70
C MET B 581 3.58 1.78 -22.63
N PHE B 582 4.56 2.63 -22.36
CA PHE B 582 5.82 2.51 -23.09
C PHE B 582 6.31 1.07 -23.03
N VAL B 583 6.55 0.58 -21.81
CA VAL B 583 7.17 -0.73 -21.63
C VAL B 583 6.29 -1.82 -22.22
N TYR B 584 4.99 -1.76 -21.94
CA TYR B 584 4.06 -2.79 -22.39
C TYR B 584 4.02 -2.86 -23.91
N LEU B 585 4.04 -1.72 -24.58
CA LEU B 585 4.00 -1.73 -26.04
C LEU B 585 5.28 -2.28 -26.61
N VAL B 586 6.43 -1.97 -26.00
CA VAL B 586 7.67 -2.58 -26.43
C VAL B 586 7.57 -4.10 -26.39
N PHE B 587 7.15 -4.62 -25.24
CA PHE B 587 7.09 -6.07 -25.07
C PHE B 587 6.09 -6.71 -26.03
N LEU B 588 4.91 -6.10 -26.14
CA LEU B 588 3.87 -6.62 -27.02
C LEU B 588 4.33 -6.67 -28.46
N PHE B 589 4.92 -5.59 -28.95
CA PHE B 589 5.38 -5.60 -30.34
C PHE B 589 6.46 -6.63 -30.56
N GLY B 590 7.42 -6.74 -29.64
CA GLY B 590 8.46 -7.75 -29.81
C GLY B 590 7.91 -9.15 -29.89
N PHE B 591 7.09 -9.53 -28.93
CA PHE B 591 6.57 -10.89 -28.91
C PHE B 591 5.61 -11.14 -30.07
N SER B 592 4.89 -10.10 -30.51
CA SER B 592 4.01 -10.26 -31.65
C SER B 592 4.80 -10.50 -32.93
N THR B 593 5.88 -9.76 -33.13
CA THR B 593 6.74 -10.02 -34.28
C THR B 593 7.29 -11.43 -34.25
N ALA B 594 7.77 -11.87 -33.09
CA ALA B 594 8.29 -13.22 -32.97
C ALA B 594 7.24 -14.26 -33.33
N VAL B 595 6.05 -14.13 -32.75
CA VAL B 595 4.97 -15.09 -32.99
C VAL B 595 4.55 -15.09 -34.45
N VAL B 596 4.45 -13.91 -35.06
CA VAL B 596 4.01 -13.83 -36.45
C VAL B 596 5.04 -14.44 -37.37
N THR B 597 6.32 -14.19 -37.11
CA THR B 597 7.37 -14.84 -37.88
C THR B 597 7.30 -16.36 -37.77
N LEU B 598 7.12 -16.87 -36.55
CA LEU B 598 7.03 -18.31 -36.39
C LEU B 598 5.89 -18.89 -37.23
N ILE B 599 4.77 -18.18 -37.30
CA ILE B 599 3.59 -18.68 -37.99
C ILE B 599 3.86 -18.78 -39.48
N GLU B 600 3.39 -19.86 -40.08
CA GLU B 600 3.58 -20.15 -41.49
C GLU B 600 2.30 -19.92 -42.31
N ASP B 601 1.17 -20.39 -41.79
CA ASP B 601 -0.12 -20.29 -42.47
C ASP B 601 -0.06 -20.98 -43.83
N GLY B 602 0.23 -22.28 -43.78
CA GLY B 602 0.29 -23.13 -44.94
C GLY B 602 -0.64 -24.33 -44.78
N ASN B 625 -9.13 -17.37 -38.93
CA ASN B 625 -8.16 -17.92 -39.88
C ASN B 625 -7.19 -16.82 -40.27
N SER B 626 -6.17 -17.21 -41.04
CA SER B 626 -5.16 -16.28 -41.54
C SER B 626 -4.65 -15.38 -40.42
N TYR B 627 -4.04 -16.00 -39.41
CA TYR B 627 -3.42 -15.26 -38.33
C TYR B 627 -2.07 -14.73 -38.70
N ASN B 628 -1.65 -14.89 -39.96
CA ASN B 628 -0.32 -14.46 -40.37
C ASN B 628 -0.33 -12.97 -40.66
N SER B 629 -0.84 -12.19 -39.71
CA SER B 629 -0.88 -10.74 -39.80
C SER B 629 -0.39 -10.17 -38.48
N LEU B 630 0.32 -9.04 -38.56
CA LEU B 630 0.84 -8.41 -37.37
C LEU B 630 -0.27 -7.83 -36.51
N TYR B 631 -1.27 -7.24 -37.14
CA TYR B 631 -2.37 -6.64 -36.39
C TYR B 631 -3.16 -7.70 -35.63
N SER B 632 -3.48 -8.81 -36.29
CA SER B 632 -4.24 -9.87 -35.64
C SER B 632 -3.48 -10.46 -34.46
N THR B 633 -2.18 -10.70 -34.63
CA THR B 633 -1.39 -11.28 -33.55
C THR B 633 -1.24 -10.31 -32.39
N CYS B 634 -1.03 -9.02 -32.68
CA CYS B 634 -0.96 -8.04 -31.61
C CYS B 634 -2.26 -7.97 -30.83
N LEU B 635 -3.38 -8.05 -31.55
CA LEU B 635 -4.69 -8.05 -30.88
C LEU B 635 -4.88 -9.28 -30.02
N GLU B 636 -4.55 -10.45 -30.55
CA GLU B 636 -4.71 -11.68 -29.79
C GLU B 636 -3.85 -11.68 -28.54
N LEU B 637 -2.67 -11.09 -28.61
CA LEU B 637 -1.81 -11.01 -27.44
C LEU B 637 -2.29 -9.96 -26.46
N PHE B 638 -2.90 -8.88 -26.95
CA PHE B 638 -3.49 -7.89 -26.07
C PHE B 638 -4.66 -8.45 -25.30
N LYS B 639 -5.40 -9.37 -25.91
CA LYS B 639 -6.50 -10.03 -25.23
C LYS B 639 -6.06 -10.67 -23.92
N PHE B 640 -4.82 -11.16 -23.84
CA PHE B 640 -4.34 -11.75 -22.60
C PHE B 640 -4.39 -10.76 -21.46
N THR B 641 -4.41 -9.47 -21.79
CA THR B 641 -4.27 -8.42 -20.78
C THR B 641 -5.61 -8.10 -20.13
N ILE B 642 -6.70 -8.36 -20.83
CA ILE B 642 -8.05 -8.07 -20.36
C ILE B 642 -8.73 -9.37 -19.94
N GLY B 643 -7.94 -10.41 -19.74
CA GLY B 643 -8.44 -11.67 -19.26
C GLY B 643 -9.21 -12.50 -20.25
N MET B 644 -8.85 -12.45 -21.54
CA MET B 644 -9.54 -13.21 -22.56
C MET B 644 -8.58 -13.85 -23.53
N GLY B 645 -7.40 -14.25 -23.05
CA GLY B 645 -6.38 -14.80 -23.93
C GLY B 645 -6.56 -16.27 -24.19
N ASP B 646 -6.44 -16.64 -25.46
CA ASP B 646 -6.46 -18.03 -25.90
C ASP B 646 -5.03 -18.47 -26.16
N LEU B 647 -4.58 -19.48 -25.41
CA LEU B 647 -3.26 -20.04 -25.59
C LEU B 647 -3.16 -20.95 -26.80
N GLU B 648 -4.28 -21.19 -27.48
CA GLU B 648 -4.35 -22.07 -28.63
C GLU B 648 -5.08 -21.37 -29.77
N PHE B 649 -4.69 -20.14 -30.07
CA PHE B 649 -5.40 -19.37 -31.08
C PHE B 649 -4.93 -19.67 -32.49
N THR B 650 -3.97 -20.58 -32.66
CA THR B 650 -3.61 -21.03 -33.99
C THR B 650 -2.80 -22.31 -33.86
N GLU B 651 -2.78 -23.07 -34.96
CA GLU B 651 -1.99 -24.29 -35.06
C GLU B 651 -1.10 -24.27 -36.28
N ASN B 652 -1.07 -23.16 -37.02
CA ASN B 652 -0.27 -23.04 -38.23
C ASN B 652 1.17 -22.68 -37.85
N TYR B 653 1.84 -23.66 -37.28
CA TYR B 653 3.25 -23.52 -36.94
C TYR B 653 3.88 -24.91 -36.97
N ASP B 654 5.21 -24.93 -37.09
CA ASP B 654 5.95 -26.18 -37.14
C ASP B 654 6.50 -26.60 -35.80
N PHE B 655 6.73 -25.66 -34.88
CA PHE B 655 7.29 -25.95 -33.56
C PHE B 655 6.34 -25.41 -32.50
N LYS B 656 5.71 -26.33 -31.77
CA LYS B 656 4.75 -25.97 -30.73
C LYS B 656 5.43 -25.48 -29.47
N ALA B 657 6.58 -26.07 -29.11
CA ALA B 657 7.26 -25.68 -27.89
C ALA B 657 7.68 -24.23 -27.94
N VAL B 658 8.17 -23.77 -29.09
CA VAL B 658 8.60 -22.39 -29.25
C VAL B 658 7.42 -21.44 -29.05
N PHE B 659 6.30 -21.75 -29.70
CA PHE B 659 5.10 -20.92 -29.59
C PHE B 659 4.62 -20.84 -28.15
N ILE B 660 4.51 -21.99 -27.48
CA ILE B 660 4.06 -22.03 -26.11
C ILE B 660 5.01 -21.25 -25.20
N ILE B 661 6.31 -21.45 -25.37
CA ILE B 661 7.29 -20.77 -24.53
C ILE B 661 7.18 -19.26 -24.70
N LEU B 662 7.07 -18.80 -25.94
CA LEU B 662 6.95 -17.36 -26.19
C LEU B 662 5.71 -16.80 -25.51
N LEU B 663 4.58 -17.49 -25.66
CA LEU B 663 3.34 -17.00 -25.07
C LEU B 663 3.43 -16.94 -23.55
N LEU B 664 4.02 -17.96 -22.92
CA LEU B 664 4.07 -17.95 -21.47
C LEU B 664 5.05 -16.91 -20.95
N ALA B 665 6.16 -16.69 -21.67
CA ALA B 665 7.05 -15.59 -21.32
C ALA B 665 6.32 -14.27 -21.38
N TYR B 666 5.55 -14.04 -22.44
CA TYR B 666 4.77 -12.82 -22.55
C TYR B 666 3.79 -12.67 -21.40
N VAL B 667 3.07 -13.75 -21.08
CA VAL B 667 2.08 -13.71 -20.02
C VAL B 667 2.73 -13.38 -18.69
N ILE B 668 3.84 -14.04 -18.38
CA ILE B 668 4.51 -13.83 -17.10
C ILE B 668 5.04 -12.41 -17.02
N LEU B 669 5.54 -11.88 -18.13
CA LEU B 669 6.20 -10.58 -18.09
C LEU B 669 5.19 -9.44 -18.02
N THR B 670 4.06 -9.57 -18.72
CA THR B 670 3.06 -8.51 -18.75
C THR B 670 1.94 -8.67 -17.74
N TYR B 671 1.34 -9.85 -17.64
CA TYR B 671 0.14 -10.04 -16.85
C TYR B 671 0.44 -10.20 -15.37
N ILE B 672 1.49 -10.94 -15.05
CA ILE B 672 1.78 -11.28 -13.66
C ILE B 672 2.73 -10.29 -13.01
N LEU B 673 3.56 -9.61 -13.79
CA LEU B 673 4.53 -8.65 -13.28
C LEU B 673 4.13 -7.21 -13.51
N LEU B 674 3.86 -6.82 -14.76
CA LEU B 674 3.72 -5.41 -15.09
C LEU B 674 2.42 -4.83 -14.55
N LEU B 675 1.31 -5.54 -14.68
CA LEU B 675 0.02 -5.01 -14.24
C LEU B 675 -0.05 -4.85 -12.72
N ASN B 676 0.35 -5.90 -11.99
CA ASN B 676 0.36 -5.83 -10.54
C ASN B 676 1.37 -4.81 -10.05
N MET B 677 2.51 -4.74 -10.73
CA MET B 677 3.48 -3.68 -10.50
C MET B 677 2.86 -2.31 -10.66
N LEU B 678 2.02 -2.14 -11.68
CA LEU B 678 1.33 -0.88 -11.90
C LEU B 678 0.42 -0.55 -10.73
N ILE B 679 -0.33 -1.55 -10.26
CA ILE B 679 -1.21 -1.34 -9.11
C ILE B 679 -0.41 -0.84 -7.91
N ALA B 680 0.73 -1.49 -7.67
CA ALA B 680 1.61 -1.07 -6.58
C ALA B 680 2.06 0.38 -6.73
N LEU B 681 2.47 0.76 -7.94
CA LEU B 681 2.93 2.12 -8.17
C LEU B 681 1.81 3.12 -7.96
N MET B 682 0.61 2.79 -8.43
CA MET B 682 -0.54 3.64 -8.17
C MET B 682 -0.75 3.84 -6.68
N GLY B 683 -0.60 2.78 -5.90
CA GLY B 683 -0.74 2.91 -4.45
C GLY B 683 0.27 3.87 -3.87
N GLU B 684 1.53 3.75 -4.28
CA GLU B 684 2.56 4.67 -3.80
C GLU B 684 2.22 6.11 -4.17
N THR B 685 1.83 6.33 -5.42
CA THR B 685 1.49 7.68 -5.86
C THR B 685 0.33 8.25 -5.07
N VAL B 686 -0.71 7.45 -4.84
CA VAL B 686 -1.85 7.89 -4.05
C VAL B 686 -1.39 8.31 -2.66
N ASN B 687 -0.57 7.48 -2.03
CA ASN B 687 -0.05 7.84 -0.72
C ASN B 687 0.74 9.14 -0.78
N LYS B 688 1.28 9.46 -1.94
CA LYS B 688 2.16 10.63 -2.04
C LYS B 688 1.43 11.93 -2.34
N ILE B 689 0.31 11.90 -3.07
CA ILE B 689 -0.23 13.12 -3.65
C ILE B 689 -1.52 13.54 -2.96
N ALA B 690 -1.65 13.25 -1.67
CA ALA B 690 -2.87 13.56 -0.95
C ALA B 690 -3.14 15.06 -0.89
N GLN B 691 -2.10 15.86 -0.62
CA GLN B 691 -2.28 17.28 -0.40
C GLN B 691 -2.11 18.09 -1.68
N GLU B 692 -1.17 17.68 -2.54
CA GLU B 692 -1.00 18.33 -3.82
C GLU B 692 -2.28 18.33 -4.62
N SER B 693 -3.06 17.24 -4.55
CA SER B 693 -4.30 17.17 -5.30
C SER B 693 -5.29 18.21 -4.80
N LYS B 694 -5.40 18.37 -3.49
CA LYS B 694 -6.29 19.39 -2.93
C LYS B 694 -5.86 20.78 -3.36
N ASN B 695 -4.56 21.05 -3.33
CA ASN B 695 -4.08 22.37 -3.72
C ASN B 695 -4.35 22.64 -5.20
N ILE B 696 -4.14 21.64 -6.05
CA ILE B 696 -4.41 21.80 -7.47
C ILE B 696 -5.90 22.01 -7.71
N TRP B 697 -6.75 21.32 -6.95
CA TRP B 697 -8.18 21.57 -7.06
C TRP B 697 -8.52 23.01 -6.69
N LYS B 698 -7.90 23.52 -5.63
CA LYS B 698 -8.16 24.89 -5.23
C LYS B 698 -7.75 25.86 -6.34
N LEU B 699 -6.61 25.61 -6.98
CA LEU B 699 -6.23 26.40 -8.15
C LEU B 699 -7.26 26.34 -9.26
N GLN B 700 -7.73 25.13 -9.58
CA GLN B 700 -8.67 24.99 -10.68
C GLN B 700 -9.94 25.78 -10.39
N ARG B 701 -10.44 25.69 -9.16
CA ARG B 701 -11.61 26.45 -8.77
C ARG B 701 -11.34 27.94 -8.82
N ALA B 702 -10.15 28.38 -8.41
CA ALA B 702 -9.82 29.80 -8.46
C ALA B 702 -9.84 30.31 -9.89
N ILE B 703 -9.27 29.55 -10.81
CA ILE B 703 -9.28 29.94 -12.21
C ILE B 703 -10.71 30.03 -12.71
N THR B 704 -11.53 29.07 -12.34
CA THR B 704 -12.94 29.11 -12.72
C THR B 704 -13.60 30.39 -12.22
N ILE B 705 -13.32 30.73 -10.96
CA ILE B 705 -13.90 31.93 -10.36
C ILE B 705 -13.50 33.17 -11.14
N LEU B 706 -12.20 33.31 -11.42
CA LEU B 706 -11.71 34.48 -12.11
C LEU B 706 -12.32 34.58 -13.51
N ASP B 707 -12.32 33.48 -14.25
CA ASP B 707 -12.87 33.49 -15.61
C ASP B 707 -14.34 33.89 -15.59
N THR B 708 -15.12 33.29 -14.70
CA THR B 708 -16.53 33.65 -14.60
C THR B 708 -16.70 35.12 -14.26
N GLU B 709 -15.91 35.61 -13.32
CA GLU B 709 -16.06 36.99 -12.87
C GLU B 709 -15.73 37.96 -14.00
N LYS B 710 -14.77 37.59 -14.84
CA LYS B 710 -14.47 38.41 -16.01
C LYS B 710 -15.60 38.37 -17.02
N SER B 711 -16.16 37.19 -17.27
CA SER B 711 -17.16 37.07 -18.32
C SER B 711 -18.39 37.92 -18.02
N PHE B 712 -18.81 37.97 -16.76
CA PHE B 712 -20.05 38.63 -16.34
C PHE B 712 -19.81 40.07 -15.91
N LEU B 713 -18.81 40.73 -16.49
CA LEU B 713 -18.62 42.14 -16.20
C LEU B 713 -19.83 42.96 -16.63
N LYS B 714 -20.39 42.66 -17.80
CA LYS B 714 -21.54 43.42 -18.30
C LYS B 714 -22.73 43.29 -17.35
N CYS B 715 -23.04 42.07 -16.92
CA CYS B 715 -24.17 41.86 -16.01
C CYS B 715 -23.95 42.61 -14.69
N MET B 716 -22.72 42.56 -14.17
CA MET B 716 -22.40 43.25 -12.91
C MET B 716 -20.92 43.59 -12.94
N ARG B 717 -20.60 44.84 -13.25
CA ARG B 717 -19.21 45.26 -13.32
C ARG B 717 -18.59 45.31 -11.92
N LYS B 718 -19.29 45.95 -10.97
CA LYS B 718 -18.78 46.07 -9.61
C LYS B 718 -19.86 45.84 -8.56
N ALA B 719 -21.03 45.33 -8.94
CA ALA B 719 -22.06 45.03 -7.95
C ALA B 719 -21.59 43.96 -6.98
N PHE B 720 -20.94 42.91 -7.50
CA PHE B 720 -20.39 41.84 -6.67
C PHE B 720 -18.91 42.11 -6.46
N ARG B 721 -18.62 42.98 -5.49
CA ARG B 721 -17.26 43.30 -5.08
C ARG B 721 -17.06 42.84 -3.64
N SER B 722 -15.87 42.32 -3.36
CA SER B 722 -15.62 41.68 -2.08
C SER B 722 -15.13 42.67 -1.04
N GLY B 723 -15.44 42.37 0.22
CA GLY B 723 -15.12 43.26 1.31
C GLY B 723 -16.04 44.47 1.30
N LYS B 724 -15.78 45.38 2.23
CA LYS B 724 -16.54 46.61 2.27
C LYS B 724 -15.62 47.78 2.59
N LEU B 725 -16.06 48.97 2.20
CA LEU B 725 -15.32 50.19 2.44
C LEU B 725 -15.46 50.60 3.89
N LEU B 726 -14.35 50.66 4.61
CA LEU B 726 -14.38 51.00 6.03
C LEU B 726 -13.29 52.02 6.31
N GLN B 727 -13.56 52.85 7.32
CA GLN B 727 -12.58 53.78 7.84
C GLN B 727 -11.69 53.05 8.84
N VAL B 728 -10.39 53.15 8.62
CA VAL B 728 -9.41 52.40 9.39
C VAL B 728 -8.71 53.29 10.39
N GLY B 729 -8.38 54.51 9.97
CA GLY B 729 -7.66 55.43 10.82
C GLY B 729 -7.48 56.77 10.13
N PHE B 730 -6.34 57.41 10.37
CA PHE B 730 -6.06 58.71 9.79
C PHE B 730 -4.68 58.69 9.16
N THR B 731 -4.59 59.22 7.94
CA THR B 731 -3.31 59.37 7.29
C THR B 731 -2.48 60.41 8.03
N PRO B 732 -1.14 60.31 7.99
CA PRO B 732 -0.32 61.32 8.66
C PRO B 732 -0.62 62.73 8.22
N ASP B 733 -1.16 62.91 7.01
CA ASP B 733 -1.62 64.22 6.58
C ASP B 733 -2.85 64.69 7.36
N GLY B 734 -3.46 63.82 8.14
CA GLY B 734 -4.62 64.18 8.95
C GLY B 734 -5.95 63.80 8.36
N LYS B 735 -6.00 63.43 7.09
CA LYS B 735 -7.24 63.02 6.47
C LYS B 735 -7.65 61.62 6.94
N ASP B 736 -8.87 61.23 6.60
CA ASP B 736 -9.35 59.90 6.92
C ASP B 736 -8.65 58.87 6.04
N ASP B 737 -8.62 57.64 6.54
CA ASP B 737 -8.09 56.50 5.79
C ASP B 737 -9.25 55.55 5.52
N TYR B 738 -9.65 55.44 4.25
CA TYR B 738 -10.74 54.58 3.83
C TYR B 738 -10.19 53.49 2.94
N ARG B 739 -10.47 52.24 3.27
CA ARG B 739 -9.96 51.11 2.51
C ARG B 739 -11.03 50.04 2.33
N TRP B 740 -10.89 49.28 1.25
CA TRP B 740 -11.76 48.14 0.97
C TRP B 740 -11.25 46.95 1.75
N CYS B 741 -11.74 46.77 2.97
CA CYS B 741 -11.20 45.78 3.87
C CYS B 741 -12.07 44.52 3.86
N PHE B 742 -11.46 43.41 4.28
CA PHE B 742 -12.11 42.11 4.34
C PHE B 742 -11.98 41.60 5.77
N ARG B 743 -13.07 41.71 6.53
CA ARG B 743 -13.01 41.37 7.95
C ARG B 743 -12.91 39.86 8.16
N VAL B 744 -12.25 39.49 9.24
CA VAL B 744 -12.12 38.11 9.68
C VAL B 744 -12.30 38.08 11.19
N ASP B 745 -12.89 37.00 11.70
CA ASP B 745 -13.08 36.80 13.12
C ASP B 745 -12.21 35.63 13.57
N GLU B 746 -11.43 35.83 14.63
CA GLU B 746 -10.55 34.80 15.15
C GLU B 746 -10.56 34.84 16.68
N VAL B 747 -10.69 33.68 17.31
CA VAL B 747 -10.76 33.58 18.75
C VAL B 747 -9.48 32.91 19.25
N ASN B 748 -8.80 33.55 20.19
CA ASN B 748 -7.57 33.04 20.78
C ASN B 748 -7.73 33.00 22.30
N TRP B 749 -7.68 31.80 22.85
CA TRP B 749 -7.84 31.64 24.30
C TRP B 749 -6.52 31.89 25.02
N THR B 750 -5.39 31.59 24.37
CA THR B 750 -4.10 31.70 25.03
C THR B 750 -3.78 33.14 25.40
N THR B 751 -3.97 34.07 24.46
CA THR B 751 -3.56 35.45 24.71
C THR B 751 -4.36 36.09 25.84
N TRP B 752 -5.68 35.97 25.79
CA TRP B 752 -6.54 36.62 26.79
C TRP B 752 -6.33 38.12 26.81
N ILE C 277 58.07 6.90 9.24
CA ILE C 277 56.68 7.18 8.91
C ILE C 277 56.32 6.56 7.57
N SER C 278 57.33 6.39 6.71
CA SER C 278 57.14 5.80 5.40
C SER C 278 57.38 4.29 5.40
N ALA C 279 57.57 3.69 6.57
CA ALA C 279 57.86 2.27 6.65
C ALA C 279 56.66 1.45 6.18
N ARG C 280 56.96 0.32 5.54
CA ARG C 280 55.94 -0.57 4.98
C ARG C 280 56.02 -1.94 5.65
N ASP C 281 54.86 -2.56 5.81
CA ASP C 281 54.77 -3.86 6.44
C ASP C 281 54.93 -4.96 5.39
N SER C 282 54.64 -6.20 5.76
CA SER C 282 54.84 -7.32 4.84
C SER C 282 53.97 -7.16 3.60
N VAL C 283 52.70 -6.79 3.79
CA VAL C 283 51.79 -6.56 2.65
C VAL C 283 52.08 -5.25 1.95
N GLY C 284 52.89 -4.38 2.55
CA GLY C 284 53.18 -3.07 1.99
C GLY C 284 52.33 -1.95 2.54
N ASN C 285 51.39 -2.24 3.43
CA ASN C 285 50.52 -1.20 3.97
C ASN C 285 51.30 -0.25 4.86
N THR C 286 51.02 1.03 4.70
CA THR C 286 51.62 2.08 5.51
C THR C 286 50.62 2.41 6.63
N VAL C 287 50.98 3.32 7.54
CA VAL C 287 50.07 3.67 8.63
C VAL C 287 48.74 4.17 8.08
N LEU C 288 48.77 4.95 7.00
CA LEU C 288 47.52 5.38 6.38
C LEU C 288 46.73 4.21 5.84
N HIS C 289 47.40 3.30 5.12
CA HIS C 289 46.72 2.11 4.63
C HIS C 289 46.15 1.29 5.78
N ALA C 290 46.88 1.21 6.89
CA ALA C 290 46.40 0.47 8.04
C ALA C 290 45.14 1.10 8.61
N LEU C 291 45.16 2.42 8.81
CA LEU C 291 43.96 3.11 9.26
C LEU C 291 42.79 2.82 8.33
N VAL C 292 43.02 2.88 7.02
CA VAL C 292 41.95 2.64 6.07
C VAL C 292 41.39 1.23 6.23
N GLU C 293 42.28 0.24 6.36
CA GLU C 293 41.83 -1.13 6.53
C GLU C 293 41.08 -1.31 7.85
N VAL C 294 41.33 -0.43 8.81
CA VAL C 294 40.68 -0.54 10.11
C VAL C 294 39.20 -0.17 10.01
N ALA C 295 38.89 0.89 9.27
CA ALA C 295 37.58 1.50 9.36
C ALA C 295 36.47 0.53 9.00
N ASP C 296 35.37 0.61 9.72
CA ASP C 296 34.18 -0.20 9.48
C ASP C 296 32.96 0.65 9.14
N ASN C 297 33.15 1.96 8.95
CA ASN C 297 32.10 2.91 8.57
C ASN C 297 31.15 3.22 9.72
N THR C 298 31.52 2.89 10.95
CA THR C 298 30.76 3.35 12.10
C THR C 298 31.06 4.82 12.37
N VAL C 299 30.07 5.52 12.94
CA VAL C 299 30.22 6.96 13.15
C VAL C 299 31.42 7.26 14.04
N ASP C 300 31.51 6.60 15.19
CA ASP C 300 32.63 6.82 16.08
C ASP C 300 33.94 6.39 15.42
N ASN C 301 33.94 5.22 14.77
CA ASN C 301 35.13 4.79 14.05
C ASN C 301 35.50 5.77 12.96
N THR C 302 34.52 6.26 12.21
CA THR C 302 34.81 7.20 11.14
C THR C 302 35.44 8.47 11.69
N LYS C 303 34.85 9.05 12.73
CA LYS C 303 35.41 10.29 13.28
C LYS C 303 36.83 10.06 13.80
N PHE C 304 37.03 8.96 14.52
CA PHE C 304 38.34 8.71 15.11
C PHE C 304 39.39 8.47 14.04
N VAL C 305 39.04 7.71 12.99
CA VAL C 305 40.02 7.43 11.94
C VAL C 305 40.33 8.69 11.15
N THR C 306 39.31 9.51 10.88
CA THR C 306 39.57 10.76 10.17
C THR C 306 40.49 11.66 10.98
N SER C 307 40.24 11.78 12.28
CA SER C 307 41.09 12.60 13.12
C SER C 307 42.52 12.08 13.12
N MET C 308 42.68 10.76 13.23
CA MET C 308 44.02 10.18 13.28
C MET C 308 44.75 10.37 11.97
N TYR C 309 44.03 10.20 10.85
CA TYR C 309 44.60 10.44 9.53
C TYR C 309 45.08 11.87 9.40
N ASN C 310 44.26 12.82 9.83
CA ASN C 310 44.64 14.22 9.71
C ASN C 310 45.85 14.53 10.59
N GLU C 311 45.87 14.01 11.82
CA GLU C 311 47.00 14.25 12.70
C GLU C 311 48.28 13.66 12.14
N ILE C 312 48.22 12.42 11.66
CA ILE C 312 49.41 11.77 11.10
C ILE C 312 49.89 12.53 9.87
N LEU C 313 48.96 12.96 9.02
CA LEU C 313 49.35 13.67 7.81
C LEU C 313 50.05 14.99 8.16
N ILE C 314 49.47 15.75 9.09
CA ILE C 314 50.06 17.03 9.48
C ILE C 314 51.43 16.82 10.11
N LEU C 315 51.54 15.83 11.00
CA LEU C 315 52.82 15.56 11.65
C LEU C 315 53.87 15.16 10.63
N GLY C 316 53.50 14.32 9.66
CA GLY C 316 54.45 13.93 8.65
C GLY C 316 54.88 15.08 7.78
N ALA C 317 53.94 15.95 7.40
CA ALA C 317 54.29 17.11 6.60
C ALA C 317 55.24 18.01 7.37
N LYS C 318 55.00 18.19 8.67
CA LYS C 318 55.91 18.98 9.50
C LYS C 318 57.29 18.34 9.55
N LEU C 319 57.33 17.01 9.68
CA LEU C 319 58.63 16.33 9.80
C LEU C 319 59.34 16.24 8.46
N HIS C 320 58.63 15.83 7.40
CA HIS C 320 59.23 15.58 6.09
C HIS C 320 58.42 16.30 5.02
N PRO C 321 58.62 17.61 4.87
CA PRO C 321 57.89 18.33 3.82
C PRO C 321 58.14 17.78 2.42
N THR C 322 59.37 17.35 2.12
CA THR C 322 59.70 16.93 0.77
C THR C 322 58.96 15.67 0.37
N LEU C 323 58.91 14.69 1.28
CA LEU C 323 58.30 13.40 0.96
C LEU C 323 56.79 13.54 0.81
N LYS C 324 56.23 12.67 -0.03
CA LYS C 324 54.78 12.56 -0.20
C LYS C 324 54.31 11.25 0.39
N LEU C 325 53.37 11.34 1.33
CA LEU C 325 52.90 10.19 2.08
C LEU C 325 51.74 9.48 1.39
N GLU C 326 50.86 10.25 0.73
CA GLU C 326 49.74 9.63 0.03
C GLU C 326 50.17 8.96 -1.26
N GLU C 327 51.27 9.42 -1.87
CA GLU C 327 51.72 8.82 -3.12
C GLU C 327 52.20 7.39 -2.89
N ILE C 328 52.71 7.09 -1.69
CA ILE C 328 53.19 5.75 -1.41
C ILE C 328 52.07 4.75 -1.65
N THR C 329 52.43 3.62 -2.24
CA THR C 329 51.47 2.58 -2.61
C THR C 329 51.85 1.27 -1.95
N ASN C 330 50.84 0.44 -1.69
CA ASN C 330 51.07 -0.88 -1.13
C ASN C 330 51.53 -1.83 -2.25
N ARG C 331 51.76 -3.09 -1.86
CA ARG C 331 52.22 -4.07 -2.84
C ARG C 331 51.24 -4.20 -4.00
N LYS C 332 49.95 -4.05 -3.74
CA LYS C 332 48.94 -4.15 -4.79
C LYS C 332 48.91 -2.93 -5.71
N GLY C 333 49.61 -1.85 -5.35
CA GLY C 333 49.57 -0.63 -6.13
C GLY C 333 48.44 0.31 -5.79
N LEU C 334 47.71 0.08 -4.70
CA LEU C 334 46.57 0.90 -4.32
C LEU C 334 46.98 1.92 -3.28
N THR C 335 46.64 3.17 -3.53
CA THR C 335 46.87 4.25 -2.58
C THR C 335 45.78 4.24 -1.53
N PRO C 336 45.97 4.98 -0.42
CA PRO C 336 44.93 4.99 0.62
C PRO C 336 43.57 5.41 0.08
N LEU C 337 43.55 6.39 -0.84
CA LEU C 337 42.29 6.83 -1.41
C LEU C 337 41.66 5.72 -2.26
N ALA C 338 42.45 5.13 -3.16
CA ALA C 338 41.94 4.03 -3.97
C ALA C 338 41.60 2.83 -3.11
N LEU C 339 42.36 2.59 -2.05
CA LEU C 339 42.05 1.49 -1.16
C LEU C 339 40.70 1.70 -0.49
N ALA C 340 40.45 2.91 0.01
CA ALA C 340 39.17 3.20 0.64
C ALA C 340 38.03 3.08 -0.37
N ALA C 341 38.24 3.57 -1.59
CA ALA C 341 37.21 3.46 -2.61
C ALA C 341 36.89 2.01 -2.93
N SER C 342 37.93 1.19 -3.14
CA SER C 342 37.73 -0.21 -3.45
C SER C 342 37.04 -0.95 -2.30
N SER C 343 37.44 -0.67 -1.07
CA SER C 343 36.96 -1.42 0.08
C SER C 343 35.59 -0.98 0.56
N GLY C 344 35.06 0.12 0.03
CA GLY C 344 33.73 0.56 0.41
C GLY C 344 33.67 1.44 1.63
N LYS C 345 34.78 2.08 2.00
CA LYS C 345 34.83 2.93 3.19
C LYS C 345 34.40 4.33 2.79
N ILE C 346 33.10 4.58 2.85
CA ILE C 346 32.56 5.84 2.35
C ILE C 346 32.97 6.99 3.25
N GLY C 347 33.07 6.75 4.56
CA GLY C 347 33.44 7.83 5.46
C GLY C 347 34.83 8.37 5.21
N VAL C 348 35.81 7.47 5.11
CA VAL C 348 37.19 7.90 4.86
C VAL C 348 37.30 8.55 3.49
N LEU C 349 36.65 7.97 2.49
CA LEU C 349 36.67 8.54 1.15
C LEU C 349 36.12 9.96 1.16
N ALA C 350 34.98 10.15 1.81
CA ALA C 350 34.37 11.47 1.88
C ALA C 350 35.28 12.44 2.60
N TYR C 351 35.92 12.00 3.68
CA TYR C 351 36.84 12.88 4.38
C TYR C 351 37.99 13.31 3.47
N ILE C 352 38.57 12.36 2.73
CA ILE C 352 39.74 12.70 1.92
C ILE C 352 39.35 13.64 0.79
N LEU C 353 38.27 13.33 0.08
CA LEU C 353 37.92 14.12 -1.09
C LEU C 353 37.64 15.57 -0.72
N GLN C 354 37.08 15.80 0.46
CA GLN C 354 36.72 17.13 0.92
C GLN C 354 37.63 17.65 2.03
N ARG C 355 38.87 17.18 2.10
CA ARG C 355 39.77 17.62 3.15
C ARG C 355 40.17 19.08 2.95
N GLU C 356 40.08 19.85 4.02
CA GLU C 356 40.53 21.24 4.04
C GLU C 356 41.43 21.44 5.25
N ILE C 357 42.59 22.07 5.04
CA ILE C 357 43.57 22.31 6.09
C ILE C 357 43.96 23.78 6.04
N HIS C 358 43.50 24.54 7.03
CA HIS C 358 43.70 25.98 7.05
C HIS C 358 45.02 26.40 7.70
N GLU C 359 45.87 25.44 8.07
CA GLU C 359 47.13 25.79 8.71
C GLU C 359 48.06 26.46 7.71
N PRO C 360 48.56 27.67 7.98
CA PRO C 360 49.46 28.31 7.00
C PRO C 360 50.70 27.47 6.71
N GLU C 361 51.21 26.76 7.71
CA GLU C 361 52.43 25.98 7.50
C GLU C 361 52.24 24.91 6.45
N CYS C 362 51.08 24.23 6.46
CA CYS C 362 50.79 23.16 5.52
C CYS C 362 49.35 23.30 5.03
N ARG C 363 49.19 24.03 3.93
CA ARG C 363 47.93 24.10 3.20
C ARG C 363 47.92 23.24 1.95
N HIS C 364 49.10 22.82 1.49
CA HIS C 364 49.20 22.01 0.27
C HIS C 364 48.51 20.66 0.43
N LEU C 365 48.32 20.21 1.67
CA LEU C 365 47.80 18.86 1.89
C LEU C 365 46.31 18.81 1.64
N SER C 366 45.65 19.96 1.67
CA SER C 366 44.21 20.00 1.49
C SER C 366 43.82 19.81 0.03
N ARG C 367 42.62 19.27 -0.18
CA ARG C 367 42.09 19.00 -1.50
C ARG C 367 40.99 19.98 -1.90
N LYS C 368 40.41 20.70 -0.95
CA LYS C 368 39.31 21.63 -1.21
C LYS C 368 39.66 23.03 -0.78
N PHE C 369 39.39 23.97 -1.68
CA PHE C 369 39.84 25.36 -1.66
C PHE C 369 38.67 26.29 -1.93
N THR C 370 38.76 27.52 -1.42
CA THR C 370 37.81 28.58 -1.71
C THR C 370 38.51 29.61 -2.59
N GLU C 371 38.13 29.66 -3.87
CA GLU C 371 38.74 30.60 -4.79
C GLU C 371 38.42 32.04 -4.39
N TRP C 372 37.17 32.31 -4.06
CA TRP C 372 36.77 33.64 -3.62
C TRP C 372 35.41 33.56 -2.95
N ALA C 373 35.04 34.67 -2.30
CA ALA C 373 33.73 34.82 -1.67
C ALA C 373 33.26 36.24 -1.88
N TYR C 374 32.06 36.39 -2.43
CA TYR C 374 31.44 37.69 -2.65
C TYR C 374 30.37 38.01 -1.62
N GLY C 375 30.51 37.49 -0.41
CA GLY C 375 29.52 37.68 0.62
C GLY C 375 28.69 36.43 0.84
N PRO C 376 27.44 36.44 0.38
CA PRO C 376 26.65 35.21 0.45
C PRO C 376 27.23 34.11 -0.44
N VAL C 377 27.82 34.51 -1.57
CA VAL C 377 28.32 33.54 -2.54
C VAL C 377 29.72 33.07 -2.14
N HIS C 378 30.08 31.87 -2.58
CA HIS C 378 31.42 31.34 -2.40
C HIS C 378 31.72 30.44 -3.59
N SER C 379 32.98 30.38 -3.98
CA SER C 379 33.43 29.52 -5.06
C SER C 379 34.52 28.60 -4.54
N SER C 380 34.31 27.30 -4.66
CA SER C 380 35.22 26.30 -4.16
C SER C 380 35.85 25.53 -5.32
N LEU C 381 37.00 24.93 -5.05
CA LEU C 381 37.73 24.16 -6.04
C LEU C 381 38.07 22.78 -5.49
N TYR C 382 37.85 21.76 -6.30
CA TYR C 382 38.21 20.39 -5.98
C TYR C 382 39.34 19.92 -6.89
N ASP C 383 40.11 18.94 -6.42
CA ASP C 383 41.45 18.72 -6.95
C ASP C 383 41.44 17.83 -8.17
N LEU C 384 40.76 16.68 -8.10
CA LEU C 384 40.69 15.74 -9.23
C LEU C 384 42.05 15.14 -9.56
N SER C 385 42.94 15.01 -8.57
CA SER C 385 44.28 14.52 -8.85
C SER C 385 44.24 13.10 -9.41
N CYS C 386 43.59 12.19 -8.68
CA CYS C 386 43.23 10.88 -9.21
C CYS C 386 41.75 10.53 -9.05
N ILE C 387 40.86 11.47 -9.27
CA ILE C 387 39.44 11.12 -9.36
C ILE C 387 39.08 10.70 -10.77
N ASP C 388 39.64 11.34 -11.79
CA ASP C 388 39.20 11.15 -13.16
C ASP C 388 40.25 10.49 -14.06
N THR C 389 41.44 11.06 -14.18
CA THR C 389 42.40 10.66 -15.21
C THR C 389 43.58 9.86 -14.66
N CYS C 390 43.51 9.38 -13.43
CA CYS C 390 44.68 8.75 -12.83
C CYS C 390 45.01 7.48 -13.60
N GLU C 391 46.29 7.29 -13.92
CA GLU C 391 46.65 6.35 -14.97
C GLU C 391 46.22 4.92 -14.65
N LYS C 392 46.49 4.47 -13.43
CA LYS C 392 46.30 3.06 -13.08
C LYS C 392 44.94 2.79 -12.44
N ASN C 393 44.65 3.42 -11.31
CA ASN C 393 43.43 3.16 -10.55
C ASN C 393 42.76 4.50 -10.23
N SER C 394 41.92 4.95 -11.15
CA SER C 394 41.10 6.12 -10.90
C SER C 394 39.94 5.74 -9.99
N VAL C 395 39.61 6.65 -9.07
CA VAL C 395 38.60 6.35 -8.06
C VAL C 395 37.26 6.07 -8.71
N LEU C 396 36.86 6.90 -9.68
CA LEU C 396 35.62 6.67 -10.39
C LEU C 396 35.63 5.31 -11.08
N GLU C 397 36.69 5.04 -11.84
CA GLU C 397 36.85 3.75 -12.50
C GLU C 397 36.75 2.61 -11.49
N VAL C 398 37.31 2.80 -10.30
CA VAL C 398 37.36 1.74 -9.31
C VAL C 398 35.97 1.49 -8.72
N ILE C 399 35.22 2.55 -8.46
CA ILE C 399 33.89 2.39 -7.86
C ILE C 399 32.92 1.78 -8.86
N ALA C 400 32.90 2.31 -10.08
CA ALA C 400 31.96 1.80 -11.08
C ALA C 400 32.22 0.34 -11.40
N TYR C 401 33.48 -0.03 -11.53
CA TYR C 401 33.94 -1.35 -11.96
C TYR C 401 34.05 -2.34 -10.80
N SER C 402 33.37 -2.08 -9.69
CA SER C 402 33.45 -2.96 -8.53
C SER C 402 32.65 -4.24 -8.78
N SER C 403 32.85 -5.21 -7.88
CA SER C 403 32.28 -6.53 -8.01
C SER C 403 31.09 -6.76 -7.07
N SER C 404 30.63 -5.72 -6.38
CA SER C 404 29.49 -5.75 -5.47
C SER C 404 29.84 -6.38 -4.13
N GLU C 405 31.09 -6.81 -3.92
CA GLU C 405 31.48 -7.29 -2.61
C GLU C 405 31.41 -6.16 -1.59
N THR C 406 31.66 -4.94 -2.03
CA THR C 406 31.64 -3.80 -1.13
C THR C 406 30.24 -3.62 -0.55
N PRO C 407 30.12 -3.24 0.73
CA PRO C 407 28.77 -3.09 1.31
C PRO C 407 27.94 -2.01 0.63
N ASN C 408 28.53 -0.84 0.38
CA ASN C 408 27.81 0.30 -0.19
C ASN C 408 28.65 0.94 -1.30
N ARG C 409 28.40 0.53 -2.54
CA ARG C 409 28.98 1.24 -3.67
C ARG C 409 27.98 2.20 -4.30
N HIS C 410 26.70 2.05 -3.99
CA HIS C 410 25.70 2.96 -4.51
C HIS C 410 25.82 4.34 -3.90
N ASP C 411 26.10 4.41 -2.60
CA ASP C 411 26.15 5.69 -1.90
C ASP C 411 27.47 6.41 -2.12
N MET C 412 28.47 5.70 -2.63
CA MET C 412 29.79 6.28 -2.81
C MET C 412 29.77 7.45 -3.77
N LEU C 413 29.05 7.31 -4.88
CA LEU C 413 29.02 8.36 -5.89
C LEU C 413 28.28 9.60 -5.42
N LEU C 414 27.62 9.54 -4.26
CA LEU C 414 26.83 10.66 -3.77
C LEU C 414 27.69 11.79 -3.24
N VAL C 415 28.98 11.56 -2.99
CA VAL C 415 29.82 12.62 -2.45
C VAL C 415 29.81 13.81 -3.41
N GLU C 416 30.16 14.98 -2.89
CA GLU C 416 29.95 16.21 -3.63
C GLU C 416 30.69 16.25 -4.96
N PRO C 417 32.00 15.98 -5.04
CA PRO C 417 32.70 16.18 -6.32
C PRO C 417 32.29 15.18 -7.38
N LEU C 418 32.15 13.90 -7.03
CA LEU C 418 31.95 12.87 -8.05
C LEU C 418 30.62 13.03 -8.76
N ASN C 419 29.56 13.32 -8.00
CA ASN C 419 28.24 13.48 -8.61
C ASN C 419 28.25 14.58 -9.67
N ARG C 420 28.80 15.74 -9.31
CA ARG C 420 28.80 16.88 -10.22
C ARG C 420 29.74 16.63 -11.39
N LEU C 421 30.85 15.93 -11.15
CA LEU C 421 31.77 15.62 -12.23
C LEU C 421 31.11 14.70 -13.25
N LEU C 422 30.44 13.67 -12.78
CA LEU C 422 29.74 12.77 -13.68
C LEU C 422 28.65 13.49 -14.45
N GLN C 423 27.88 14.35 -13.78
CA GLN C 423 26.82 15.04 -14.48
C GLN C 423 27.40 15.98 -15.54
N ASP C 424 28.53 16.62 -15.24
CA ASP C 424 29.18 17.45 -16.23
C ASP C 424 29.61 16.64 -17.44
N LYS C 425 30.21 15.47 -17.20
CA LYS C 425 30.62 14.62 -18.30
C LYS C 425 29.42 14.19 -19.15
N TRP C 426 28.29 13.93 -18.49
CA TRP C 426 27.09 13.51 -19.20
C TRP C 426 26.54 14.65 -20.05
N ASP C 427 26.35 15.81 -19.45
CA ASP C 427 25.78 16.94 -20.17
C ASP C 427 26.70 17.47 -21.25
N ARG C 428 28.01 17.18 -21.18
CA ARG C 428 28.93 17.78 -22.13
C ARG C 428 28.93 17.02 -23.45
N PHE C 429 29.30 15.73 -23.43
CA PHE C 429 29.49 15.00 -24.68
C PHE C 429 28.91 13.59 -24.74
N VAL C 430 28.70 12.93 -23.59
CA VAL C 430 28.28 11.53 -23.67
C VAL C 430 26.80 11.38 -23.99
N LYS C 431 25.99 12.39 -23.68
CA LYS C 431 24.56 12.29 -23.92
C LYS C 431 24.25 12.10 -25.40
N ARG C 432 24.91 12.89 -26.26
CA ARG C 432 24.68 12.79 -27.69
C ARG C 432 25.11 11.42 -28.22
N ILE C 433 26.23 10.91 -27.72
CA ILE C 433 26.72 9.61 -28.15
C ILE C 433 25.72 8.53 -27.76
N PHE C 434 25.20 8.59 -26.54
CA PHE C 434 24.21 7.62 -26.10
C PHE C 434 22.97 7.66 -26.96
N TYR C 435 22.50 8.87 -27.29
CA TYR C 435 21.32 9.01 -28.13
C TYR C 435 21.57 8.44 -29.53
N PHE C 436 22.76 8.68 -30.07
CA PHE C 436 23.12 8.12 -31.37
C PHE C 436 23.11 6.60 -31.35
N ASN C 437 23.68 6.01 -30.31
CA ASN C 437 23.69 4.56 -30.19
C ASN C 437 22.28 4.00 -30.07
N PHE C 438 21.42 4.68 -29.31
CA PHE C 438 20.03 4.28 -29.19
C PHE C 438 19.32 4.31 -30.54
N PHE C 439 19.54 5.38 -31.31
CA PHE C 439 18.96 5.47 -32.65
C PHE C 439 19.43 4.34 -33.54
N VAL C 440 20.74 4.05 -33.51
CA VAL C 440 21.29 3.00 -34.35
C VAL C 440 20.71 1.64 -33.98
N TYR C 441 20.60 1.36 -32.69
CA TYR C 441 20.02 0.09 -32.27
C TYR C 441 18.57 -0.02 -32.69
N CYS C 442 17.81 1.07 -32.57
CA CYS C 442 16.44 1.06 -33.06
C CYS C 442 16.38 0.70 -34.54
N LEU C 443 17.23 1.34 -35.35
CA LEU C 443 17.27 1.02 -36.77
C LEU C 443 17.60 -0.44 -37.00
N TYR C 444 18.62 -0.94 -36.29
CA TYR C 444 19.00 -2.34 -36.43
C TYR C 444 17.85 -3.27 -36.14
N MET C 445 17.11 -3.00 -35.07
CA MET C 445 15.99 -3.86 -34.71
C MET C 445 14.89 -3.80 -35.76
N ILE C 446 14.65 -2.62 -36.32
CA ILE C 446 13.65 -2.50 -37.38
C ILE C 446 14.06 -3.30 -38.61
N ILE C 447 15.33 -3.19 -39.01
CA ILE C 447 15.82 -3.94 -40.15
C ILE C 447 15.66 -5.44 -39.90
N PHE C 448 16.06 -5.90 -38.72
CA PHE C 448 15.95 -7.31 -38.38
C PHE C 448 14.50 -7.77 -38.41
N THR C 449 13.59 -6.98 -37.83
CA THR C 449 12.18 -7.32 -37.83
C THR C 449 11.64 -7.46 -39.25
N ALA C 450 11.92 -6.47 -40.10
CA ALA C 450 11.41 -6.51 -41.47
C ALA C 450 11.98 -7.69 -42.25
N ALA C 451 13.27 -7.95 -42.09
CA ALA C 451 13.89 -9.07 -42.81
C ALA C 451 13.32 -10.40 -42.35
N ALA C 452 13.09 -10.56 -41.05
CA ALA C 452 12.55 -11.82 -40.55
C ALA C 452 11.10 -12.01 -40.95
N TYR C 453 10.34 -10.93 -41.01
CA TYR C 453 8.92 -11.02 -41.34
C TYR C 453 8.71 -11.57 -42.75
N TYR C 454 9.55 -11.15 -43.69
CA TYR C 454 9.42 -11.52 -45.10
C TYR C 454 10.31 -12.68 -45.48
N ARG C 455 10.57 -13.59 -44.55
CA ARG C 455 11.41 -14.72 -44.85
C ARG C 455 10.75 -15.62 -45.90
N PRO C 456 11.52 -16.29 -46.73
CA PRO C 456 10.93 -17.27 -47.64
C PRO C 456 10.39 -18.46 -46.87
N VAL C 457 9.40 -19.12 -47.48
CA VAL C 457 8.72 -20.24 -46.85
C VAL C 457 8.74 -21.49 -47.71
N GLU C 458 9.15 -21.40 -48.97
CA GLU C 458 9.09 -22.52 -49.90
C GLU C 458 10.45 -23.21 -49.96
N GLY C 459 10.51 -24.44 -49.50
CA GLY C 459 11.71 -25.24 -49.61
C GLY C 459 12.53 -25.29 -48.35
N LEU C 460 13.81 -25.61 -48.49
CA LEU C 460 14.76 -25.65 -47.39
C LEU C 460 15.82 -24.58 -47.63
N PRO C 461 16.42 -24.07 -46.57
CA PRO C 461 17.49 -23.11 -46.73
C PRO C 461 18.77 -23.79 -47.17
N PRO C 462 19.69 -23.06 -47.82
CA PRO C 462 19.60 -21.64 -48.18
C PRO C 462 18.68 -21.41 -49.36
N TYR C 463 18.13 -20.20 -49.47
CA TYR C 463 17.16 -19.85 -50.49
C TYR C 463 17.86 -19.11 -51.62
N LYS C 464 17.59 -19.55 -52.84
CA LYS C 464 18.25 -18.97 -54.00
C LYS C 464 17.81 -17.52 -54.18
N LEU C 465 18.76 -16.68 -54.56
CA LEU C 465 18.46 -15.28 -54.78
C LEU C 465 17.64 -15.11 -56.04
N LYS C 466 17.01 -13.94 -56.15
CA LYS C 466 16.25 -13.56 -57.33
C LYS C 466 16.60 -12.12 -57.70
N ASN C 467 16.30 -11.78 -58.96
CA ASN C 467 16.50 -10.42 -59.43
C ASN C 467 15.46 -9.45 -58.90
N THR C 468 14.44 -9.94 -58.20
CA THR C 468 13.44 -9.06 -57.62
C THR C 468 14.10 -8.09 -56.64
N VAL C 469 13.71 -6.82 -56.73
CA VAL C 469 14.31 -5.79 -55.88
C VAL C 469 14.04 -6.08 -54.40
N GLY C 470 12.81 -6.50 -54.09
CA GLY C 470 12.50 -6.83 -52.72
C GLY C 470 13.40 -7.90 -52.16
N ASP C 471 13.81 -8.85 -53.00
CA ASP C 471 14.73 -9.89 -52.55
C ASP C 471 16.10 -9.30 -52.23
N TYR C 472 16.55 -8.34 -53.03
CA TYR C 472 17.82 -7.68 -52.72
C TYR C 472 17.74 -6.97 -51.38
N PHE C 473 16.64 -6.26 -51.14
CA PHE C 473 16.48 -5.59 -49.85
C PHE C 473 16.46 -6.60 -48.71
N ARG C 474 15.76 -7.71 -48.90
CA ARG C 474 15.70 -8.74 -47.86
C ARG C 474 17.09 -9.27 -47.54
N VAL C 475 17.88 -9.56 -48.57
CA VAL C 475 19.22 -10.07 -48.34
C VAL C 475 20.09 -9.03 -47.64
N THR C 476 19.93 -7.76 -48.03
CA THR C 476 20.68 -6.70 -47.37
C THR C 476 20.33 -6.65 -45.89
N GLY C 477 19.05 -6.74 -45.56
CA GLY C 477 18.64 -6.76 -44.17
C GLY C 477 19.21 -7.95 -43.42
N GLU C 478 19.21 -9.11 -44.05
CA GLU C 478 19.76 -10.30 -43.40
C GLU C 478 21.23 -10.10 -43.08
N ILE C 479 22.00 -9.56 -44.03
CA ILE C 479 23.42 -9.36 -43.83
C ILE C 479 23.67 -8.37 -42.71
N LEU C 480 22.90 -7.27 -42.70
CA LEU C 480 23.07 -6.28 -41.63
C LEU C 480 22.75 -6.88 -40.27
N SER C 481 21.69 -7.69 -40.19
CA SER C 481 21.35 -8.34 -38.93
C SER C 481 22.48 -9.23 -38.44
N VAL C 482 23.05 -10.03 -39.34
CA VAL C 482 24.13 -10.92 -38.95
C VAL C 482 25.33 -10.11 -38.48
N SER C 483 25.63 -9.01 -39.16
CA SER C 483 26.75 -8.17 -38.77
C SER C 483 26.55 -7.60 -37.37
N GLY C 484 25.36 -7.09 -37.09
CA GLY C 484 25.07 -6.63 -35.74
C GLY C 484 25.25 -7.72 -34.71
N GLY C 485 24.82 -8.93 -35.04
CA GLY C 485 24.95 -10.03 -34.10
C GLY C 485 26.39 -10.35 -33.77
N VAL C 486 27.23 -10.45 -34.79
CA VAL C 486 28.63 -10.77 -34.55
C VAL C 486 29.33 -9.61 -33.83
N TYR C 487 28.92 -8.38 -34.11
CA TYR C 487 29.46 -7.24 -33.38
C TYR C 487 29.16 -7.35 -31.89
N PHE C 488 27.91 -7.67 -31.54
CA PHE C 488 27.58 -7.83 -30.13
C PHE C 488 28.33 -9.00 -29.51
N PHE C 489 28.52 -10.06 -30.29
CA PHE C 489 29.32 -11.20 -29.84
C PHE C 489 30.72 -10.75 -29.41
N PHE C 490 31.40 -10.02 -30.30
CA PHE C 490 32.76 -9.61 -30.00
C PHE C 490 32.81 -8.58 -28.87
N ARG C 491 31.81 -7.71 -28.78
CA ARG C 491 31.77 -6.75 -27.69
C ARG C 491 31.63 -7.45 -26.34
N GLY C 492 30.77 -8.48 -26.27
CA GLY C 492 30.68 -9.25 -25.04
C GLY C 492 31.98 -9.95 -24.70
N ILE C 493 32.65 -10.49 -25.73
CA ILE C 493 33.94 -11.13 -25.49
C ILE C 493 34.93 -10.14 -24.88
N GLN C 494 35.05 -8.97 -25.49
CA GLN C 494 36.03 -8.01 -24.99
C GLN C 494 35.66 -7.50 -23.62
N TYR C 495 34.37 -7.34 -23.34
CA TYR C 495 33.96 -7.00 -21.98
C TYR C 495 34.44 -8.05 -20.99
N PHE C 496 34.24 -9.33 -21.31
CA PHE C 496 34.64 -10.38 -20.39
C PHE C 496 36.14 -10.36 -20.17
N LEU C 497 36.91 -10.17 -21.23
CA LEU C 497 38.37 -10.14 -21.12
C LEU C 497 38.82 -8.96 -20.27
N GLN C 498 38.34 -7.77 -20.60
CA GLN C 498 38.76 -6.54 -19.96
C GLN C 498 38.38 -6.52 -18.49
N ARG C 499 37.10 -6.76 -18.18
CA ARG C 499 36.61 -6.62 -16.82
C ARG C 499 36.95 -7.82 -15.94
N ARG C 500 37.34 -8.94 -16.53
CA ARG C 500 37.72 -10.13 -15.81
C ARG C 500 36.76 -10.40 -14.65
N PRO C 501 35.46 -10.38 -14.90
CA PRO C 501 34.51 -10.53 -13.80
C PRO C 501 34.61 -11.89 -13.15
N SER C 502 34.38 -11.91 -11.84
CA SER C 502 34.32 -13.17 -11.13
C SER C 502 33.03 -13.92 -11.47
N LEU C 503 33.00 -15.18 -11.08
CA LEU C 503 31.83 -16.02 -11.36
C LEU C 503 30.58 -15.39 -10.74
N LYS C 504 30.67 -15.00 -9.47
CA LYS C 504 29.54 -14.32 -8.85
C LYS C 504 29.22 -13.03 -9.60
N SER C 505 30.22 -12.17 -9.80
CA SER C 505 29.98 -10.91 -10.48
C SER C 505 29.40 -11.15 -11.86
N LEU C 506 29.69 -12.31 -12.44
CA LEU C 506 29.08 -12.66 -13.71
C LEU C 506 27.60 -12.98 -13.53
N PHE C 507 27.24 -13.63 -12.41
CA PHE C 507 25.85 -14.02 -12.21
C PHE C 507 24.99 -12.85 -11.75
N VAL C 508 25.54 -11.95 -10.94
CA VAL C 508 24.76 -11.01 -10.15
C VAL C 508 24.76 -9.60 -10.71
N ASP C 509 25.77 -9.21 -11.48
CA ASP C 509 25.97 -7.81 -11.83
C ASP C 509 25.76 -7.53 -13.30
N SER C 510 26.31 -8.35 -14.19
CA SER C 510 26.37 -8.05 -15.62
C SER C 510 25.22 -8.75 -16.33
N TYR C 511 24.00 -8.28 -16.05
CA TYR C 511 22.82 -8.84 -16.69
C TYR C 511 22.70 -8.41 -18.14
N SER C 512 22.92 -7.13 -18.42
CA SER C 512 22.73 -6.61 -19.76
C SER C 512 23.73 -7.19 -20.74
N GLU C 513 25.00 -7.27 -20.33
CA GLU C 513 26.02 -7.84 -21.19
C GLU C 513 25.67 -9.29 -21.53
N ILE C 514 25.20 -10.04 -20.54
CA ILE C 514 24.81 -11.43 -20.76
C ILE C 514 23.65 -11.51 -21.74
N LEU C 515 22.66 -10.63 -21.57
CA LEU C 515 21.48 -10.68 -22.43
C LEU C 515 21.83 -10.37 -23.87
N PHE C 516 22.62 -9.33 -24.10
CA PHE C 516 23.05 -9.00 -25.45
C PHE C 516 23.89 -10.13 -26.05
N PHE C 517 24.77 -10.73 -25.24
CA PHE C 517 25.58 -11.83 -25.73
C PHE C 517 24.71 -13.02 -26.13
N VAL C 518 23.70 -13.33 -25.32
CA VAL C 518 22.81 -14.45 -25.63
C VAL C 518 22.03 -14.19 -26.90
N GLN C 519 21.57 -12.96 -27.09
CA GLN C 519 20.91 -12.59 -28.34
C GLN C 519 21.83 -12.84 -29.54
N SER C 520 23.08 -12.42 -29.42
CA SER C 520 24.04 -12.66 -30.50
C SER C 520 24.26 -14.14 -30.72
N LEU C 521 24.33 -14.92 -29.65
CA LEU C 521 24.49 -16.36 -29.78
C LEU C 521 23.35 -16.98 -30.54
N PHE C 522 22.12 -16.58 -30.23
CA PHE C 522 20.96 -17.10 -30.94
C PHE C 522 21.06 -16.77 -32.42
N MET C 523 21.46 -15.54 -32.75
CA MET C 523 21.62 -15.18 -34.15
C MET C 523 22.66 -16.05 -34.84
N LEU C 524 23.81 -16.25 -34.20
CA LEU C 524 24.89 -17.00 -34.83
C LEU C 524 24.49 -18.46 -35.02
N VAL C 525 23.85 -19.04 -34.03
CA VAL C 525 23.33 -20.40 -34.15
C VAL C 525 22.32 -20.47 -35.30
N SER C 526 21.51 -19.43 -35.46
CA SER C 526 20.56 -19.40 -36.57
C SER C 526 21.28 -19.43 -37.90
N VAL C 527 22.36 -18.66 -38.02
CA VAL C 527 23.14 -18.69 -39.27
C VAL C 527 23.70 -20.08 -39.52
N VAL C 528 24.26 -20.68 -38.47
CA VAL C 528 24.86 -22.00 -38.61
C VAL C 528 23.83 -23.01 -39.11
N LEU C 529 22.64 -22.99 -38.49
CA LEU C 529 21.60 -23.93 -38.88
C LEU C 529 21.07 -23.61 -40.27
N TYR C 530 21.06 -22.34 -40.64
CA TYR C 530 20.55 -21.94 -41.95
C TYR C 530 21.44 -22.47 -43.07
N PHE C 531 22.76 -22.38 -42.88
CA PHE C 531 23.66 -22.89 -43.91
C PHE C 531 23.86 -24.39 -43.79
N SER C 532 23.42 -25.00 -42.69
CA SER C 532 23.42 -26.45 -42.52
C SER C 532 22.15 -27.08 -43.07
N GLN C 533 21.36 -26.32 -43.83
CA GLN C 533 20.12 -26.76 -44.47
C GLN C 533 19.03 -27.18 -43.49
N ARG C 534 19.26 -27.05 -42.19
CA ARG C 534 18.20 -27.31 -41.23
C ARG C 534 17.18 -26.18 -41.25
N LYS C 535 15.94 -26.54 -40.99
CA LYS C 535 14.84 -25.58 -40.96
C LYS C 535 14.61 -24.98 -39.58
N GLU C 536 15.25 -25.52 -38.55
CA GLU C 536 15.05 -25.07 -37.18
C GLU C 536 15.57 -23.67 -36.94
N TYR C 537 16.33 -23.10 -37.87
CA TYR C 537 16.95 -21.80 -37.65
C TYR C 537 15.92 -20.76 -37.27
N VAL C 538 14.72 -20.84 -37.83
CA VAL C 538 13.68 -19.87 -37.52
C VAL C 538 13.52 -19.75 -36.02
N ALA C 539 13.37 -20.88 -35.33
CA ALA C 539 13.27 -20.86 -33.88
C ALA C 539 14.29 -19.91 -33.29
N SER C 540 15.58 -20.20 -33.51
CA SER C 540 16.62 -19.36 -32.95
C SER C 540 16.35 -17.90 -33.26
N MET C 541 16.15 -17.60 -34.55
CA MET C 541 15.95 -16.21 -34.95
C MET C 541 14.87 -15.55 -34.11
N VAL C 542 13.71 -16.19 -33.99
CA VAL C 542 12.62 -15.50 -33.30
C VAL C 542 13.02 -15.18 -31.88
N PHE C 543 13.65 -16.12 -31.18
CA PHE C 543 14.08 -15.83 -29.82
C PHE C 543 14.95 -14.58 -29.81
N SER C 544 15.96 -14.57 -30.67
CA SER C 544 16.81 -13.38 -30.76
C SER C 544 15.97 -12.15 -30.96
N LEU C 545 15.09 -12.18 -31.96
CA LEU C 545 14.20 -11.06 -32.21
C LEU C 545 13.56 -10.59 -30.93
N ALA C 546 12.84 -11.49 -30.25
CA ALA C 546 12.14 -11.09 -29.04
C ALA C 546 13.10 -10.44 -28.08
N MET C 547 14.22 -11.10 -27.79
CA MET C 547 15.10 -10.57 -26.77
C MET C 547 15.62 -9.21 -27.19
N GLY C 548 15.93 -9.06 -28.48
CA GLY C 548 16.35 -7.76 -28.96
C GLY C 548 15.41 -6.66 -28.53
N TRP C 549 14.12 -6.84 -28.78
CA TRP C 549 13.18 -5.78 -28.44
C TRP C 549 13.19 -5.51 -26.94
N THR C 550 13.22 -6.57 -26.14
CA THR C 550 13.26 -6.37 -24.70
C THR C 550 14.51 -5.64 -24.29
N ASN C 551 15.63 -5.94 -24.95
CA ASN C 551 16.89 -5.30 -24.60
C ASN C 551 16.89 -3.82 -24.93
N MET C 552 15.91 -3.36 -25.71
CA MET C 552 15.79 -1.93 -25.92
C MET C 552 15.61 -1.21 -24.60
N LEU C 553 15.08 -1.91 -23.61
CA LEU C 553 14.87 -1.32 -22.30
C LEU C 553 16.17 -0.86 -21.67
N TYR C 554 17.30 -1.41 -22.11
CA TYR C 554 18.59 -0.99 -21.59
C TYR C 554 18.79 0.50 -21.78
N TYR C 555 18.15 1.09 -22.78
CA TYR C 555 18.35 2.48 -23.08
C TYR C 555 17.43 3.40 -22.31
N THR C 556 16.79 2.88 -21.25
CA THR C 556 16.01 3.72 -20.36
C THR C 556 16.86 4.37 -19.29
N ARG C 557 18.15 4.10 -19.26
CA ARG C 557 19.05 4.65 -18.27
C ARG C 557 19.61 6.01 -18.66
N GLY C 558 19.33 6.47 -19.87
CA GLY C 558 19.62 7.84 -20.23
C GLY C 558 18.57 8.80 -19.77
N PHE C 559 17.47 8.30 -19.22
CA PHE C 559 16.38 9.10 -18.72
C PHE C 559 16.05 8.66 -17.31
N GLN C 560 15.88 9.63 -16.42
CA GLN C 560 15.87 9.36 -14.99
C GLN C 560 14.65 8.56 -14.59
N GLN C 561 13.47 9.00 -15.00
CA GLN C 561 12.23 8.36 -14.55
C GLN C 561 12.15 6.94 -15.06
N MET C 562 12.41 6.75 -16.35
CA MET C 562 12.33 5.43 -16.96
C MET C 562 13.44 4.51 -16.46
N GLY C 563 14.63 5.06 -16.20
CA GLY C 563 15.68 4.26 -15.63
C GLY C 563 15.33 3.73 -14.26
N ILE C 564 14.76 4.59 -13.41
CA ILE C 564 14.34 4.15 -12.09
C ILE C 564 13.23 3.11 -12.21
N TYR C 565 12.30 3.32 -13.13
CA TYR C 565 11.26 2.32 -13.38
C TYR C 565 11.86 0.97 -13.73
N ALA C 566 12.86 0.97 -14.62
CA ALA C 566 13.46 -0.29 -15.05
C ALA C 566 14.25 -0.95 -13.92
N VAL C 567 14.86 -0.16 -13.06
CA VAL C 567 15.52 -0.71 -11.88
C VAL C 567 14.51 -1.41 -10.99
N MET C 568 13.36 -0.77 -10.78
CA MET C 568 12.30 -1.41 -10.01
C MET C 568 11.87 -2.73 -10.65
N ILE C 569 11.73 -2.73 -11.97
CA ILE C 569 11.37 -3.96 -12.68
C ILE C 569 12.38 -5.06 -12.37
N GLU C 570 13.67 -4.73 -12.47
CA GLU C 570 14.72 -5.70 -12.16
C GLU C 570 14.56 -6.26 -10.76
N LYS C 571 14.38 -5.39 -9.77
CA LYS C 571 14.31 -5.84 -8.40
C LYS C 571 13.11 -6.75 -8.19
N MET C 572 11.96 -6.39 -8.75
CA MET C 572 10.78 -7.22 -8.61
C MET C 572 11.00 -8.58 -9.23
N ILE C 573 11.57 -8.62 -10.43
CA ILE C 573 11.86 -9.91 -11.05
C ILE C 573 12.73 -10.74 -10.13
N LEU C 574 13.78 -10.14 -9.57
CA LEU C 574 14.74 -10.91 -8.81
C LEU C 574 14.12 -11.49 -7.56
N ARG C 575 13.29 -10.72 -6.86
CA ARG C 575 12.76 -11.14 -5.57
C ARG C 575 11.37 -11.78 -5.66
N ASP C 576 10.39 -10.96 -6.06
CA ASP C 576 9.00 -11.34 -5.88
C ASP C 576 8.57 -12.43 -6.85
N LEU C 577 8.91 -12.28 -8.13
CA LEU C 577 8.58 -13.32 -9.09
C LEU C 577 9.27 -14.62 -8.74
N CYS C 578 10.53 -14.58 -8.35
CA CYS C 578 11.25 -15.81 -8.06
C CYS C 578 10.55 -16.59 -6.96
N ARG C 579 10.26 -15.92 -5.85
CA ARG C 579 9.58 -16.61 -4.75
C ARG C 579 8.20 -17.11 -5.17
N PHE C 580 7.41 -16.23 -5.76
CA PHE C 580 6.06 -16.58 -6.16
C PHE C 580 6.05 -17.76 -7.12
N MET C 581 7.00 -17.79 -8.05
CA MET C 581 6.97 -18.80 -9.09
C MET C 581 7.45 -20.14 -8.55
N PHE C 582 8.41 -20.13 -7.62
CA PHE C 582 8.71 -21.36 -6.92
C PHE C 582 7.43 -21.98 -6.38
N VAL C 583 6.75 -21.23 -5.51
CA VAL C 583 5.59 -21.77 -4.80
C VAL C 583 4.49 -22.15 -5.77
N TYR C 584 4.22 -21.28 -6.75
CA TYR C 584 3.15 -21.52 -7.70
C TYR C 584 3.40 -22.78 -8.51
N LEU C 585 4.64 -23.01 -8.92
CA LEU C 585 4.95 -24.19 -9.71
C LEU C 585 4.81 -25.44 -8.87
N VAL C 586 5.22 -25.38 -7.61
CA VAL C 586 5.00 -26.53 -6.73
C VAL C 586 3.52 -26.89 -6.69
N PHE C 587 2.68 -25.89 -6.41
CA PHE C 587 1.25 -26.16 -6.28
C PHE C 587 0.64 -26.65 -7.59
N LEU C 588 0.99 -26.00 -8.69
CA LEU C 588 0.47 -26.39 -10.00
C LEU C 588 0.84 -27.81 -10.35
N PHE C 589 2.09 -28.19 -10.16
CA PHE C 589 2.49 -29.55 -10.50
C PHE C 589 1.78 -30.56 -9.61
N GLY C 590 1.68 -30.28 -8.32
CA GLY C 590 0.98 -31.21 -7.44
C GLY C 590 -0.46 -31.45 -7.86
N PHE C 591 -1.21 -30.36 -8.04
CA PHE C 591 -2.61 -30.50 -8.37
C PHE C 591 -2.80 -31.08 -9.78
N SER C 592 -1.87 -30.80 -10.69
CA SER C 592 -1.95 -31.37 -12.03
C SER C 592 -1.73 -32.87 -12.00
N THR C 593 -0.75 -33.33 -11.22
CA THR C 593 -0.58 -34.77 -11.08
C THR C 593 -1.81 -35.42 -10.48
N ALA C 594 -2.38 -34.82 -9.45
CA ALA C 594 -3.59 -35.38 -8.85
C ALA C 594 -4.71 -35.48 -9.87
N VAL C 595 -4.97 -34.39 -10.60
CA VAL C 595 -6.06 -34.36 -11.56
C VAL C 595 -5.83 -35.36 -12.67
N VAL C 596 -4.59 -35.46 -13.16
CA VAL C 596 -4.29 -36.38 -14.26
C VAL C 596 -4.47 -37.82 -13.82
N THR C 597 -4.02 -38.14 -12.60
CA THR C 597 -4.24 -39.47 -12.07
C THR C 597 -5.72 -39.80 -11.96
N LEU C 598 -6.52 -38.86 -11.44
CA LEU C 598 -7.95 -39.10 -11.35
C LEU C 598 -8.56 -39.43 -12.71
N ILE C 599 -8.10 -38.73 -13.75
CA ILE C 599 -8.66 -38.89 -15.09
C ILE C 599 -8.37 -40.29 -15.62
N GLU C 600 -9.38 -40.87 -16.26
CA GLU C 600 -9.30 -42.22 -16.81
C GLU C 600 -9.17 -42.22 -18.33
N ASP C 601 -9.96 -41.39 -19.00
CA ASP C 601 -9.99 -41.30 -20.45
C ASP C 601 -10.35 -42.66 -21.06
N GLY C 602 -11.53 -43.15 -20.69
CA GLY C 602 -12.08 -44.39 -21.18
C GLY C 602 -13.45 -44.16 -21.81
N ASN C 625 -9.88 -33.21 -26.51
CA ASN C 625 -9.99 -34.61 -26.14
C ASN C 625 -8.66 -35.08 -25.59
N SER C 626 -8.65 -36.32 -25.10
CA SER C 626 -7.44 -36.94 -24.54
C SER C 626 -6.72 -35.99 -23.59
N TYR C 627 -7.40 -35.63 -22.52
CA TYR C 627 -6.79 -34.81 -21.47
C TYR C 627 -5.94 -35.62 -20.55
N ASN C 628 -5.72 -36.90 -20.83
CA ASN C 628 -4.95 -37.75 -19.95
C ASN C 628 -3.46 -37.54 -20.20
N SER C 629 -3.04 -36.29 -20.19
CA SER C 629 -1.65 -35.91 -20.37
C SER C 629 -1.28 -34.89 -19.31
N LEU C 630 -0.04 -34.95 -18.84
CA LEU C 630 0.40 -34.03 -17.81
C LEU C 630 0.53 -32.62 -18.35
N TYR C 631 1.02 -32.48 -19.57
CA TYR C 631 1.20 -31.17 -20.17
C TYR C 631 -0.14 -30.47 -20.36
N SER C 632 -1.12 -31.19 -20.92
CA SER C 632 -2.44 -30.60 -21.15
C SER C 632 -3.09 -30.16 -19.85
N THR C 633 -3.01 -30.99 -18.82
CA THR C 633 -3.64 -30.65 -17.55
C THR C 633 -2.94 -29.47 -16.89
N CYS C 634 -1.61 -29.44 -16.93
CA CYS C 634 -0.89 -28.30 -16.38
C CYS C 634 -1.27 -27.02 -17.10
N LEU C 635 -1.41 -27.09 -18.43
CA LEU C 635 -1.83 -25.92 -19.19
C LEU C 635 -3.24 -25.47 -18.82
N GLU C 636 -4.17 -26.42 -18.73
CA GLU C 636 -5.54 -26.08 -18.40
C GLU C 636 -5.64 -25.46 -17.03
N LEU C 637 -4.81 -25.90 -16.09
CA LEU C 637 -4.81 -25.31 -14.75
C LEU C 637 -4.12 -23.97 -14.73
N PHE C 638 -3.11 -23.77 -15.58
CA PHE C 638 -2.48 -22.46 -15.70
C PHE C 638 -3.44 -21.43 -16.25
N LYS C 639 -4.33 -21.86 -17.13
CA LYS C 639 -5.34 -20.95 -17.68
C LYS C 639 -6.15 -20.27 -16.58
N PHE C 640 -6.37 -20.94 -15.45
CA PHE C 640 -7.11 -20.32 -14.35
C PHE C 640 -6.42 -19.06 -13.88
N THR C 641 -5.12 -18.94 -14.16
CA THR C 641 -4.32 -17.87 -13.59
C THR C 641 -4.44 -16.60 -14.41
N ILE C 642 -4.76 -16.73 -15.70
CA ILE C 642 -4.87 -15.61 -16.62
C ILE C 642 -6.33 -15.33 -16.90
N GLY C 643 -7.21 -15.85 -16.04
CA GLY C 643 -8.62 -15.58 -16.14
C GLY C 643 -9.36 -16.28 -17.25
N MET C 644 -8.95 -17.50 -17.61
CA MET C 644 -9.60 -18.23 -18.68
C MET C 644 -9.79 -19.70 -18.31
N GLY C 645 -10.02 -19.98 -17.04
CA GLY C 645 -10.14 -21.35 -16.58
C GLY C 645 -11.53 -21.92 -16.76
N ASP C 646 -11.58 -23.13 -17.30
CA ASP C 646 -12.80 -23.90 -17.44
C ASP C 646 -12.88 -24.92 -16.33
N LEU C 647 -13.91 -24.82 -15.49
CA LEU C 647 -14.12 -25.76 -14.41
C LEU C 647 -14.70 -27.08 -14.89
N GLU C 648 -15.01 -27.19 -16.18
CA GLU C 648 -15.62 -28.36 -16.79
C GLU C 648 -14.86 -28.74 -18.05
N PHE C 649 -13.53 -28.82 -17.94
CA PHE C 649 -12.73 -29.09 -19.13
C PHE C 649 -12.61 -30.56 -19.43
N THR C 650 -13.23 -31.44 -18.65
CA THR C 650 -13.29 -32.85 -19.00
C THR C 650 -14.38 -33.50 -18.15
N GLU C 651 -14.85 -34.64 -18.64
CA GLU C 651 -15.83 -35.45 -17.94
C GLU C 651 -15.35 -36.89 -17.80
N ASN C 652 -14.14 -37.19 -18.25
CA ASN C 652 -13.58 -38.54 -18.20
C ASN C 652 -13.02 -38.80 -16.80
N TYR C 653 -13.94 -38.94 -15.86
CA TYR C 653 -13.58 -39.30 -14.49
C TYR C 653 -14.77 -40.03 -13.88
N ASP C 654 -14.48 -40.77 -12.81
CA ASP C 654 -15.50 -41.53 -12.11
C ASP C 654 -16.08 -40.81 -10.92
N PHE C 655 -15.34 -39.89 -10.31
CA PHE C 655 -15.79 -39.15 -9.14
C PHE C 655 -15.71 -37.65 -9.44
N LYS C 656 -16.88 -37.03 -9.53
CA LYS C 656 -16.96 -35.61 -9.83
C LYS C 656 -16.63 -34.74 -8.63
N ALA C 657 -17.04 -35.16 -7.44
CA ALA C 657 -16.79 -34.36 -6.25
C ALA C 657 -15.30 -34.18 -6.01
N VAL C 658 -14.51 -35.23 -6.22
CA VAL C 658 -13.08 -35.16 -6.03
C VAL C 658 -12.46 -34.15 -6.99
N PHE C 659 -12.84 -34.24 -8.26
CA PHE C 659 -12.33 -33.33 -9.29
C PHE C 659 -12.67 -31.88 -8.96
N ILE C 660 -13.93 -31.63 -8.63
CA ILE C 660 -14.37 -30.28 -8.31
C ILE C 660 -13.63 -29.75 -7.09
N ILE C 661 -13.51 -30.57 -6.04
CA ILE C 661 -12.83 -30.14 -4.81
C ILE C 661 -11.38 -29.79 -5.11
N LEU C 662 -10.69 -30.62 -5.88
CA LEU C 662 -9.30 -30.34 -6.20
C LEU C 662 -9.17 -29.03 -6.95
N LEU C 663 -10.04 -28.82 -7.94
CA LEU C 663 -9.96 -27.59 -8.73
C LEU C 663 -10.21 -26.36 -7.86
N LEU C 664 -11.19 -26.43 -6.96
CA LEU C 664 -11.49 -25.24 -6.17
C LEU C 664 -10.41 -24.98 -5.14
N ALA C 665 -9.81 -26.03 -4.59
CA ALA C 665 -8.67 -25.84 -3.72
C ALA C 665 -7.53 -25.15 -4.46
N TYR C 666 -7.25 -25.60 -5.69
CA TYR C 666 -6.22 -24.95 -6.49
C TYR C 666 -6.54 -23.49 -6.74
N VAL C 667 -7.79 -23.20 -7.11
CA VAL C 667 -8.19 -21.83 -7.41
C VAL C 667 -8.04 -20.94 -6.19
N ILE C 668 -8.49 -21.42 -5.04
CA ILE C 668 -8.43 -20.62 -3.82
C ILE C 668 -6.99 -20.38 -3.42
N LEU C 669 -6.13 -21.39 -3.60
CA LEU C 669 -4.77 -21.29 -3.11
C LEU C 669 -3.91 -20.41 -4.02
N THR C 670 -4.12 -20.48 -5.34
CA THR C 670 -3.31 -19.72 -6.28
C THR C 670 -3.92 -18.40 -6.70
N TYR C 671 -5.20 -18.38 -7.08
CA TYR C 671 -5.79 -17.20 -7.69
C TYR C 671 -6.22 -16.17 -6.65
N ILE C 672 -6.77 -16.62 -5.53
CA ILE C 672 -7.33 -15.71 -4.55
C ILE C 672 -6.34 -15.34 -3.46
N LEU C 673 -5.34 -16.18 -3.21
CA LEU C 673 -4.34 -15.94 -2.18
C LEU C 673 -3.00 -15.52 -2.75
N LEU C 674 -2.42 -16.31 -3.65
CA LEU C 674 -1.03 -16.09 -4.04
C LEU C 674 -0.86 -14.85 -4.91
N LEU C 675 -1.75 -14.64 -5.87
CA LEU C 675 -1.61 -13.50 -6.78
C LEU C 675 -1.80 -12.17 -6.06
N ASN C 676 -2.88 -12.06 -5.28
CA ASN C 676 -3.12 -10.84 -4.52
C ASN C 676 -2.05 -10.63 -3.46
N MET C 677 -1.59 -11.70 -2.86
CA MET C 677 -0.43 -11.67 -1.98
C MET C 677 0.78 -11.10 -2.69
N LEU C 678 0.99 -11.50 -3.94
CA LEU C 678 2.09 -10.97 -4.73
C LEU C 678 1.95 -9.47 -4.93
N ILE C 679 0.74 -9.02 -5.26
CA ILE C 679 0.52 -7.59 -5.43
C ILE C 679 0.89 -6.83 -4.16
N ALA C 680 0.47 -7.36 -3.01
CA ALA C 680 0.81 -6.76 -1.73
C ALA C 680 2.31 -6.66 -1.53
N LEU C 681 3.02 -7.75 -1.83
CA LEU C 681 4.47 -7.77 -1.64
C LEU C 681 5.15 -6.77 -2.56
N MET C 682 4.68 -6.66 -3.81
CA MET C 682 5.19 -5.65 -4.72
C MET C 682 5.01 -4.26 -4.13
N GLY C 683 3.85 -4.00 -3.53
CA GLY C 683 3.64 -2.70 -2.91
C GLY C 683 4.65 -2.42 -1.81
N GLU C 684 4.87 -3.39 -0.94
CA GLU C 684 5.85 -3.22 0.13
C GLU C 684 7.24 -2.93 -0.45
N THR C 685 7.65 -3.71 -1.45
CA THR C 685 8.96 -3.52 -2.06
C THR C 685 9.09 -2.14 -2.68
N VAL C 686 8.05 -1.70 -3.39
CA VAL C 686 8.07 -0.37 -3.99
C VAL C 686 8.25 0.69 -2.91
N ASN C 687 7.49 0.57 -1.83
CA ASN C 687 7.66 1.52 -0.72
C ASN C 687 9.07 1.47 -0.17
N LYS C 688 9.75 0.35 -0.33
CA LYS C 688 11.06 0.19 0.28
C LYS C 688 12.22 0.67 -0.58
N ILE C 689 12.12 0.59 -1.91
CA ILE C 689 13.29 0.74 -2.76
C ILE C 689 13.27 2.05 -3.53
N ALA C 690 12.68 3.09 -2.95
CA ALA C 690 12.56 4.36 -3.65
C ALA C 690 13.93 4.98 -3.94
N GLN C 691 14.85 4.95 -2.97
CA GLN C 691 16.13 5.63 -3.11
C GLN C 691 17.22 4.73 -3.68
N GLU C 692 17.19 3.46 -3.29
CA GLU C 692 18.13 2.50 -3.85
C GLU C 692 18.04 2.45 -5.37
N SER C 693 16.83 2.56 -5.91
CA SER C 693 16.67 2.51 -7.36
C SER C 693 17.34 3.71 -8.03
N LYS C 694 17.18 4.90 -7.45
CA LYS C 694 17.84 6.08 -7.98
C LYS C 694 19.35 5.92 -7.93
N ASN C 695 19.88 5.42 -6.82
CA ASN C 695 21.32 5.26 -6.71
C ASN C 695 21.84 4.24 -7.73
N ILE C 696 21.12 3.15 -7.92
CA ILE C 696 21.54 2.14 -8.89
C ILE C 696 21.46 2.72 -10.30
N TRP C 697 20.47 3.56 -10.59
CA TRP C 697 20.43 4.21 -11.88
C TRP C 697 21.64 5.11 -12.09
N LYS C 698 22.03 5.84 -11.04
CA LYS C 698 23.20 6.69 -11.14
C LYS C 698 24.45 5.88 -11.44
N LEU C 699 24.59 4.73 -10.77
CA LEU C 699 25.69 3.82 -11.11
C LEU C 699 25.65 3.37 -12.56
N GLN C 700 24.47 2.96 -13.04
CA GLN C 700 24.38 2.47 -14.41
C GLN C 700 24.80 3.54 -15.40
N ARG C 701 24.34 4.77 -15.18
CA ARG C 701 24.73 5.88 -16.02
C ARG C 701 26.23 6.15 -15.93
N ALA C 702 26.80 6.06 -14.73
CA ALA C 702 28.23 6.28 -14.57
C ALA C 702 29.04 5.25 -15.36
N ILE C 703 28.64 3.99 -15.30
CA ILE C 703 29.31 2.96 -16.06
C ILE C 703 29.21 3.25 -17.54
N THR C 704 28.02 3.66 -17.99
CA THR C 704 27.86 4.03 -19.39
C THR C 704 28.82 5.15 -19.78
N ILE C 705 28.94 6.15 -18.91
CA ILE C 705 29.83 7.28 -19.18
C ILE C 705 31.27 6.80 -19.33
N LEU C 706 31.72 6.01 -18.36
CA LEU C 706 33.10 5.54 -18.40
C LEU C 706 33.38 4.70 -19.64
N ASP C 707 32.49 3.76 -19.95
CA ASP C 707 32.68 2.91 -21.12
C ASP C 707 32.74 3.75 -22.39
N THR C 708 31.81 4.68 -22.56
CA THR C 708 31.84 5.55 -23.73
C THR C 708 33.13 6.34 -23.81
N GLU C 709 33.56 6.89 -22.69
CA GLU C 709 34.74 7.73 -22.68
C GLU C 709 35.99 6.93 -23.03
N LYS C 710 36.03 5.66 -22.63
CA LYS C 710 37.12 4.79 -23.03
C LYS C 710 37.07 4.50 -24.53
N SER C 711 35.88 4.20 -25.04
CA SER C 711 35.78 3.78 -26.44
C SER C 711 36.27 4.86 -27.39
N PHE C 712 35.95 6.12 -27.10
CA PHE C 712 36.23 7.25 -27.98
C PHE C 712 37.56 7.92 -27.64
N LEU C 713 38.53 7.16 -27.15
CA LEU C 713 39.85 7.72 -26.92
C LEU C 713 40.46 8.19 -28.24
N LYS C 714 40.32 7.39 -29.30
CA LYS C 714 40.91 7.76 -30.59
C LYS C 714 40.33 9.08 -31.10
N CYS C 715 39.01 9.22 -31.06
CA CYS C 715 38.37 10.45 -31.54
C CYS C 715 38.84 11.65 -30.73
N MET C 716 38.94 11.49 -29.41
CA MET C 716 39.39 12.58 -28.53
C MET C 716 40.03 11.95 -27.30
N ARG C 717 41.36 11.91 -27.29
CA ARG C 717 42.06 11.31 -26.15
C ARG C 717 41.93 12.18 -24.91
N LYS C 718 42.18 13.50 -25.06
CA LYS C 718 42.10 14.41 -23.92
C LYS C 718 41.42 15.73 -24.29
N ALA C 719 40.78 15.82 -25.45
CA ALA C 719 40.07 17.05 -25.80
C ALA C 719 38.94 17.31 -24.81
N PHE C 720 38.18 16.26 -24.46
CA PHE C 720 37.10 16.36 -23.49
C PHE C 720 37.62 15.92 -22.13
N ARG C 721 38.29 16.83 -21.45
CA ARG C 721 38.80 16.62 -20.10
C ARG C 721 38.08 17.57 -19.15
N SER C 722 37.77 17.09 -17.95
CA SER C 722 36.93 17.84 -17.04
C SER C 722 37.76 18.76 -16.15
N GLY C 723 37.13 19.85 -15.74
CA GLY C 723 37.80 20.87 -14.96
C GLY C 723 38.76 21.66 -15.83
N LYS C 724 39.47 22.58 -15.19
CA LYS C 724 40.49 23.33 -15.91
C LYS C 724 41.72 23.50 -15.04
N LEU C 725 42.85 23.75 -15.69
CA LEU C 725 44.12 23.95 -15.02
C LEU C 725 44.16 25.34 -14.42
N LEU C 726 44.30 25.42 -13.10
CA LEU C 726 44.30 26.70 -12.42
C LEU C 726 45.44 26.72 -11.41
N GLN C 727 45.94 27.93 -11.18
CA GLN C 727 46.93 28.16 -10.14
C GLN C 727 46.20 28.35 -8.82
N VAL C 728 46.61 27.58 -7.82
CA VAL C 728 45.94 27.52 -6.54
C VAL C 728 46.71 28.28 -5.48
N GLY C 729 48.03 28.14 -5.51
CA GLY C 729 48.88 28.76 -4.52
C GLY C 729 50.34 28.51 -4.81
N PHE C 730 51.13 28.35 -3.76
CA PHE C 730 52.56 28.12 -3.91
C PHE C 730 52.98 26.94 -3.05
N THR C 731 53.75 26.05 -3.64
CA THR C 731 54.31 24.94 -2.90
C THR C 731 55.32 25.46 -1.87
N PRO C 732 55.51 24.75 -0.75
CA PRO C 732 56.49 25.21 0.23
C PRO C 732 57.88 25.41 -0.35
N ASP C 733 58.21 24.72 -1.45
CA ASP C 733 59.44 24.97 -2.16
C ASP C 733 59.47 26.34 -2.83
N GLY C 734 58.34 27.04 -2.89
CA GLY C 734 58.26 28.35 -3.48
C GLY C 734 57.75 28.39 -4.91
N LYS C 735 57.66 27.24 -5.58
CA LYS C 735 57.15 27.20 -6.93
C LYS C 735 55.63 27.38 -6.93
N ASP C 736 55.08 27.57 -8.12
CA ASP C 736 53.64 27.67 -8.27
C ASP C 736 52.99 26.31 -8.06
N ASP C 737 51.71 26.33 -7.70
CA ASP C 737 50.91 25.12 -7.56
C ASP C 737 49.81 25.18 -8.62
N TYR C 738 49.91 24.29 -9.60
CA TYR C 738 48.95 24.21 -10.70
C TYR C 738 48.23 22.88 -10.62
N ARG C 739 46.90 22.93 -10.59
CA ARG C 739 46.10 21.71 -10.48
C ARG C 739 44.91 21.76 -11.41
N TRP C 740 44.44 20.57 -11.80
CA TRP C 740 43.23 20.42 -12.61
C TRP C 740 42.04 20.47 -11.68
N CYS C 741 41.49 21.67 -11.47
CA CYS C 741 40.46 21.86 -10.48
C CYS C 741 39.08 21.89 -11.13
N PHE C 742 38.07 21.61 -10.32
CA PHE C 742 36.68 21.60 -10.75
C PHE C 742 35.90 22.57 -9.86
N ARG C 743 35.61 23.75 -10.40
CA ARG C 743 34.99 24.79 -9.60
C ARG C 743 33.53 24.47 -9.30
N VAL C 744 33.07 24.94 -8.15
CA VAL C 744 31.69 24.84 -7.73
C VAL C 744 31.29 26.16 -7.10
N ASP C 745 30.03 26.54 -7.27
CA ASP C 745 29.48 27.75 -6.66
C ASP C 745 28.45 27.36 -5.61
N GLU C 746 28.58 27.92 -4.41
CA GLU C 746 27.65 27.64 -3.32
C GLU C 746 27.37 28.91 -2.55
N VAL C 747 26.10 29.14 -2.25
CA VAL C 747 25.65 30.35 -1.55
C VAL C 747 25.19 29.95 -0.16
N ASN C 748 25.74 30.60 0.86
CA ASN C 748 25.39 30.34 2.26
C ASN C 748 24.98 31.66 2.90
N TRP C 749 23.71 31.75 3.32
CA TRP C 749 23.22 32.97 3.94
C TRP C 749 23.56 33.01 5.42
N THR C 750 23.66 31.85 6.06
CA THR C 750 23.90 31.81 7.50
C THR C 750 25.25 32.39 7.87
N THR C 751 26.31 31.98 7.15
CA THR C 751 27.66 32.39 7.53
C THR C 751 27.84 33.89 7.40
N TRP C 752 27.47 34.46 6.26
CA TRP C 752 27.67 35.88 5.99
C TRP C 752 29.16 36.24 6.08
N ILE D 277 -25.87 32.27 42.64
CA ILE D 277 -25.11 31.22 41.97
C ILE D 277 -26.05 30.28 41.22
N SER D 278 -27.28 30.17 41.72
CA SER D 278 -28.30 29.32 41.12
C SER D 278 -29.16 30.06 40.10
N ALA D 279 -28.81 31.30 39.79
CA ALA D 279 -29.62 32.10 38.88
C ALA D 279 -29.59 31.51 37.47
N ARG D 280 -30.72 31.64 36.78
CA ARG D 280 -30.90 31.09 35.44
C ARG D 280 -31.18 32.21 34.46
N ASP D 281 -30.67 32.04 33.23
CA ASP D 281 -30.83 33.02 32.17
C ASP D 281 -32.13 32.74 31.42
N SER D 282 -32.33 33.42 30.28
CA SER D 282 -33.56 33.27 29.53
C SER D 282 -33.76 31.83 29.07
N VAL D 283 -32.69 31.20 28.54
CA VAL D 283 -32.76 29.81 28.13
C VAL D 283 -32.75 28.86 29.31
N GLY D 284 -32.42 29.34 30.51
CA GLY D 284 -32.33 28.50 31.69
C GLY D 284 -30.93 28.05 32.03
N ASN D 285 -29.94 28.40 31.22
CA ASN D 285 -28.58 27.96 31.47
C ASN D 285 -28.02 28.63 32.72
N THR D 286 -27.33 27.84 33.54
CA THR D 286 -26.68 28.31 34.74
C THR D 286 -25.20 28.55 34.38
N VAL D 287 -24.41 29.03 35.33
CA VAL D 287 -23.00 29.30 35.05
C VAL D 287 -22.30 28.03 34.56
N LEU D 288 -22.64 26.88 35.17
CA LEU D 288 -22.06 25.62 34.70
C LEU D 288 -22.50 25.33 33.27
N HIS D 289 -23.79 25.46 32.99
CA HIS D 289 -24.28 25.26 31.62
C HIS D 289 -23.58 26.21 30.66
N ALA D 290 -23.36 27.45 31.08
CA ALA D 290 -22.69 28.41 30.22
C ALA D 290 -21.26 27.99 29.92
N LEU D 291 -20.52 27.60 30.96
CA LEU D 291 -19.17 27.07 30.74
C LEU D 291 -19.21 25.92 29.74
N VAL D 292 -20.15 25.01 29.91
CA VAL D 292 -20.22 23.84 29.02
C VAL D 292 -20.46 24.29 27.59
N GLU D 293 -21.39 25.23 27.39
CA GLU D 293 -21.67 25.73 26.05
C GLU D 293 -20.47 26.46 25.46
N VAL D 294 -19.58 26.96 26.32
CA VAL D 294 -18.41 27.69 25.85
C VAL D 294 -17.41 26.75 25.19
N ALA D 295 -17.18 25.58 25.80
CA ALA D 295 -16.04 24.76 25.44
C ALA D 295 -16.08 24.36 23.98
N ASP D 296 -14.91 24.35 23.35
CA ASP D 296 -14.73 23.93 21.96
C ASP D 296 -13.80 22.73 21.84
N ASN D 297 -13.41 22.11 22.95
CA ASN D 297 -12.57 20.93 23.01
C ASN D 297 -11.11 21.22 22.67
N THR D 298 -10.70 22.48 22.68
CA THR D 298 -9.29 22.81 22.58
C THR D 298 -8.59 22.55 23.92
N VAL D 299 -7.31 22.22 23.84
CA VAL D 299 -6.57 21.85 25.04
C VAL D 299 -6.58 22.99 26.05
N ASP D 300 -6.22 24.20 25.61
CA ASP D 300 -6.23 25.34 26.52
C ASP D 300 -7.63 25.63 27.02
N ASN D 301 -8.62 25.62 26.10
CA ASN D 301 -9.99 25.83 26.50
C ASN D 301 -10.44 24.75 27.48
N THR D 302 -10.10 23.50 27.21
CA THR D 302 -10.50 22.42 28.10
C THR D 302 -9.93 22.61 29.49
N LYS D 303 -8.63 22.88 29.59
CA LYS D 303 -8.01 23.06 30.90
C LYS D 303 -8.64 24.24 31.64
N PHE D 304 -8.84 25.36 30.94
CA PHE D 304 -9.38 26.55 31.59
C PHE D 304 -10.81 26.31 32.06
N VAL D 305 -11.62 25.66 31.24
CA VAL D 305 -13.02 25.44 31.60
C VAL D 305 -13.11 24.45 32.77
N THR D 306 -12.27 23.41 32.75
CA THR D 306 -12.28 22.46 33.85
C THR D 306 -11.88 23.15 35.16
N SER D 307 -10.85 23.99 35.11
CA SER D 307 -10.43 24.71 36.31
C SER D 307 -11.54 25.61 36.81
N MET D 308 -12.20 26.32 35.90
CA MET D 308 -13.26 27.25 36.31
C MET D 308 -14.44 26.50 36.89
N TYR D 309 -14.80 25.37 36.28
CA TYR D 309 -15.88 24.54 36.80
C TYR D 309 -15.56 24.06 38.20
N ASN D 310 -14.33 23.59 38.42
CA ASN D 310 -13.96 23.11 39.74
C ASN D 310 -13.98 24.23 40.77
N GLU D 311 -13.46 25.41 40.41
CA GLU D 311 -13.46 26.53 41.33
C GLU D 311 -14.88 26.96 41.67
N ILE D 312 -15.75 27.08 40.67
CA ILE D 312 -17.12 27.49 40.91
C ILE D 312 -17.84 26.46 41.78
N LEU D 313 -17.61 25.18 41.50
CA LEU D 313 -18.27 24.14 42.28
C LEU D 313 -17.84 24.19 43.74
N ILE D 314 -16.53 24.31 43.98
CA ILE D 314 -16.03 24.35 45.35
C ILE D 314 -16.56 25.58 46.07
N LEU D 315 -16.52 26.74 45.40
CA LEU D 315 -17.01 27.97 46.03
C LEU D 315 -18.49 27.86 46.37
N GLY D 316 -19.28 27.29 45.46
CA GLY D 316 -20.69 27.13 45.74
C GLY D 316 -20.96 26.18 46.89
N ALA D 317 -20.21 25.07 46.94
CA ALA D 317 -20.36 24.14 48.05
C ALA D 317 -20.02 24.82 49.37
N LYS D 318 -18.96 25.63 49.37
CA LYS D 318 -18.61 26.37 50.58
C LYS D 318 -19.72 27.34 50.97
N LEU D 319 -20.30 28.02 49.98
CA LEU D 319 -21.32 29.02 50.27
C LEU D 319 -22.65 28.37 50.63
N HIS D 320 -23.10 27.38 49.85
CA HIS D 320 -24.41 26.76 50.00
C HIS D 320 -24.26 25.25 50.02
N PRO D 321 -23.84 24.68 51.15
CA PRO D 321 -23.72 23.21 51.21
C PRO D 321 -25.03 22.49 50.92
N THR D 322 -26.17 23.04 51.38
CA THR D 322 -27.43 22.32 51.23
C THR D 322 -27.85 22.20 49.77
N LEU D 323 -27.71 23.27 49.01
CA LEU D 323 -28.17 23.27 47.63
C LEU D 323 -27.29 22.37 46.76
N LYS D 324 -27.89 21.82 45.72
CA LYS D 324 -27.19 21.04 44.71
C LYS D 324 -27.15 21.83 43.41
N LEU D 325 -25.94 22.06 42.90
CA LEU D 325 -25.74 22.89 41.73
C LEU D 325 -25.81 22.09 40.43
N GLU D 326 -25.35 20.84 40.45
CA GLU D 326 -25.41 20.02 39.25
C GLU D 326 -26.83 19.51 38.97
N GLU D 327 -27.64 19.38 40.02
CA GLU D 327 -29.00 18.89 39.82
C GLU D 327 -29.83 19.88 39.04
N ILE D 328 -29.52 21.18 39.14
CA ILE D 328 -30.27 22.19 38.42
C ILE D 328 -30.23 21.88 36.93
N THR D 329 -31.36 22.08 36.27
CA THR D 329 -31.52 21.76 34.86
C THR D 329 -31.96 23.01 34.11
N ASN D 330 -31.58 23.06 32.84
CA ASN D 330 -32.00 24.15 31.97
C ASN D 330 -33.44 23.92 31.50
N ARG D 331 -33.95 24.85 30.69
CA ARG D 331 -35.31 24.74 30.20
C ARG D 331 -35.53 23.43 29.45
N LYS D 332 -34.50 22.94 28.76
CA LYS D 332 -34.62 21.69 28.01
C LYS D 332 -34.60 20.46 28.91
N GLY D 333 -34.28 20.62 30.19
CA GLY D 333 -34.16 19.48 31.10
C GLY D 333 -32.82 18.80 31.12
N LEU D 334 -31.79 19.39 30.50
CA LEU D 334 -30.47 18.79 30.40
C LEU D 334 -29.56 19.36 31.48
N THR D 335 -28.91 18.48 32.23
CA THR D 335 -27.93 18.88 33.22
C THR D 335 -26.60 19.17 32.54
N PRO D 336 -25.66 19.80 33.24
CA PRO D 336 -24.36 20.09 32.62
C PRO D 336 -23.68 18.86 32.07
N LEU D 337 -23.80 17.73 32.78
CA LEU D 337 -23.19 16.49 32.31
C LEU D 337 -23.87 16.01 31.05
N ALA D 338 -25.21 15.94 31.06
CA ALA D 338 -25.95 15.53 29.88
C ALA D 338 -25.77 16.53 28.75
N LEU D 339 -25.67 17.82 29.08
CA LEU D 339 -25.45 18.82 28.05
C LEU D 339 -24.10 18.60 27.37
N ALA D 340 -23.05 18.35 28.15
CA ALA D 340 -21.74 18.09 27.56
C ALA D 340 -21.76 16.82 26.73
N ALA D 341 -22.43 15.78 27.22
CA ALA D 341 -22.50 14.54 26.45
C ALA D 341 -23.22 14.75 25.13
N SER D 342 -24.36 15.44 25.15
CA SER D 342 -25.11 15.68 23.93
C SER D 342 -24.33 16.54 22.95
N SER D 343 -23.64 17.57 23.45
CA SER D 343 -22.99 18.54 22.59
C SER D 343 -21.64 18.06 22.07
N GLY D 344 -21.13 16.93 22.56
CA GLY D 344 -19.87 16.41 22.06
C GLY D 344 -18.64 16.95 22.73
N LYS D 345 -18.77 17.49 23.94
CA LYS D 345 -17.63 18.08 24.65
C LYS D 345 -16.96 16.99 25.45
N ILE D 346 -16.01 16.30 24.81
CA ILE D 346 -15.39 15.14 25.43
C ILE D 346 -14.52 15.55 26.60
N GLY D 347 -13.85 16.70 26.51
CA GLY D 347 -12.98 17.12 27.59
C GLY D 347 -13.73 17.37 28.90
N VAL D 348 -14.81 18.14 28.82
CA VAL D 348 -15.59 18.43 30.02
C VAL D 348 -16.22 17.16 30.57
N LEU D 349 -16.75 16.32 29.68
CA LEU D 349 -17.35 15.05 30.12
C LEU D 349 -16.33 14.20 30.84
N ALA D 350 -15.13 14.08 30.28
CA ALA D 350 -14.08 13.28 30.91
C ALA D 350 -13.70 13.87 32.26
N TYR D 351 -13.61 15.20 32.35
CA TYR D 351 -13.31 15.81 33.63
C TYR D 351 -14.37 15.48 34.67
N ILE D 352 -15.64 15.58 34.30
CA ILE D 352 -16.70 15.38 35.28
C ILE D 352 -16.73 13.94 35.74
N LEU D 353 -16.69 13.00 34.79
CA LEU D 353 -16.84 11.59 35.16
C LEU D 353 -15.74 11.14 36.11
N GLN D 354 -14.54 11.69 35.95
CA GLN D 354 -13.39 11.30 36.76
C GLN D 354 -12.99 12.37 37.76
N ARG D 355 -13.91 13.23 38.18
CA ARG D 355 -13.58 14.29 39.12
C ARG D 355 -13.25 13.72 40.49
N GLU D 356 -12.13 14.17 41.06
CA GLU D 356 -11.73 13.82 42.41
C GLU D 356 -11.39 15.10 43.17
N ILE D 357 -11.92 15.23 44.38
CA ILE D 357 -11.74 16.42 45.21
C ILE D 357 -11.29 15.96 46.59
N HIS D 358 -10.02 16.17 46.91
CA HIS D 358 -9.43 15.69 48.15
C HIS D 358 -9.61 16.64 49.32
N GLU D 359 -10.35 17.74 49.14
CA GLU D 359 -10.53 18.69 50.23
C GLU D 359 -11.42 18.09 51.31
N PRO D 360 -10.96 18.02 52.57
CA PRO D 360 -11.82 17.45 53.61
C PRO D 360 -13.16 18.16 53.74
N GLU D 361 -13.17 19.48 53.55
CA GLU D 361 -14.41 20.24 53.72
C GLU D 361 -15.48 19.77 52.74
N CYS D 362 -15.10 19.51 51.50
CA CYS D 362 -16.04 19.10 50.45
C CYS D 362 -15.41 17.96 49.64
N ARG D 363 -15.68 16.73 50.07
CA ARG D 363 -15.34 15.53 49.31
C ARG D 363 -16.55 14.94 48.62
N HIS D 364 -17.76 15.31 49.04
CA HIS D 364 -18.98 14.76 48.45
C HIS D 364 -19.12 15.12 46.98
N LEU D 365 -18.43 16.18 46.53
CA LEU D 365 -18.62 16.66 45.17
C LEU D 365 -17.90 15.77 44.17
N SER D 366 -16.93 14.99 44.64
CA SER D 366 -16.16 14.14 43.76
C SER D 366 -16.95 12.92 43.33
N ARG D 367 -16.62 12.40 42.14
CA ARG D 367 -17.27 11.24 41.56
C ARG D 367 -16.40 9.99 41.61
N LYS D 368 -15.08 10.15 41.82
CA LYS D 368 -14.15 9.03 41.82
C LYS D 368 -13.40 8.93 43.14
N PHE D 369 -13.37 7.72 43.67
CA PHE D 369 -12.96 7.38 45.03
C PHE D 369 -11.97 6.22 44.99
N THR D 370 -11.12 6.15 46.02
CA THR D 370 -10.22 5.01 46.21
C THR D 370 -10.71 4.24 47.43
N GLU D 371 -11.28 3.05 47.20
CA GLU D 371 -11.77 2.25 48.30
C GLU D 371 -10.64 1.80 49.22
N TRP D 372 -9.53 1.34 48.64
CA TRP D 372 -8.38 0.93 49.41
C TRP D 372 -7.17 0.82 48.51
N ALA D 373 -6.00 0.68 49.13
CA ALA D 373 -4.75 0.47 48.43
C ALA D 373 -3.90 -0.51 49.22
N TYR D 374 -3.46 -1.58 48.57
CA TYR D 374 -2.61 -2.59 49.17
C TYR D 374 -1.15 -2.44 48.74
N GLY D 375 -0.71 -1.22 48.46
CA GLY D 375 0.63 -0.98 48.00
C GLY D 375 0.67 -0.69 46.52
N PRO D 376 1.14 -1.65 45.72
CA PRO D 376 1.06 -1.47 44.26
C PRO D 376 -0.37 -1.41 43.77
N VAL D 377 -1.26 -2.16 44.42
CA VAL D 377 -2.64 -2.26 43.98
C VAL D 377 -3.46 -1.10 44.53
N HIS D 378 -4.53 -0.75 43.82
CA HIS D 378 -5.48 0.26 44.25
C HIS D 378 -6.86 -0.14 43.73
N SER D 379 -7.90 0.19 44.49
CA SER D 379 -9.27 -0.07 44.08
C SER D 379 -10.03 1.25 44.08
N SER D 380 -10.61 1.59 42.94
CA SER D 380 -11.32 2.85 42.76
C SER D 380 -12.80 2.57 42.54
N LEU D 381 -13.62 3.58 42.82
CA LEU D 381 -15.07 3.48 42.66
C LEU D 381 -15.57 4.65 41.83
N TYR D 382 -16.45 4.35 40.89
CA TYR D 382 -17.12 5.35 40.07
C TYR D 382 -18.60 5.37 40.42
N ASP D 383 -19.23 6.52 40.16
CA ASP D 383 -20.48 6.86 40.83
C ASP D 383 -21.70 6.28 40.10
N LEU D 384 -21.79 6.49 38.79
CA LEU D 384 -22.91 5.98 38.00
C LEU D 384 -24.24 6.62 38.39
N SER D 385 -24.20 7.87 38.87
CA SER D 385 -25.43 8.50 39.35
C SER D 385 -26.44 8.66 38.22
N CYS D 386 -26.03 9.27 37.11
CA CYS D 386 -26.77 9.26 35.87
C CYS D 386 -25.96 8.81 34.66
N ILE D 387 -25.10 7.81 34.81
CA ILE D 387 -24.47 7.21 33.64
C ILE D 387 -25.35 6.13 33.04
N ASP D 388 -26.01 5.34 33.89
CA ASP D 388 -26.73 4.15 33.43
C ASP D 388 -28.24 4.25 33.56
N THR D 389 -28.77 4.48 34.76
CA THR D 389 -30.19 4.32 35.04
C THR D 389 -30.94 5.64 35.19
N CYS D 390 -30.35 6.76 34.80
CA CYS D 390 -30.97 8.05 35.07
C CYS D 390 -32.27 8.14 34.28
N GLU D 391 -33.34 8.60 34.95
CA GLU D 391 -34.69 8.35 34.44
C GLU D 391 -34.89 8.99 33.07
N LYS D 392 -34.51 10.25 32.91
CA LYS D 392 -34.84 11.01 31.71
C LYS D 392 -33.75 10.96 30.65
N ASN D 393 -32.54 11.43 30.98
CA ASN D 393 -31.45 11.55 30.02
C ASN D 393 -30.21 10.90 30.62
N SER D 394 -30.07 9.60 30.42
CA SER D 394 -28.85 8.91 30.81
C SER D 394 -27.75 9.21 29.80
N VAL D 395 -26.53 9.39 30.31
CA VAL D 395 -25.42 9.81 29.45
C VAL D 395 -25.17 8.77 28.37
N LEU D 396 -25.15 7.49 28.74
CA LEU D 396 -24.96 6.43 27.76
C LEU D 396 -26.06 6.48 26.70
N GLU D 397 -27.31 6.52 27.15
CA GLU D 397 -28.45 6.64 26.25
C GLU D 397 -28.29 7.83 25.33
N VAL D 398 -27.78 8.94 25.85
CA VAL D 398 -27.69 10.17 25.08
C VAL D 398 -26.60 10.06 24.02
N ILE D 399 -25.46 9.46 24.36
CA ILE D 399 -24.36 9.35 23.41
C ILE D 399 -24.71 8.36 22.30
N ALA D 400 -25.22 7.19 22.66
CA ALA D 400 -25.54 6.18 21.65
C ALA D 400 -26.60 6.67 20.69
N TYR D 401 -27.62 7.34 21.21
CA TYR D 401 -28.79 7.78 20.48
C TYR D 401 -28.60 9.13 19.80
N SER D 402 -27.36 9.55 19.59
CA SER D 402 -27.10 10.85 18.99
C SER D 402 -27.38 10.82 17.49
N SER D 403 -27.40 12.01 16.89
CA SER D 403 -27.77 12.18 15.49
C SER D 403 -26.57 12.44 14.59
N SER D 404 -25.35 12.30 15.11
CA SER D 404 -24.10 12.48 14.38
C SER D 404 -23.76 13.94 14.15
N GLU D 405 -24.59 14.88 14.61
CA GLU D 405 -24.21 16.28 14.53
C GLU D 405 -22.98 16.56 15.37
N THR D 406 -22.83 15.83 16.46
CA THR D 406 -21.69 16.04 17.34
C THR D 406 -20.39 15.73 16.61
N PRO D 407 -19.32 16.50 16.84
CA PRO D 407 -18.08 16.24 16.12
C PRO D 407 -17.48 14.88 16.41
N ASN D 408 -17.43 14.46 17.68
CA ASN D 408 -16.82 13.21 18.09
C ASN D 408 -17.73 12.50 19.10
N ARG D 409 -18.56 11.58 18.59
CA ARG D 409 -19.29 10.69 19.48
C ARG D 409 -18.62 9.33 19.58
N HIS D 410 -17.72 9.01 18.65
CA HIS D 410 -17.02 7.74 18.69
C HIS D 410 -16.03 7.70 19.85
N ASP D 411 -15.34 8.81 20.11
CA ASP D 411 -14.31 8.84 21.14
C ASP D 411 -14.90 9.00 22.53
N MET D 412 -16.18 9.38 22.61
CA MET D 412 -16.79 9.65 23.90
C MET D 412 -16.84 8.40 24.77
N LEU D 413 -17.18 7.26 24.17
CA LEU D 413 -17.29 6.03 24.95
C LEU D 413 -15.96 5.52 25.44
N LEU D 414 -14.86 6.12 25.00
CA LEU D 414 -13.53 5.64 25.37
C LEU D 414 -13.15 5.99 26.80
N VAL D 415 -13.89 6.89 27.45
CA VAL D 415 -13.55 7.27 28.81
C VAL D 415 -13.58 6.03 29.71
N GLU D 416 -12.90 6.12 30.84
CA GLU D 416 -12.66 4.93 31.65
C GLU D 416 -13.94 4.24 32.11
N PRO D 417 -14.89 4.93 32.74
CA PRO D 417 -16.04 4.20 33.31
C PRO D 417 -16.95 3.59 32.25
N LEU D 418 -17.25 4.33 31.18
CA LEU D 418 -18.28 3.89 30.24
C LEU D 418 -17.84 2.63 29.50
N ASN D 419 -16.59 2.57 29.07
CA ASN D 419 -16.11 1.41 28.35
C ASN D 419 -16.26 0.15 29.17
N ARG D 420 -15.80 0.20 30.43
CA ARG D 420 -15.84 -0.98 31.28
C ARG D 420 -17.28 -1.33 31.66
N LEU D 421 -18.12 -0.31 31.84
CA LEU D 421 -19.51 -0.57 32.16
C LEU D 421 -20.20 -1.30 31.02
N LEU D 422 -19.99 -0.82 29.79
CA LEU D 422 -20.59 -1.48 28.64
C LEU D 422 -20.07 -2.89 28.48
N GLN D 423 -18.76 -3.10 28.66
CA GLN D 423 -18.24 -4.45 28.52
C GLN D 423 -18.81 -5.37 29.58
N ASP D 424 -19.00 -4.87 30.80
CA ASP D 424 -19.62 -5.67 31.85
C ASP D 424 -21.03 -6.05 31.46
N LYS D 425 -21.80 -5.10 30.94
CA LYS D 425 -23.17 -5.40 30.53
C LYS D 425 -23.18 -6.44 29.42
N TRP D 426 -22.21 -6.36 28.51
CA TRP D 426 -22.15 -7.32 27.41
C TRP D 426 -21.81 -8.71 27.91
N ASP D 427 -20.75 -8.82 28.70
CA ASP D 427 -20.32 -10.12 29.20
C ASP D 427 -21.32 -10.73 30.17
N ARG D 428 -22.19 -9.93 30.77
CA ARG D 428 -23.06 -10.48 31.80
C ARG D 428 -24.28 -11.17 31.19
N PHE D 429 -25.10 -10.43 30.43
CA PHE D 429 -26.37 -11.00 29.97
C PHE D 429 -26.73 -10.74 28.51
N VAL D 430 -26.19 -9.69 27.89
CA VAL D 430 -26.66 -9.35 26.55
C VAL D 430 -26.04 -10.26 25.48
N LYS D 431 -24.87 -10.83 25.74
CA LYS D 431 -24.22 -11.66 24.75
C LYS D 431 -25.06 -12.87 24.38
N ARG D 432 -25.63 -13.54 25.40
CA ARG D 432 -26.45 -14.70 25.14
C ARG D 432 -27.70 -14.34 24.35
N ILE D 433 -28.31 -13.21 24.68
CA ILE D 433 -29.49 -12.76 23.97
C ILE D 433 -29.17 -12.48 22.51
N PHE D 434 -28.04 -11.83 22.26
CA PHE D 434 -27.64 -11.55 20.89
C PHE D 434 -27.41 -12.84 20.11
N TYR D 435 -26.76 -13.81 20.75
CA TYR D 435 -26.52 -15.09 20.08
C TYR D 435 -27.82 -15.80 19.77
N PHE D 436 -28.78 -15.74 20.69
CA PHE D 436 -30.09 -16.34 20.47
C PHE D 436 -30.80 -15.70 19.29
N ASN D 437 -30.77 -14.37 19.22
CA ASN D 437 -31.40 -13.67 18.11
C ASN D 437 -30.74 -14.03 16.78
N PHE D 438 -29.41 -14.14 16.79
CA PHE D 438 -28.69 -14.55 15.58
C PHE D 438 -29.11 -15.94 15.13
N PHE D 439 -29.22 -16.88 16.08
CA PHE D 439 -29.66 -18.23 15.75
C PHE D 439 -31.08 -18.20 15.16
N VAL D 440 -31.97 -17.44 15.77
CA VAL D 440 -33.35 -17.39 15.29
C VAL D 440 -33.42 -16.81 13.89
N TYR D 441 -32.66 -15.75 13.63
CA TYR D 441 -32.65 -15.16 12.29
C TYR D 441 -32.10 -16.14 11.27
N CYS D 442 -31.05 -16.88 11.62
CA CYS D 442 -30.53 -17.90 10.73
C CYS D 442 -31.61 -18.92 10.39
N LEU D 443 -32.33 -19.40 11.40
CA LEU D 443 -33.42 -20.35 11.15
C LEU D 443 -34.47 -19.75 10.24
N TYR D 444 -34.87 -18.51 10.50
CA TYR D 444 -35.87 -17.85 9.68
C TYR D 444 -35.43 -17.79 8.23
N MET D 445 -34.17 -17.44 7.99
CA MET D 445 -33.68 -17.34 6.62
C MET D 445 -33.66 -18.69 5.95
N ILE D 446 -33.31 -19.73 6.70
CA ILE D 446 -33.31 -21.09 6.13
C ILE D 446 -34.73 -21.50 5.75
N ILE D 447 -35.69 -21.24 6.63
CA ILE D 447 -37.08 -21.57 6.33
C ILE D 447 -37.55 -20.84 5.09
N PHE D 448 -37.25 -19.55 5.01
CA PHE D 448 -37.65 -18.74 3.85
C PHE D 448 -37.01 -19.26 2.58
N THR D 449 -35.73 -19.59 2.62
CA THR D 449 -35.04 -20.13 1.46
C THR D 449 -35.68 -21.42 0.99
N ALA D 450 -35.92 -22.35 1.91
CA ALA D 450 -36.50 -23.64 1.53
C ALA D 450 -37.90 -23.47 0.96
N ALA D 451 -38.71 -22.62 1.58
CA ALA D 451 -40.07 -22.41 1.10
C ALA D 451 -40.08 -21.76 -0.28
N ALA D 452 -39.19 -20.80 -0.52
CA ALA D 452 -39.15 -20.16 -1.82
C ALA D 452 -38.62 -21.09 -2.90
N TYR D 453 -37.68 -21.96 -2.55
CA TYR D 453 -37.09 -22.85 -3.53
C TYR D 453 -38.12 -23.80 -4.12
N TYR D 454 -39.03 -24.31 -3.29
CA TYR D 454 -40.01 -25.30 -3.68
C TYR D 454 -41.36 -24.68 -4.02
N ARG D 455 -41.36 -23.46 -4.54
CA ARG D 455 -42.60 -22.81 -4.87
C ARG D 455 -43.29 -23.56 -6.02
N PRO D 456 -44.62 -23.54 -6.05
CA PRO D 456 -45.31 -24.11 -7.21
C PRO D 456 -45.06 -23.28 -8.46
N VAL D 457 -45.18 -23.95 -9.60
CA VAL D 457 -44.90 -23.34 -10.89
C VAL D 457 -46.06 -23.46 -11.86
N GLU D 458 -47.07 -24.27 -11.56
CA GLU D 458 -48.16 -24.55 -12.47
C GLU D 458 -49.35 -23.65 -12.13
N GLY D 459 -49.69 -22.75 -13.05
CA GLY D 459 -50.87 -21.93 -12.90
C GLY D 459 -50.58 -20.54 -12.39
N LEU D 460 -51.60 -19.91 -11.82
CA LEU D 460 -51.49 -18.59 -11.22
C LEU D 460 -51.77 -18.71 -9.72
N PRO D 461 -51.21 -17.81 -8.93
CA PRO D 461 -51.49 -17.82 -7.50
C PRO D 461 -52.87 -17.27 -7.23
N PRO D 462 -53.48 -17.62 -6.10
CA PRO D 462 -52.98 -18.54 -5.07
C PRO D 462 -53.06 -20.00 -5.50
N TYR D 463 -52.21 -20.84 -4.92
CA TYR D 463 -52.13 -22.24 -5.29
C TYR D 463 -52.90 -23.09 -4.30
N LYS D 464 -53.74 -23.97 -4.83
CA LYS D 464 -54.59 -24.79 -3.99
C LYS D 464 -53.75 -25.74 -3.16
N LEU D 465 -54.17 -25.93 -1.91
CA LEU D 465 -53.44 -26.83 -1.03
C LEU D 465 -53.67 -28.28 -1.45
N LYS D 466 -52.80 -29.15 -0.95
CA LYS D 466 -52.90 -30.58 -1.16
C LYS D 466 -52.66 -31.31 0.15
N ASN D 467 -53.12 -32.56 0.20
CA ASN D 467 -52.90 -33.40 1.37
C ASN D 467 -51.46 -33.89 1.47
N THR D 468 -50.63 -33.64 0.45
CA THR D 468 -49.24 -34.05 0.51
C THR D 468 -48.55 -33.37 1.70
N VAL D 469 -47.75 -34.16 2.42
CA VAL D 469 -47.09 -33.65 3.62
C VAL D 469 -46.12 -32.52 3.25
N GLY D 470 -45.38 -32.69 2.16
CA GLY D 470 -44.47 -31.66 1.72
C GLY D 470 -45.18 -30.33 1.50
N ASP D 471 -46.41 -30.39 0.99
CA ASP D 471 -47.19 -29.17 0.80
C ASP D 471 -47.52 -28.50 2.13
N TYR D 472 -47.84 -29.31 3.15
CA TYR D 472 -48.09 -28.73 4.46
C TYR D 472 -46.85 -28.04 5.00
N PHE D 473 -45.68 -28.68 4.85
CA PHE D 473 -44.44 -28.04 5.28
C PHE D 473 -44.20 -26.75 4.51
N ARG D 474 -44.43 -26.77 3.20
CA ARG D 474 -44.23 -25.57 2.39
C ARG D 474 -45.11 -24.43 2.88
N VAL D 475 -46.38 -24.72 3.14
CA VAL D 475 -47.31 -23.68 3.61
C VAL D 475 -46.87 -23.16 4.97
N THR D 476 -46.43 -24.07 5.85
CA THR D 476 -45.93 -23.65 7.16
C THR D 476 -44.75 -22.69 7.01
N GLY D 477 -43.82 -23.02 6.13
CA GLY D 477 -42.70 -22.13 5.88
C GLY D 477 -43.12 -20.78 5.34
N GLU D 478 -44.10 -20.78 4.43
CA GLU D 478 -44.58 -19.52 3.88
C GLU D 478 -45.17 -18.65 4.98
N ILE D 479 -45.97 -19.24 5.86
CA ILE D 479 -46.61 -18.50 6.93
C ILE D 479 -45.57 -17.92 7.87
N LEU D 480 -44.57 -18.73 8.23
CA LEU D 480 -43.53 -18.25 9.12
C LEU D 480 -42.74 -17.11 8.49
N SER D 481 -42.46 -17.22 7.18
CA SER D 481 -41.76 -16.15 6.49
C SER D 481 -42.55 -14.84 6.54
N VAL D 482 -43.85 -14.93 6.25
CA VAL D 482 -44.68 -13.73 6.28
C VAL D 482 -44.71 -13.13 7.68
N SER D 483 -44.80 -13.98 8.70
CA SER D 483 -44.82 -13.48 10.07
C SER D 483 -43.55 -12.74 10.41
N GLY D 484 -42.40 -13.30 10.05
CA GLY D 484 -41.14 -12.60 10.26
C GLY D 484 -41.11 -11.27 9.54
N GLY D 485 -41.65 -11.22 8.33
CA GLY D 485 -41.66 -9.97 7.58
C GLY D 485 -42.47 -8.89 8.27
N VAL D 486 -43.68 -9.24 8.70
CA VAL D 486 -44.52 -8.24 9.36
C VAL D 486 -43.92 -7.83 10.70
N TYR D 487 -43.26 -8.77 11.39
CA TYR D 487 -42.57 -8.42 12.62
C TYR D 487 -41.50 -7.37 12.38
N PHE D 488 -40.68 -7.56 11.34
CA PHE D 488 -39.65 -6.57 11.04
C PHE D 488 -40.28 -5.25 10.63
N PHE D 489 -41.40 -5.31 9.92
CA PHE D 489 -42.14 -4.09 9.56
C PHE D 489 -42.49 -3.29 10.80
N PHE D 490 -43.11 -3.95 11.78
CA PHE D 490 -43.54 -3.23 12.98
C PHE D 490 -42.36 -2.77 13.81
N ARG D 491 -41.28 -3.55 13.85
CA ARG D 491 -40.11 -3.13 14.58
C ARG D 491 -39.49 -1.87 13.98
N GLY D 492 -39.44 -1.79 12.66
CA GLY D 492 -38.97 -0.57 12.03
C GLY D 492 -39.87 0.60 12.32
N ILE D 493 -41.18 0.37 12.31
CA ILE D 493 -42.13 1.43 12.65
C ILE D 493 -41.85 1.97 14.04
N GLN D 494 -41.75 1.07 15.03
CA GLN D 494 -41.57 1.53 16.39
C GLN D 494 -40.21 2.21 16.58
N TYR D 495 -39.19 1.73 15.89
CA TYR D 495 -37.91 2.43 15.92
C TYR D 495 -38.07 3.86 15.43
N PHE D 496 -38.77 4.04 14.31
CA PHE D 496 -38.94 5.39 13.78
C PHE D 496 -39.69 6.29 14.75
N LEU D 497 -40.73 5.74 15.37
CA LEU D 497 -41.52 6.52 16.33
C LEU D 497 -40.69 6.91 17.53
N GLN D 498 -40.04 5.92 18.14
CA GLN D 498 -39.30 6.11 19.36
C GLN D 498 -38.12 7.04 19.17
N ARG D 499 -37.27 6.77 18.18
CA ARG D 499 -36.04 7.52 18.00
C ARG D 499 -36.25 8.87 17.32
N ARG D 500 -37.41 9.06 16.69
CA ARG D 500 -37.75 10.31 16.03
C ARG D 500 -36.56 10.84 15.23
N PRO D 501 -35.92 10.02 14.42
CA PRO D 501 -34.72 10.47 13.72
C PRO D 501 -35.02 11.59 12.75
N SER D 502 -34.07 12.50 12.61
CA SER D 502 -34.18 13.55 11.61
C SER D 502 -33.98 12.98 10.22
N LEU D 503 -34.33 13.79 9.22
CA LEU D 503 -34.19 13.36 7.84
C LEU D 503 -32.74 12.97 7.54
N LYS D 504 -31.80 13.84 7.91
CA LYS D 504 -30.40 13.48 7.73
C LYS D 504 -30.06 12.21 8.51
N SER D 505 -30.38 12.19 9.80
CA SER D 505 -30.06 11.01 10.62
C SER D 505 -30.71 9.77 10.03
N LEU D 506 -31.81 9.95 9.31
CA LEU D 506 -32.42 8.82 8.61
C LEU D 506 -31.57 8.38 7.43
N PHE D 507 -30.95 9.34 6.73
CA PHE D 507 -30.18 9.00 5.55
C PHE D 507 -28.80 8.45 5.91
N VAL D 508 -28.18 8.97 6.97
CA VAL D 508 -26.76 8.79 7.21
C VAL D 508 -26.43 7.78 8.29
N ASP D 509 -27.35 7.51 9.22
CA ASP D 509 -27.02 6.75 10.41
C ASP D 509 -27.70 5.39 10.47
N SER D 510 -28.99 5.32 10.17
CA SER D 510 -29.79 4.12 10.41
C SER D 510 -29.89 3.31 9.12
N TYR D 511 -28.75 2.74 8.71
CA TYR D 511 -28.71 1.93 7.51
C TYR D 511 -29.36 0.56 7.74
N SER D 512 -29.05 -0.08 8.86
CA SER D 512 -29.54 -1.43 9.11
C SER D 512 -31.05 -1.45 9.28
N GLU D 513 -31.58 -0.50 10.03
CA GLU D 513 -33.03 -0.43 10.23
C GLU D 513 -33.73 -0.25 8.89
N ILE D 514 -33.18 0.60 8.03
CA ILE D 514 -33.75 0.82 6.71
C ILE D 514 -33.70 -0.46 5.89
N LEU D 515 -32.58 -1.18 5.92
CA LEU D 515 -32.44 -2.38 5.12
C LEU D 515 -33.42 -3.45 5.55
N PHE D 516 -33.55 -3.68 6.86
CA PHE D 516 -34.52 -4.65 7.36
C PHE D 516 -35.94 -4.24 7.00
N PHE D 517 -36.24 -2.95 7.13
CA PHE D 517 -37.57 -2.47 6.77
C PHE D 517 -37.87 -2.70 5.30
N VAL D 518 -36.90 -2.43 4.43
CA VAL D 518 -37.10 -2.62 3.00
C VAL D 518 -37.31 -4.09 2.67
N GLN D 519 -36.56 -4.97 3.32
CA GLN D 519 -36.78 -6.40 3.16
C GLN D 519 -38.22 -6.78 3.53
N SER D 520 -38.70 -6.26 4.65
CA SER D 520 -40.07 -6.54 5.06
C SER D 520 -41.07 -5.98 4.05
N LEU D 521 -40.80 -4.79 3.52
CA LEU D 521 -41.67 -4.21 2.51
C LEU D 521 -41.76 -5.10 1.29
N PHE D 522 -40.62 -5.61 0.82
CA PHE D 522 -40.64 -6.50 -0.34
C PHE D 522 -41.48 -7.73 -0.06
N MET D 523 -41.34 -8.30 1.15
CA MET D 523 -42.15 -9.46 1.49
C MET D 523 -43.65 -9.13 1.48
N LEU D 524 -44.02 -8.00 2.07
CA LEU D 524 -45.44 -7.65 2.16
C LEU D 524 -46.02 -7.39 0.78
N VAL D 525 -45.27 -6.69 -0.06
CA VAL D 525 -45.69 -6.47 -1.44
C VAL D 525 -45.85 -7.79 -2.15
N SER D 526 -44.97 -8.75 -1.88
CA SER D 526 -45.08 -10.06 -2.49
C SER D 526 -46.38 -10.73 -2.08
N VAL D 527 -46.75 -10.63 -0.79
CA VAL D 527 -48.01 -11.20 -0.34
C VAL D 527 -49.18 -10.54 -1.07
N VAL D 528 -49.15 -9.21 -1.15
CA VAL D 528 -50.23 -8.48 -1.80
C VAL D 528 -50.41 -8.94 -3.23
N LEU D 529 -49.30 -9.05 -3.97
CA LEU D 529 -49.35 -9.45 -5.36
C LEU D 529 -49.78 -10.91 -5.48
N TYR D 530 -49.40 -11.74 -4.52
CA TYR D 530 -49.73 -13.15 -4.56
C TYR D 530 -51.23 -13.35 -4.43
N PHE D 531 -51.86 -12.63 -3.52
CA PHE D 531 -53.30 -12.78 -3.36
C PHE D 531 -54.08 -11.96 -4.38
N SER D 532 -53.41 -11.06 -5.10
CA SER D 532 -53.98 -10.34 -6.22
C SER D 532 -53.87 -11.10 -7.53
N GLN D 533 -53.52 -12.38 -7.47
CA GLN D 533 -53.38 -13.29 -8.60
C GLN D 533 -52.32 -12.88 -9.60
N ARG D 534 -51.56 -11.83 -9.33
CA ARG D 534 -50.44 -11.48 -10.18
C ARG D 534 -49.29 -12.46 -9.96
N LYS D 535 -48.54 -12.71 -11.02
CA LYS D 535 -47.41 -13.62 -10.99
C LYS D 535 -46.10 -12.92 -10.64
N GLU D 536 -46.09 -11.58 -10.63
CA GLU D 536 -44.88 -10.82 -10.38
C GLU D 536 -44.36 -10.97 -8.95
N TYR D 537 -45.16 -11.55 -8.06
CA TYR D 537 -44.75 -11.63 -6.66
C TYR D 537 -43.39 -12.26 -6.50
N VAL D 538 -43.07 -13.25 -7.34
CA VAL D 538 -41.77 -13.91 -7.24
C VAL D 538 -40.66 -12.88 -7.23
N ALA D 539 -40.67 -11.95 -8.17
CA ALA D 539 -39.68 -10.89 -8.19
C ALA D 539 -39.47 -10.34 -6.79
N SER D 540 -40.53 -9.76 -6.20
CA SER D 540 -40.39 -9.19 -4.89
C SER D 540 -39.72 -10.17 -3.94
N MET D 541 -40.27 -11.39 -3.86
CA MET D 541 -39.75 -12.37 -2.93
C MET D 541 -38.25 -12.52 -3.09
N VAL D 542 -37.77 -12.71 -4.32
CA VAL D 542 -36.35 -13.00 -4.47
C VAL D 542 -35.52 -11.85 -3.93
N PHE D 543 -35.91 -10.61 -4.25
CA PHE D 543 -35.16 -9.48 -3.72
C PHE D 543 -35.08 -9.58 -2.21
N SER D 544 -36.23 -9.75 -1.56
CA SER D 544 -36.24 -9.91 -0.12
C SER D 544 -35.27 -10.99 0.30
N LEU D 545 -35.39 -12.16 -0.30
CA LEU D 545 -34.48 -13.26 -0.01
C LEU D 545 -33.04 -12.77 -0.03
N ALA D 546 -32.61 -12.23 -1.17
CA ALA D 546 -31.23 -11.79 -1.28
C ALA D 546 -30.87 -10.86 -0.15
N MET D 547 -31.68 -9.83 0.06
CA MET D 547 -31.31 -8.83 1.05
C MET D 547 -31.24 -9.48 2.43
N GLY D 548 -32.17 -10.39 2.71
CA GLY D 548 -32.11 -11.10 3.97
C GLY D 548 -30.74 -11.67 4.22
N TRP D 549 -30.20 -12.41 3.27
CA TRP D 549 -28.91 -13.05 3.49
C TRP D 549 -27.85 -12.00 3.74
N THR D 550 -27.85 -10.93 2.95
CA THR D 550 -26.85 -9.88 3.16
C THR D 550 -27.01 -9.27 4.54
N ASN D 551 -28.25 -9.12 5.00
CA ASN D 551 -28.47 -8.50 6.30
C ASN D 551 -27.98 -9.38 7.43
N MET D 552 -27.67 -10.65 7.15
CA MET D 552 -27.04 -11.48 8.16
C MET D 552 -25.74 -10.84 8.64
N LEU D 553 -25.12 -10.03 7.78
CA LEU D 553 -23.88 -9.37 8.13
C LEU D 553 -24.05 -8.46 9.33
N TYR D 554 -25.27 -8.02 9.61
CA TYR D 554 -25.51 -7.18 10.77
C TYR D 554 -25.04 -7.84 12.04
N TYR D 555 -25.00 -9.17 12.07
CA TYR D 555 -24.65 -9.89 13.27
C TYR D 555 -23.16 -10.12 13.39
N THR D 556 -22.36 -9.40 12.61
CA THR D 556 -20.91 -9.44 12.78
C THR D 556 -20.42 -8.48 13.84
N ARG D 557 -21.31 -7.72 14.46
CA ARG D 557 -20.96 -6.76 15.48
C ARG D 557 -20.89 -7.36 16.87
N GLY D 558 -21.28 -8.62 17.03
CA GLY D 558 -21.02 -9.32 18.25
C GLY D 558 -19.63 -9.89 18.35
N PHE D 559 -18.87 -9.77 17.27
CA PHE D 559 -17.50 -10.25 17.20
C PHE D 559 -16.61 -9.14 16.68
N GLN D 560 -15.48 -8.94 17.34
CA GLN D 560 -14.70 -7.73 17.15
C GLN D 560 -14.08 -7.67 15.76
N GLN D 561 -13.41 -8.74 15.34
CA GLN D 561 -12.70 -8.73 14.08
C GLN D 561 -13.66 -8.56 12.92
N MET D 562 -14.73 -9.35 12.91
CA MET D 562 -15.70 -9.30 11.83
C MET D 562 -16.49 -8.00 11.84
N GLY D 563 -16.78 -7.46 13.03
CA GLY D 563 -17.44 -6.17 13.10
C GLY D 563 -16.60 -5.07 12.48
N ILE D 564 -15.31 -5.05 12.81
CA ILE D 564 -14.42 -4.06 12.22
C ILE D 564 -14.34 -4.24 10.71
N TYR D 565 -14.26 -5.49 10.26
CA TYR D 565 -14.27 -5.76 8.82
C TYR D 565 -15.52 -5.18 8.16
N ALA D 566 -16.67 -5.37 8.77
CA ALA D 566 -17.91 -4.89 8.18
C ALA D 566 -17.99 -3.38 8.20
N VAL D 567 -17.43 -2.75 9.22
CA VAL D 567 -17.35 -1.29 9.24
C VAL D 567 -16.51 -0.79 8.07
N MET D 568 -15.36 -1.45 7.83
CA MET D 568 -14.54 -1.10 6.68
C MET D 568 -15.32 -1.24 5.39
N ILE D 569 -16.08 -2.33 5.26
CA ILE D 569 -16.91 -2.53 4.07
C ILE D 569 -17.86 -1.35 3.87
N GLU D 570 -18.53 -0.95 4.95
CA GLU D 570 -19.43 0.20 4.88
C GLU D 570 -18.71 1.43 4.37
N LYS D 571 -17.57 1.74 4.95
CA LYS D 571 -16.86 2.96 4.58
C LYS D 571 -16.44 2.93 3.12
N MET D 572 -15.93 1.79 2.67
CA MET D 572 -15.52 1.66 1.27
C MET D 572 -16.71 1.88 0.35
N ILE D 573 -17.84 1.24 0.65
CA ILE D 573 -19.03 1.45 -0.17
C ILE D 573 -19.36 2.92 -0.24
N LEU D 574 -19.35 3.60 0.91
CA LEU D 574 -19.82 4.97 0.94
C LEU D 574 -18.92 5.88 0.13
N ARG D 575 -17.61 5.70 0.21
CA ARG D 575 -16.67 6.61 -0.43
C ARG D 575 -16.19 6.14 -1.80
N ASP D 576 -15.47 5.02 -1.82
CA ASP D 576 -14.69 4.64 -2.99
C ASP D 576 -15.59 4.15 -4.12
N LEU D 577 -16.53 3.26 -3.81
CA LEU D 577 -17.44 2.80 -4.84
C LEU D 577 -18.25 3.95 -5.40
N CYS D 578 -18.74 4.84 -4.54
CA CYS D 578 -19.59 5.92 -5.04
C CYS D 578 -18.84 6.76 -6.07
N ARG D 579 -17.62 7.19 -5.71
CA ARG D 579 -16.85 8.00 -6.65
C ARG D 579 -16.54 7.23 -7.93
N PHE D 580 -16.00 6.02 -7.76
CA PHE D 580 -15.61 5.21 -8.91
C PHE D 580 -16.79 4.96 -9.83
N MET D 581 -17.96 4.71 -9.27
CA MET D 581 -19.10 4.33 -10.09
C MET D 581 -19.69 5.53 -10.80
N PHE D 582 -19.67 6.69 -10.17
CA PHE D 582 -20.01 7.90 -10.92
C PHE D 582 -19.18 7.96 -12.19
N VAL D 583 -17.86 7.99 -12.02
CA VAL D 583 -16.97 8.21 -13.16
C VAL D 583 -17.10 7.08 -14.19
N TYR D 584 -17.14 5.85 -13.71
CA TYR D 584 -17.22 4.69 -14.60
C TYR D 584 -18.49 4.71 -15.42
N LEU D 585 -19.62 5.09 -14.81
CA LEU D 585 -20.87 5.13 -15.55
C LEU D 585 -20.86 6.23 -16.59
N VAL D 586 -20.27 7.38 -16.26
CA VAL D 586 -20.11 8.43 -17.26
C VAL D 586 -19.38 7.90 -18.47
N PHE D 587 -18.21 7.29 -18.24
CA PHE D 587 -17.39 6.81 -19.36
C PHE D 587 -18.11 5.72 -20.14
N LEU D 588 -18.71 4.76 -19.44
CA LEU D 588 -19.40 3.67 -20.09
C LEU D 588 -20.53 4.17 -20.97
N PHE D 589 -21.36 5.07 -20.46
CA PHE D 589 -22.46 5.58 -21.26
C PHE D 589 -21.96 6.34 -22.48
N GLY D 590 -20.94 7.17 -22.30
CA GLY D 590 -20.41 7.90 -23.44
C GLY D 590 -19.91 6.98 -24.55
N PHE D 591 -19.05 6.04 -24.19
CA PHE D 591 -18.49 5.16 -25.21
C PHE D 591 -19.55 4.23 -25.79
N SER D 592 -20.56 3.86 -25.01
CA SER D 592 -21.63 3.02 -25.52
C SER D 592 -22.47 3.78 -26.54
N THR D 593 -22.78 5.04 -26.26
CA THR D 593 -23.49 5.84 -27.24
C THR D 593 -22.69 5.98 -28.53
N ALA D 594 -21.39 6.25 -28.40
CA ALA D 594 -20.55 6.37 -29.59
C ALA D 594 -20.56 5.08 -30.41
N VAL D 595 -20.36 3.94 -29.74
CA VAL D 595 -20.29 2.66 -30.43
C VAL D 595 -21.63 2.34 -31.09
N VAL D 596 -22.73 2.60 -30.38
CA VAL D 596 -24.05 2.28 -30.93
C VAL D 596 -24.36 3.14 -32.14
N THR D 597 -24.01 4.42 -32.07
CA THR D 597 -24.18 5.29 -33.22
C THR D 597 -23.37 4.79 -34.42
N LEU D 598 -22.12 4.41 -34.20
CA LEU D 598 -21.30 3.90 -35.29
C LEU D 598 -21.96 2.69 -35.96
N ILE D 599 -22.56 1.82 -35.15
CA ILE D 599 -23.15 0.59 -35.66
C ILE D 599 -24.33 0.90 -36.57
N GLU D 600 -24.42 0.18 -37.68
CA GLU D 600 -25.47 0.34 -38.67
C GLU D 600 -26.50 -0.76 -38.62
N ASP D 601 -26.06 -2.01 -38.49
CA ASP D 601 -26.94 -3.18 -38.49
C ASP D 601 -27.76 -3.24 -39.77
N GLY D 602 -27.04 -3.33 -40.88
CA GLY D 602 -27.62 -3.45 -42.20
C GLY D 602 -27.09 -4.68 -42.91
N ASN D 625 -26.96 -11.18 -32.30
CA ASN D 625 -27.33 -10.36 -33.44
C ASN D 625 -28.01 -9.09 -32.93
N SER D 626 -28.30 -8.19 -33.88
CA SER D 626 -28.98 -6.92 -33.58
C SER D 626 -28.35 -6.25 -32.37
N TYR D 627 -27.08 -5.89 -32.50
CA TYR D 627 -26.39 -5.14 -31.46
C TYR D 627 -26.70 -3.68 -31.51
N ASN D 628 -27.62 -3.26 -32.38
CA ASN D 628 -27.94 -1.84 -32.52
C ASN D 628 -28.90 -1.43 -31.42
N SER D 629 -28.55 -1.73 -30.18
CA SER D 629 -29.32 -1.35 -29.01
C SER D 629 -28.37 -0.79 -27.96
N LEU D 630 -28.84 0.19 -27.22
CA LEU D 630 -28.02 0.82 -26.19
C LEU D 630 -27.75 -0.13 -25.04
N TYR D 631 -28.77 -0.89 -24.65
CA TYR D 631 -28.62 -1.83 -23.54
C TYR D 631 -27.60 -2.91 -23.85
N SER D 632 -27.71 -3.50 -25.04
CA SER D 632 -26.78 -4.55 -25.43
C SER D 632 -25.36 -4.05 -25.49
N THR D 633 -25.13 -2.87 -26.06
CA THR D 633 -23.79 -2.34 -26.16
C THR D 633 -23.23 -1.98 -24.79
N CYS D 634 -24.04 -1.40 -23.92
CA CYS D 634 -23.58 -1.11 -22.57
C CYS D 634 -23.19 -2.38 -21.85
N LEU D 635 -23.98 -3.44 -22.01
CA LEU D 635 -23.65 -4.72 -21.40
C LEU D 635 -22.35 -5.30 -21.94
N GLU D 636 -22.19 -5.27 -23.26
CA GLU D 636 -20.98 -5.82 -23.87
C GLU D 636 -19.75 -5.07 -23.42
N LEU D 637 -19.88 -3.76 -23.22
CA LEU D 637 -18.74 -2.99 -22.74
C LEU D 637 -18.49 -3.19 -21.25
N PHE D 638 -19.55 -3.45 -20.48
CA PHE D 638 -19.37 -3.78 -19.08
C PHE D 638 -18.66 -5.11 -18.90
N LYS D 639 -18.88 -6.04 -19.82
CA LYS D 639 -18.19 -7.31 -19.78
C LYS D 639 -16.67 -7.14 -19.75
N PHE D 640 -16.15 -6.11 -20.38
CA PHE D 640 -14.70 -5.87 -20.34
C PHE D 640 -14.21 -5.70 -18.92
N THR D 641 -15.11 -5.33 -18.02
CA THR D 641 -14.72 -4.97 -16.66
C THR D 641 -14.55 -6.19 -15.77
N ILE D 642 -15.25 -7.28 -16.11
CA ILE D 642 -15.23 -8.51 -15.33
C ILE D 642 -14.38 -9.55 -16.06
N GLY D 643 -13.57 -9.09 -17.00
CA GLY D 643 -12.64 -9.96 -17.69
C GLY D 643 -13.25 -10.88 -18.72
N MET D 644 -14.31 -10.45 -19.40
CA MET D 644 -14.95 -11.27 -20.41
C MET D 644 -15.30 -10.47 -21.66
N GLY D 645 -14.48 -9.48 -21.99
CA GLY D 645 -14.78 -8.62 -23.12
C GLY D 645 -14.33 -9.19 -24.44
N ASP D 646 -15.23 -9.11 -25.42
CA ASP D 646 -14.96 -9.50 -26.80
C ASP D 646 -14.69 -8.24 -27.60
N LEU D 647 -13.48 -8.14 -28.16
CA LEU D 647 -13.12 -7.01 -29.00
C LEU D 647 -13.72 -7.11 -30.40
N GLU D 648 -14.40 -8.21 -30.70
CA GLU D 648 -14.99 -8.48 -32.00
C GLU D 648 -16.42 -8.92 -31.85
N PHE D 649 -17.20 -8.17 -31.06
CA PHE D 649 -18.57 -8.58 -30.78
C PHE D 649 -19.55 -8.14 -31.85
N THR D 650 -19.08 -7.47 -32.90
CA THR D 650 -19.95 -7.18 -34.03
C THR D 650 -19.08 -6.77 -35.20
N GLU D 651 -19.65 -6.91 -36.40
CA GLU D 651 -19.00 -6.49 -37.64
C GLU D 651 -19.89 -5.56 -38.44
N ASN D 652 -21.05 -5.19 -37.91
CA ASN D 652 -22.00 -4.33 -38.59
C ASN D 652 -21.57 -2.87 -38.40
N TYR D 653 -20.49 -2.52 -39.07
CA TYR D 653 -20.00 -1.15 -39.09
C TYR D 653 -19.25 -0.93 -40.40
N ASP D 654 -19.10 0.32 -40.77
CA ASP D 654 -18.41 0.70 -42.00
C ASP D 654 -16.94 1.03 -41.78
N PHE D 655 -16.57 1.47 -40.58
CA PHE D 655 -15.19 1.85 -40.27
C PHE D 655 -14.72 1.04 -39.08
N LYS D 656 -13.76 0.14 -39.34
CA LYS D 656 -13.23 -0.74 -38.30
C LYS D 656 -12.24 -0.01 -37.39
N ALA D 657 -11.44 0.89 -37.96
CA ALA D 657 -10.45 1.60 -37.16
C ALA D 657 -11.11 2.41 -36.06
N VAL D 658 -12.22 3.07 -36.37
CA VAL D 658 -12.93 3.88 -35.40
C VAL D 658 -13.43 3.01 -34.25
N PHE D 659 -14.05 1.89 -34.59
CA PHE D 659 -14.58 0.96 -33.60
C PHE D 659 -13.47 0.45 -32.68
N ILE D 660 -12.37 -0.01 -33.28
CA ILE D 660 -11.25 -0.53 -32.51
C ILE D 660 -10.67 0.54 -31.61
N ILE D 661 -10.47 1.74 -32.14
CA ILE D 661 -9.90 2.84 -31.36
C ILE D 661 -10.78 3.17 -30.16
N LEU D 662 -12.09 3.25 -30.38
CA LEU D 662 -13.00 3.56 -29.29
C LEU D 662 -12.93 2.48 -28.21
N LEU D 663 -12.93 1.21 -28.63
CA LEU D 663 -12.89 0.14 -27.65
C LEU D 663 -11.59 0.16 -26.84
N LEU D 664 -10.47 0.41 -27.49
CA LEU D 664 -9.21 0.38 -26.76
C LEU D 664 -9.08 1.59 -25.85
N ALA D 665 -9.60 2.75 -26.27
CA ALA D 665 -9.64 3.89 -25.36
C ALA D 665 -10.47 3.57 -24.13
N TYR D 666 -11.64 2.95 -24.32
CA TYR D 666 -12.46 2.56 -23.18
C TYR D 666 -11.71 1.59 -22.26
N VAL D 667 -11.06 0.59 -22.85
CA VAL D 667 -10.35 -0.41 -22.06
C VAL D 667 -9.24 0.24 -21.24
N ILE D 668 -8.45 1.10 -21.88
CA ILE D 668 -7.34 1.73 -21.20
C ILE D 668 -7.83 2.64 -20.09
N LEU D 669 -8.95 3.33 -20.31
CA LEU D 669 -9.41 4.32 -19.36
C LEU D 669 -10.09 3.67 -18.16
N THR D 670 -10.83 2.58 -18.37
CA THR D 670 -11.56 1.93 -17.29
C THR D 670 -10.82 0.76 -16.67
N TYR D 671 -10.29 -0.16 -17.48
CA TYR D 671 -9.75 -1.40 -16.96
C TYR D 671 -8.33 -1.25 -16.41
N ILE D 672 -7.51 -0.46 -17.09
CA ILE D 672 -6.10 -0.35 -16.73
C ILE D 672 -5.83 0.82 -15.78
N LEU D 673 -6.67 1.84 -15.80
CA LEU D 673 -6.51 3.01 -14.95
C LEU D 673 -7.47 3.05 -13.78
N LEU D 674 -8.77 2.96 -14.04
CA LEU D 674 -9.76 3.23 -13.00
C LEU D 674 -9.82 2.13 -11.95
N LEU D 675 -9.80 0.87 -12.36
CA LEU D 675 -9.91 -0.24 -11.42
C LEU D 675 -8.69 -0.34 -10.51
N ASN D 676 -7.50 -0.30 -11.09
CA ASN D 676 -6.29 -0.34 -10.29
C ASN D 676 -6.16 0.89 -9.41
N MET D 677 -6.57 2.04 -9.95
CA MET D 677 -6.69 3.26 -9.16
C MET D 677 -7.60 3.05 -7.97
N LEU D 678 -8.71 2.36 -8.16
CA LEU D 678 -9.62 2.06 -7.07
C LEU D 678 -8.95 1.21 -6.02
N ILE D 679 -8.21 0.19 -6.44
CA ILE D 679 -7.48 -0.65 -5.49
C ILE D 679 -6.54 0.18 -4.64
N ALA D 680 -5.82 1.08 -5.30
CA ALA D 680 -4.91 1.99 -4.59
C ALA D 680 -5.65 2.83 -3.55
N LEU D 681 -6.78 3.40 -3.94
CA LEU D 681 -7.54 4.24 -3.02
C LEU D 681 -8.05 3.43 -1.84
N MET D 682 -8.52 2.22 -2.09
CA MET D 682 -8.92 1.33 -1.01
C MET D 682 -7.78 1.11 -0.04
N GLY D 683 -6.57 0.91 -0.55
CA GLY D 683 -5.42 0.74 0.32
C GLY D 683 -5.19 1.95 1.21
N GLU D 684 -5.24 3.15 0.61
CA GLU D 684 -5.07 4.36 1.40
C GLU D 684 -6.14 4.47 2.49
N THR D 685 -7.39 4.22 2.12
CA THR D 685 -8.48 4.31 3.09
C THR D 685 -8.29 3.31 4.22
N VAL D 686 -7.91 2.07 3.90
CA VAL D 686 -7.66 1.07 4.93
C VAL D 686 -6.57 1.55 5.87
N ASN D 687 -5.48 2.06 5.32
CA ASN D 687 -4.43 2.60 6.18
C ASN D 687 -4.94 3.72 7.06
N LYS D 688 -6.00 4.40 6.62
CA LYS D 688 -6.48 5.57 7.34
C LYS D 688 -7.49 5.26 8.44
N ILE D 689 -8.31 4.22 8.28
CA ILE D 689 -9.49 4.06 9.13
C ILE D 689 -9.34 2.90 10.11
N ALA D 690 -8.11 2.64 10.55
CA ALA D 690 -7.88 1.51 11.44
C ALA D 690 -8.59 1.69 12.78
N GLN D 691 -8.54 2.88 13.36
CA GLN D 691 -9.07 3.11 14.69
C GLN D 691 -10.52 3.57 14.68
N GLU D 692 -10.87 4.39 13.70
CA GLU D 692 -12.27 4.81 13.55
C GLU D 692 -13.19 3.61 13.41
N SER D 693 -12.76 2.56 12.71
CA SER D 693 -13.61 1.40 12.55
C SER D 693 -13.86 0.70 13.88
N LYS D 694 -12.82 0.58 14.71
CA LYS D 694 -12.99 -0.01 16.03
C LYS D 694 -13.95 0.82 16.88
N ASN D 695 -13.80 2.14 16.84
CA ASN D 695 -14.68 2.98 17.64
C ASN D 695 -16.13 2.88 17.17
N ILE D 696 -16.34 2.83 15.85
CA ILE D 696 -17.69 2.70 15.33
C ILE D 696 -18.28 1.35 15.69
N TRP D 697 -17.45 0.31 15.70
CA TRP D 697 -17.93 -0.99 16.15
C TRP D 697 -18.36 -0.94 17.60
N LYS D 698 -17.59 -0.25 18.45
CA LYS D 698 -17.94 -0.12 19.85
C LYS D 698 -19.28 0.59 20.01
N LEU D 699 -19.50 1.65 19.22
CA LEU D 699 -20.80 2.30 19.21
C LEU D 699 -21.92 1.35 18.81
N GLN D 700 -21.71 0.58 17.74
CA GLN D 700 -22.76 -0.31 17.27
C GLN D 700 -23.13 -1.32 18.35
N ARG D 701 -22.12 -1.88 19.01
CA ARG D 701 -22.37 -2.81 20.10
C ARG D 701 -23.07 -2.13 21.26
N ALA D 702 -22.70 -0.89 21.58
CA ALA D 702 -23.36 -0.17 22.65
C ALA D 702 -24.84 0.03 22.36
N ILE D 703 -25.16 0.43 21.13
CA ILE D 703 -26.55 0.59 20.75
C ILE D 703 -27.30 -0.72 20.88
N THR D 704 -26.67 -1.82 20.44
CA THR D 704 -27.28 -3.12 20.58
C THR D 704 -27.57 -3.43 22.06
N ILE D 705 -26.61 -3.13 22.92
CA ILE D 705 -26.78 -3.38 24.35
C ILE D 705 -27.96 -2.60 24.89
N LEU D 706 -28.01 -1.30 24.59
CA LEU D 706 -29.09 -0.47 25.10
C LEU D 706 -30.44 -0.94 24.61
N ASP D 707 -30.56 -1.22 23.31
CA ASP D 707 -31.83 -1.67 22.76
C ASP D 707 -32.28 -2.97 23.41
N THR D 708 -31.37 -3.94 23.53
CA THR D 708 -31.73 -5.20 24.19
C THR D 708 -32.17 -4.96 25.62
N GLU D 709 -31.44 -4.12 26.35
CA GLU D 709 -31.74 -3.89 27.76
C GLU D 709 -33.11 -3.23 27.92
N LYS D 710 -33.48 -2.38 26.97
CA LYS D 710 -34.81 -1.80 27.00
C LYS D 710 -35.88 -2.84 26.70
N SER D 711 -35.64 -3.70 25.71
CA SER D 711 -36.67 -4.64 25.29
C SER D 711 -37.05 -5.59 26.42
N PHE D 712 -36.06 -6.05 27.18
CA PHE D 712 -36.26 -7.06 28.22
C PHE D 712 -36.52 -6.45 29.59
N LEU D 713 -37.14 -5.28 29.63
CA LEU D 713 -37.53 -4.71 30.91
C LEU D 713 -38.52 -5.61 31.64
N LYS D 714 -39.49 -6.17 30.91
CA LYS D 714 -40.48 -7.04 31.54
C LYS D 714 -39.83 -8.26 32.17
N CYS D 715 -38.95 -8.93 31.44
CA CYS D 715 -38.28 -10.12 31.97
C CYS D 715 -37.46 -9.77 33.21
N MET D 716 -36.76 -8.63 33.18
CA MET D 716 -35.95 -8.21 34.32
C MET D 716 -35.85 -6.68 34.28
N ARG D 717 -36.66 -6.01 35.09
CA ARG D 717 -36.65 -4.55 35.10
C ARG D 717 -35.37 -4.02 35.72
N LYS D 718 -34.98 -4.56 36.88
CA LYS D 718 -33.77 -4.11 37.56
C LYS D 718 -32.95 -5.26 38.14
N ALA D 719 -33.27 -6.51 37.78
CA ALA D 719 -32.46 -7.63 38.26
C ALA D 719 -31.04 -7.53 37.76
N PHE D 720 -30.86 -7.18 36.48
CA PHE D 720 -29.54 -7.00 35.88
C PHE D 720 -29.20 -5.51 35.90
N ARG D 721 -28.73 -5.05 37.05
CA ARG D 721 -28.27 -3.67 37.23
C ARG D 721 -26.79 -3.68 37.54
N SER D 722 -26.07 -2.71 36.99
CA SER D 722 -24.62 -2.72 37.06
C SER D 722 -24.10 -2.03 38.31
N GLY D 723 -22.94 -2.48 38.76
CA GLY D 723 -22.36 -1.97 39.99
C GLY D 723 -23.12 -2.51 41.19
N LYS D 724 -22.70 -2.07 42.37
CA LYS D 724 -23.41 -2.44 43.58
C LYS D 724 -23.51 -1.25 44.51
N LEU D 725 -24.49 -1.32 45.41
CA LEU D 725 -24.73 -0.27 46.39
C LEU D 725 -23.70 -0.38 47.49
N LEU D 726 -22.91 0.68 47.67
CA LEU D 726 -21.86 0.67 48.67
C LEU D 726 -21.89 1.98 49.44
N GLN D 727 -21.47 1.90 50.70
CA GLN D 727 -21.29 3.09 51.53
C GLN D 727 -19.91 3.67 51.24
N VAL D 728 -19.90 4.95 50.93
CA VAL D 728 -18.71 5.64 50.47
C VAL D 728 -18.14 6.52 51.59
N GLY D 729 -19.01 7.19 52.31
CA GLY D 729 -18.58 8.09 53.35
C GLY D 729 -19.78 8.68 54.08
N PHE D 730 -19.68 9.94 54.48
CA PHE D 730 -20.74 10.61 55.21
C PHE D 730 -21.01 11.96 54.58
N THR D 731 -22.29 12.25 54.38
CA THR D 731 -22.67 13.56 53.89
C THR D 731 -22.39 14.61 54.96
N PRO D 732 -22.12 15.87 54.55
CA PRO D 732 -21.87 16.91 55.56
C PRO D 732 -22.98 17.03 56.59
N ASP D 733 -24.20 16.63 56.24
CA ASP D 733 -25.29 16.58 57.21
C ASP D 733 -25.07 15.50 58.26
N GLY D 734 -24.10 14.62 58.08
CA GLY D 734 -23.78 13.57 59.03
C GLY D 734 -24.37 12.22 58.70
N LYS D 735 -25.30 12.14 57.75
CA LYS D 735 -25.87 10.86 57.37
C LYS D 735 -24.87 10.06 56.54
N ASP D 736 -25.20 8.80 56.30
CA ASP D 736 -24.38 7.95 55.46
C ASP D 736 -24.51 8.36 54.00
N ASP D 737 -23.50 8.02 53.21
CA ASP D 737 -23.50 8.25 51.78
C ASP D 737 -23.50 6.89 51.09
N TYR D 738 -24.61 6.55 50.45
CA TYR D 738 -24.77 5.27 49.76
C TYR D 738 -24.92 5.54 48.27
N ARG D 739 -24.08 4.90 47.46
CA ARG D 739 -24.11 5.12 46.02
C ARG D 739 -23.95 3.80 45.28
N TRP D 740 -24.50 3.78 44.06
CA TRP D 740 -24.35 2.63 43.16
C TRP D 740 -23.01 2.75 42.45
N CYS D 741 -21.99 2.16 43.03
CA CYS D 741 -20.63 2.34 42.53
C CYS D 741 -20.20 1.16 41.67
N PHE D 742 -19.20 1.42 40.84
CA PHE D 742 -18.65 0.42 39.92
C PHE D 742 -17.15 0.33 40.19
N ARG D 743 -16.76 -0.72 40.91
CA ARG D 743 -15.37 -0.84 41.34
C ARG D 743 -14.46 -1.18 40.17
N VAL D 744 -13.22 -0.71 40.26
CA VAL D 744 -12.16 -1.00 39.30
C VAL D 744 -10.88 -1.26 40.08
N ASP D 745 -10.05 -2.16 39.57
CA ASP D 745 -8.76 -2.46 40.18
C ASP D 745 -7.66 -1.98 39.23
N GLU D 746 -6.69 -1.24 39.78
CA GLU D 746 -5.58 -0.72 38.99
C GLU D 746 -4.30 -0.80 39.81
N VAL D 747 -3.22 -1.27 39.18
CA VAL D 747 -1.95 -1.45 39.85
C VAL D 747 -0.97 -0.43 39.27
N ASN D 748 -0.33 0.35 40.14
CA ASN D 748 0.64 1.35 39.75
C ASN D 748 1.93 1.11 40.52
N TRP D 749 3.00 0.78 39.79
CA TRP D 749 4.28 0.52 40.43
C TRP D 749 5.03 1.80 40.71
N THR D 750 4.82 2.84 39.89
CA THR D 750 5.59 4.07 40.03
C THR D 750 5.28 4.77 41.36
N THR D 751 3.99 4.89 41.71
CA THR D 751 3.62 5.66 42.88
C THR D 751 4.14 5.01 44.16
N TRP D 752 3.91 3.72 44.33
CA TRP D 752 4.30 3.03 45.56
C TRP D 752 3.64 3.66 46.78
C10 6OU E . 8.04 -30.82 -14.68
C11 6OU E . 9.19 -31.87 -14.60
C12 6OU E . 9.07 -33.09 -15.59
C13 6OU E . 8.65 -34.46 -14.98
C14 6OU E . 8.30 -35.58 -16.03
C15 6OU E . 8.34 -35.13 -17.53
C16 6OU E . 6.95 -35.05 -18.19
O17 6OU E . 6.32 -34.04 -18.28
O18 6OU E . 6.45 -36.24 -18.68
C19 6OU E . 5.44 -36.89 -17.90
C20 6OU E . 5.30 -38.42 -18.21
C21 6OU E . 3.82 -38.82 -18.60
O22 6OU E . 3.77 -40.13 -19.07
P23 6OU E . 3.27 -40.44 -20.73
O24 6OU E . 4.25 -41.41 -21.28
O25 6OU E . 2.99 -39.10 -21.34
O26 6OU E . 1.76 -41.25 -20.62
C27 6OU E . 1.72 -42.64 -20.55
C28 6OU E . 0.36 -43.15 -19.96
O30 6OU E . 5.71 -39.16 -17.04
C31 6OU E . 5.19 -38.81 -15.80
O32 6OU E . 4.16 -38.22 -15.72
C33 6OU E . 6.00 -39.22 -14.54
C34 6OU E . 6.02 -38.11 -13.43
C35 6OU E . 7.39 -37.39 -13.18
C36 6OU E . 7.81 -37.22 -11.68
C37 6OU E . 7.74 -35.78 -11.09
C38 6OU E . 9.04 -34.93 -11.20
C39 6OU E . 9.04 -33.61 -10.40
C40 6OU E . 9.42 -32.38 -11.17
C41 6OU E . 9.12 -31.11 -10.84
C42 6OU E . 8.33 -30.72 -9.61
C43 6OU E . 8.06 -29.20 -9.39
C1 LBN F . 4.01 -48.13 -18.73
C2 LBN F . 5.27 -47.49 -18.05
C3 LBN F . 5.86 -48.49 -17.01
C4 LBN F . 13.67 -46.63 -7.57
C5 LBN F . 11.30 -41.27 -11.99
O1 LBN F . 4.45 -49.10 -19.64
C8 LBN F . 11.54 -42.46 -11.10
C11 LBN F . 12.87 -42.47 -10.28
C14 LBN F . 12.98 -41.40 -9.16
C17 LBN F . 14.25 -41.54 -8.29
C25 LBN F . 6.62 -47.26 -15.11
O5 LBN F . 5.65 -48.00 -15.70
C26 LBN F . 6.40 -46.97 -13.63
O6 LBN F . 7.58 -46.87 -15.74
C27 LBN F . 7.52 -46.17 -12.95
C28 LBN F . 7.62 -46.33 -11.41
C29 LBN F . 8.72 -45.51 -10.69
C30 LBN F . 9.22 -46.11 -9.35
C31 LBN F . 10.76 -46.18 -9.14
C32 LBN F . 11.33 -47.46 -8.46
C33 LBN F . 12.87 -47.62 -8.47
C34 LBN F . 6.25 -46.33 -19.96
O7 LBN F . 6.32 -47.32 -19.02
C35 LBN F . 6.61 -44.95 -19.42
O8 LBN F . 5.93 -46.60 -21.10
C36 LBN F . 8.08 -44.50 -19.61
C37 LBN F . 8.98 -44.50 -18.34
C38 LBN F . 8.92 -43.22 -17.48
C39 LBN F . 9.12 -43.51 -15.96
C40 LBN F . 10.06 -42.54 -15.21
C41 LBN F . 9.65 -42.15 -13.76
C42 LBN F . 10.53 -41.15 -13.08
C02 YFP G . 15.55 -36.13 -6.56
C03 YFP G . 15.19 -34.62 -6.64
C04 YFP G . 15.91 -33.70 -5.59
C05 YFP G . 15.48 -32.19 -5.60
C06 YFP G . 16.44 -31.20 -4.85
C07 YFP G . 16.49 -31.37 -3.29
C08 YFP G . 17.17 -30.20 -2.50
C09 YFP G . 18.28 -30.63 -1.48
C10 YFP G . 19.55 -29.73 -1.44
C11 YFP G . 19.30 -28.18 -1.29
C12 YFP G . 20.58 -27.29 -1.33
C13 YFP G . 20.37 -25.76 -1.03
C14 YFP G . 21.68 -24.91 -0.79
C15 YFP G . 21.76 -23.56 -1.61
C16 YFP G . 21.46 -22.28 -0.78
C19 YFP G . 19.50 -20.88 -0.36
C20 YFP G . 19.03 -19.38 -0.64
C21 YFP G . 19.16 -18.49 0.66
C33 YFP G . 17.25 -20.44 -2.00
C35 YFP G . 15.78 -20.90 -2.18
C36 YFP G . 15.55 -22.44 -2.02
C37 YFP G . 14.08 -22.95 -2.30
C38 YFP G . 13.37 -23.68 -1.10
O17 YFP G . 22.00 -22.07 0.31
O18 YFP G . 20.58 -21.31 -1.22
O22 YFP G . 19.74 -19.22 1.70
O24 YFP G . 19.67 -19.66 4.25
O25 YFP G . 19.22 -17.29 3.40
O26 YFP G . 21.66 -18.24 3.33
O32 YFP G . 17.65 -19.44 -1.11
O34 YFP G . 18.14 -20.95 -2.69
P23 YFP G . 20.00 -18.59 3.24
C1 T7X H . 4.26 -22.78 13.20
O1 T7X H . 3.59 -24.00 13.16
P1 T7X H . 3.82 -24.92 11.82
C2 T7X H . 5.17 -22.72 14.43
O2 T7X H . 5.85 -23.95 14.54
C3 T7X H . 4.42 -22.47 15.72
O3 T7X H . 5.34 -22.35 16.75
C4 T7X H . 3.60 -21.18 15.60
O4 T7X H . 2.96 -20.89 16.81
C5 T7X H . 2.56 -21.34 14.49
O5 T7X H . 1.81 -20.16 14.38
C6 T7X H . 3.21 -21.66 13.15
O6 T7X H . 3.84 -20.48 12.69
C7 T7X H . 3.46 -24.47 9.31
C8 T7X H . 2.51 -23.98 8.22
C9 T7X H . 2.27 -25.14 7.27
C10 T7X H . 0.32 -23.14 7.86
C11 T7X H . 3.22 -26.63 5.79
O11 T7X H . 5.27 -24.88 11.42
C12 T7X H . -1.13 -23.11 8.27
O12 T7X H . 3.43 -26.35 12.10
C13 T7X H . -2.05 -23.52 7.13
O13 T7X H . 2.92 -24.33 10.58
C14 T7X H . -3.26 -24.23 7.72
C15 T7X H . -4.48 -23.98 6.84
C16 T7X H . -5.29 -24.98 6.55
O16 T7X H . 1.29 -23.58 8.78
O17 T7X H . 0.64 -22.79 6.77
O18 T7X H . 3.45 -25.67 6.76
O19 T7X H . 3.27 -27.78 6.06
C31 T7X H . 2.91 -26.21 4.35
C32 T7X H . 1.41 -26.18 4.08
C33 T7X H . 1.05 -24.94 3.26
C34 T7X H . -0.46 -24.68 3.24
C35 T7X H . -1.17 -25.82 2.53
C36 T7X H . -2.64 -25.48 2.36
C37 T7X H . -3.53 -26.48 3.07
C38 T7X H . -3.53 -27.84 2.36
C39 T7X H . -4.57 -27.86 1.23
C40 T7X H . -4.44 -29.19 0.47
C41 T7X H . -5.56 -29.33 -0.54
C42 T7X H . -5.71 -30.79 -0.97
C43 T7X H . -7.13 -31.29 -0.74
C1 LBN I . 12.78 -36.62 5.83
N1 LBN I . 7.51 -32.99 9.91
P1 LBN I . 11.34 -35.74 7.94
C2 LBN I . 12.49 -38.06 5.20
C3 LBN I . 12.95 -39.16 6.21
C6 LBN I . 8.71 -32.84 8.95
O1 LBN I . 11.61 -36.05 6.32
C9 LBN I . 9.80 -33.92 9.21
O2 LBN I . 9.98 -34.58 8.04
C12 LBN I . 7.94 -32.74 11.35
O3 LBN I . 12.43 -34.85 8.43
C15 LBN I . 6.90 -34.38 9.78
O4 LBN I . 10.75 -36.93 8.58
C18 LBN I . 6.44 -31.96 9.55
C25 LBN I . 14.75 -40.75 6.38
O5 LBN I . 14.28 -39.55 5.90
C26 LBN I . 14.80 -41.86 5.35
O6 LBN I . 15.08 -40.87 7.53
C27 LBN I . 16.21 -42.21 4.85
C28 LBN I . 16.35 -43.58 4.13
C29 LBN I . 17.37 -43.65 2.96
C30 LBN I . 18.57 -44.61 3.18
C31 LBN I . 19.61 -44.74 2.03
C32 LBN I . 20.99 -44.08 2.25
C33 LBN I . 22.20 -44.77 1.53
C34 LBN I . 10.63 -39.11 4.04
O7 LBN I . 11.09 -38.30 5.04
C35 LBN I . 10.29 -40.52 4.50
O8 LBN I . 10.54 -38.67 2.91
C36 LBN I . 9.91 -41.52 3.37
C37 LBN I . 11.09 -41.99 2.46
C38 LBN I . 11.00 -43.43 1.90
C39 LBN I . 10.22 -44.40 2.83
C06 6OU J . -12.23 -26.64 -0.74
C07 6OU J . -13.55 -26.63 -1.59
C08 6OU J . -14.73 -27.51 -1.08
C09 6OU J . -16.12 -27.28 -1.76
C10 6OU J . -17.10 -28.49 -1.76
C11 6OU J . -17.98 -28.70 -3.03
C12 6OU J . -18.71 -30.07 -3.12
C13 6OU J . -18.72 -30.79 -4.50
C14 6OU J . -19.92 -31.77 -4.75
C15 6OU J . -20.30 -31.99 -6.25
C16 6OU J . -21.19 -33.24 -6.49
O17 6OU J . -20.74 -34.35 -6.57
O18 6OU J . -22.54 -33.00 -6.61
C19 6OU J . -23.05 -31.86 -5.90
C20 6OU J . -24.49 -32.09 -5.33
C21 6OU J . -25.51 -32.58 -6.42
O22 6OU J . -24.87 -32.78 -7.63
P23 6OU J . -25.80 -32.65 -9.13
O24 6OU J . -26.69 -31.49 -8.97
O25 6OU J . -24.80 -32.80 -10.24
O26 6OU J . -26.79 -34.07 -9.19
O30 6OU J . -24.96 -30.84 -4.74
C31 6OU J . -24.65 -30.58 -3.41
O32 6OU J . -23.90 -31.28 -2.80
C33 6OU J . -25.33 -29.34 -2.77
C34 6OU J . -24.74 -27.97 -3.29
C35 6OU J . -23.32 -27.57 -2.76
C36 6OU J . -22.81 -26.16 -3.21
C37 6OU J . -21.62 -26.13 -4.22
C38 6OU J . -20.57 -25.00 -4.03
C39 6OU J . -19.84 -24.56 -5.31
C40 6OU J . -19.03 -23.30 -5.19
C41 6OU J . -18.15 -23.03 -4.21
C42 6OU J . -17.34 -21.76 -4.11
C43 6OU J . -16.02 -21.81 -3.29
C10 6OU K . -10.54 -26.94 9.05
C11 6OU K . -9.16 -26.21 9.18
C12 6OU K . -9.07 -25.08 10.25
C13 6OU K . -7.80 -25.03 11.14
C14 6OU K . -7.93 -24.20 12.46
C15 6OU K . -7.26 -22.80 12.47
C16 6OU K . -7.25 -22.11 13.85
O17 6OU K . -8.05 -22.35 14.70
O18 6OU K . -6.25 -21.21 14.07
C19 6OU K . -6.60 -20.02 14.81
C20 6OU K . -7.02 -18.83 13.89
C21 6OU K . -6.35 -17.47 14.34
O22 6OU K . -4.97 -17.59 14.37
P23 6OU K . -3.98 -16.16 14.77
O24 6OU K . -3.07 -16.59 15.86
O25 6OU K . -4.94 -15.03 14.86
O26 6OU K . -3.01 -15.87 13.38
O30 6OU K . -8.46 -18.72 13.94
C31 6OU K . -9.15 -18.36 12.78
O32 6OU K . -8.78 -17.46 12.10
C33 6OU K . -10.41 -19.19 12.43
C34 6OU K . -10.11 -20.39 11.48
C35 6OU K . -11.20 -20.75 10.43
C36 6OU K . -12.15 -21.93 10.80
C37 6OU K . -12.73 -22.76 9.62
O30 6OU L . -10.92 -15.27 15.32
C31 6OU L . -10.58 -14.87 14.04
O32 6OU L . -9.54 -15.18 13.56
C33 6OU L . -11.61 -13.99 13.27
C34 6OU L . -12.11 -14.64 11.94
C35 6OU L . -12.82 -16.02 12.05
C36 6OU L . -13.96 -16.29 11.01
C37 6OU L . -13.76 -17.49 10.04
C38 6OU L . -14.98 -18.46 9.86
C39 6OU L . -15.25 -18.98 8.44
C40 6OU L . -14.05 -19.29 7.59
C41 6OU L . -13.99 -20.20 6.59
C42 6OU L . -15.11 -21.10 6.13
C43 6OU L . -16.54 -20.52 6.11
C40 6OU M . 1.74 -54.68 -3.49
C41 6OU M . 0.62 -54.02 -3.13
C42 6OU M . 0.53 -52.53 -2.97
C43 6OU M . -0.88 -51.92 -2.82
C44 6OU M . -0.94 -50.48 -2.33
C45 6OU M . -1.94 -49.58 -3.06
C46 6OU M . -2.00 -48.11 -2.62
C47 6OU M . -1.67 -47.09 -3.70
C48 6OU M . -0.56 -46.07 -3.37
C49 6OU M . 0.27 -45.62 -4.57
C08 6OU N . -31.75 0.41 -10.30
C09 6OU N . -33.23 -0.08 -10.39
C10 6OU N . -34.05 0.42 -11.60
C11 6OU N . -33.93 -0.39 -12.93
C12 6OU N . -35.13 -0.28 -13.92
C13 6OU N . -35.56 -1.58 -14.65
C14 6OU N . -36.82 -1.44 -15.58
C15 6OU N . -37.99 -2.42 -15.27
C16 6OU N . -38.52 -3.18 -16.52
O17 6OU N . -37.96 -3.17 -17.58
O18 6OU N . -39.71 -3.89 -16.33
C19 6OU N . -39.78 -5.23 -16.90
C20 6OU N . -39.55 -6.38 -15.85
C21 6OU N . -39.23 -7.77 -16.55
O22 6OU N . -38.89 -7.59 -17.87
P23 6OU N . -39.48 -8.72 -19.12
O24 6OU N . -40.92 -8.42 -19.31
O25 6OU N . -38.47 -8.69 -20.22
O26 6OU N . -39.39 -10.30 -18.43
O30 6OU N . -40.76 -6.52 -15.05
C31 6OU N . -40.69 -6.33 -13.67
O32 6OU N . -41.10 -7.16 -12.91
C33 6OU N . -40.07 -5.00 -13.17
C34 6OU N . -39.10 -5.18 -11.95
C35 6OU N . -38.07 -4.03 -11.70
C36 6OU N . -37.25 -4.13 -10.37
C37 6OU N . -37.47 -3.02 -9.31
C38 6OU N . -36.19 -2.43 -8.64
C39 6OU N . -35.90 -2.92 -7.20
C40 6OU N . -34.44 -2.97 -6.83
C41 6OU N . -33.90 -3.75 -5.88
C10 6OU O . -29.18 5.84 -18.98
C11 6OU O . -30.31 6.91 -19.08
C12 6OU O . -31.45 6.61 -20.11
C13 6OU O . -31.45 7.45 -21.42
C14 6OU O . -32.44 6.96 -22.53
C15 6OU O . -33.23 5.66 -22.19
C16 6OU O . -32.80 4.43 -23.03
O17 6OU O . -32.02 3.61 -22.64
O18 6OU O . -33.39 4.31 -24.27
C19 6OU O . -32.57 4.69 -25.40
C20 6OU O . -33.42 5.03 -26.67
C21 6OU O . -32.98 4.17 -27.92
O22 6OU O . -33.86 4.35 -28.97
P23 6OU O . -34.80 2.97 -29.57
O24 6OU O . -36.20 3.45 -29.72
O25 6OU O . -34.40 1.82 -28.72
O26 6OU O . -34.20 2.66 -31.16
C27 6OU O . -34.79 3.28 -32.26
C28 6OU O . -33.84 3.27 -33.49
O30 6OU O . -33.25 6.45 -26.96
C31 6OU O . -31.96 6.96 -27.00
O32 6OU O . -31.02 6.27 -27.19
C33 6OU O . -31.83 8.50 -26.77
C34 6OU O . -30.59 8.89 -25.87
C35 6OU O . -30.90 9.44 -24.44
C36 6OU O . -30.09 10.72 -24.02
C37 6OU O . -28.99 10.53 -22.93
C38 6OU O . -29.44 10.71 -21.45
C39 6OU O . -28.29 10.76 -20.42
C40 6OU O . -28.45 9.84 -19.24
C41 6OU O . -27.46 9.42 -18.44
C42 6OU O . -26.00 9.79 -18.61
C43 6OU O . -24.98 9.18 -17.60
C1 LBN P . -37.57 8.12 -35.01
C2 LBN P . -37.56 8.99 -33.70
C3 LBN P . -37.71 10.49 -34.09
C4 LBN P . -35.33 20.73 -27.50
C5 LBN P . -34.29 13.93 -24.94
O1 LBN P . -38.86 8.06 -35.50
C8 LBN P . -34.40 15.22 -25.70
C11 LBN P . -34.66 16.50 -24.85
C14 LBN P . -33.51 16.95 -23.92
C17 LBN P . -33.76 18.30 -23.21
C25 LBN P . -36.34 11.80 -32.61
O5 LBN P . -36.49 11.18 -33.82
C26 LBN P . -35.10 12.68 -32.49
O6 LBN P . -37.15 11.62 -31.71
C27 LBN P . -34.96 13.40 -31.14
C28 LBN P . -34.09 14.69 -31.18
C29 LBN P . -33.89 15.44 -29.83
C30 LBN P . -33.60 16.95 -29.95
C31 LBN P . -34.42 17.91 -29.03
C32 LBN P . -34.91 19.24 -29.64
C33 LBN P . -35.91 20.07 -28.79
C34 LBN P . -38.84 7.53 -32.22
O7 LBN P . -38.73 8.70 -32.94
C35 LBN P . -38.05 7.53 -30.92
O8 LBN P . -39.52 6.62 -32.65
C36 LBN P . -38.85 7.92 -29.64
C37 LBN P . -38.56 9.33 -29.05
C38 LBN P . -37.35 9.42 -28.08
C39 LBN P . -36.61 10.79 -28.15
C40 LBN P . -36.25 11.40 -26.78
C41 LBN P . -34.87 12.14 -26.71
C42 LBN P . -34.48 12.67 -25.37
C02 YFP Q . -30.86 17.95 -18.17
C03 YFP Q . -30.00 17.08 -17.22
C04 YFP Q . -29.31 17.85 -16.04
C05 YFP Q . -28.35 16.98 -15.15
C06 YFP Q . -27.96 17.60 -13.76
C07 YFP Q . -27.05 18.88 -13.82
C08 YFP Q . -26.40 19.32 -12.47
C09 YFP Q . -26.58 20.82 -12.07
C10 YFP Q . -26.90 21.10 -10.57
C11 YFP Q . -25.93 20.43 -9.54
C12 YFP Q . -26.30 20.66 -8.03
C13 YFP Q . -25.25 20.13 -6.98
C14 YFP Q . -25.48 20.60 -5.49
C15 YFP Q . -25.43 19.45 -4.41
C16 YFP Q . -24.11 19.38 -3.59
C19 YFP Q . -22.00 18.15 -3.74
C20 YFP Q . -21.20 17.05 -2.88
C21 YFP Q . -20.02 17.72 -2.08
C33 YFP Q . -21.53 15.60 -4.85
C35 YFP Q . -20.98 14.94 -6.14
C36 YFP Q . -21.47 15.59 -7.49
C37 YFP Q . -21.01 14.87 -8.81
C38 YFP Q . -20.16 15.73 -9.80
O17 YFP Q . -23.62 20.39 -3.06
O18 YFP Q . -23.41 18.20 -3.41
O22 YFP Q . -20.03 19.11 -2.26
O24 YFP Q . -18.53 21.20 -2.59
O25 YFP Q . -17.70 19.33 -1.06
O26 YFP Q . -19.65 20.89 -0.25
O32 YFP Q . -20.71 16.04 -3.82
O34 YFP Q . -22.74 15.73 -4.71
P23 YFP Q . -18.88 20.14 -1.58
C1 T7X R . -4.99 21.70 -14.58
O1 T7X R . -5.20 21.86 -15.95
P1 T7X R . -6.63 21.35 -16.55
C2 T7X R . -4.71 23.06 -13.93
O2 T7X R . -5.62 24.01 -14.45
C3 T7X R . -3.29 23.56 -14.18
O3 T7X R . -3.12 24.76 -13.49
C4 T7X R . -2.29 22.51 -13.71
O4 T7X R . -0.97 23.00 -13.86
C5 T7X R . -2.46 21.24 -14.52
O5 T7X R . -1.54 20.28 -14.07
C6 T7X R . -3.88 20.67 -14.37
O6 T7X R . -4.00 20.13 -13.08
C7 T7X R . -7.84 19.07 -16.48
C8 T7X R . -7.75 17.57 -16.73
C9 T7X R . -8.78 17.22 -17.79
C10 T7X R . -6.30 15.86 -17.47
C11 T7X R . -11.02 17.20 -18.38
O11 T7X R . -7.74 21.74 -15.61
C12 T7X R . -5.14 15.44 -18.35
O12 T7X R . -6.90 21.98 -17.89
C13 T7X R . -5.54 14.30 -19.28
O13 T7X R . -6.62 19.72 -16.68
C14 T7X R . -4.76 14.45 -20.57
C15 T7X R . -4.49 13.08 -21.19
C16 T7X R . -4.66 12.88 -22.48
O16 T7X R . -6.48 17.22 -17.17
O17 T7X R . -7.03 15.04 -17.02
O18 T7X R . -10.06 17.65 -17.46
O19 T7X R . -11.40 17.93 -19.23
C31 T7X R . -11.56 15.78 -18.27
C32 T7X R . -10.82 14.81 -19.21
C33 T7X R . -10.56 13.49 -18.49
C34 T7X R . -9.56 12.63 -19.24
C35 T7X R . -10.14 12.22 -20.59
C36 T7X R . -9.21 11.22 -21.26
C37 T7X R . -8.69 11.74 -22.59
C38 T7X R . -9.79 11.77 -23.65
C39 T7X R . -9.92 10.42 -24.35
C40 T7X R . -11.10 10.47 -25.31
C41 T7X R . -11.17 9.21 -26.15
C42 T7X R . -12.05 9.44 -27.38
C43 T7X R . -11.27 9.11 -28.66
C1 LBN S . -21.38 26.19 -20.05
N1 LBN S . -13.87 25.15 -20.49
P1 LBN S . -18.72 26.71 -20.22
C2 LBN S . -22.28 26.19 -21.35
C3 LBN S . -22.42 27.65 -21.89
C6 LBN S . -15.14 24.95 -19.63
O1 LBN S . -20.10 25.75 -20.35
C9 LBN S . -16.12 26.15 -19.77
O2 LBN S . -17.31 25.64 -20.19
C12 LBN S . -13.07 26.35 -19.99
O3 LBN S . -18.64 27.26 -18.84
C15 LBN S . -14.25 25.34 -21.94
O4 LBN S . -18.52 27.42 -21.51
C18 LBN S . -12.98 23.91 -20.38
C25 LBN S . -24.13 29.35 -21.97
O5 LBN S . -23.60 28.24 -21.36
C26 LBN S . -25.36 29.06 -22.83
O6 LBN S . -23.64 30.44 -21.84
C27 LBN S . -26.69 29.53 -22.21
C28 LBN S . -27.88 29.63 -23.20
C29 LBN S . -29.28 29.28 -22.64
C30 LBN S . -30.31 30.45 -22.62
C31 LBN S . -31.73 30.13 -22.08
C32 LBN S . -32.10 30.71 -20.69
C33 LBN S . -33.62 31.05 -20.47
C34 LBN S . -22.43 24.83 -23.37
O7 LBN S . -21.67 25.49 -22.43
C35 LBN S . -22.59 25.61 -24.66
O8 LBN S . -22.91 23.74 -23.11
C36 LBN S . -23.58 25.00 -25.70
C37 LBN S . -25.08 25.09 -25.35
C38 LBN S . -26.08 25.23 -26.52
C39 LBN S . -25.46 25.97 -27.75
C06 6OU T . -6.06 4.62 -28.29
C07 6OU T . -5.82 3.32 -29.14
C08 6OU T . -5.20 3.51 -30.56
C09 6OU T . -4.72 2.20 -31.27
C10 6OU T . -4.68 2.24 -32.83
C11 6OU T . -5.09 0.93 -33.58
C12 6OU T . -5.36 1.07 -35.12
C13 6OU T . -6.59 0.32 -35.69
C14 6OU T . -6.50 -0.05 -37.22
C15 6OU T . -7.35 -1.27 -37.66
C16 6OU T . -7.57 -1.35 -39.20
O17 6OU T . -8.41 -0.73 -39.78
O18 6OU T . -6.73 -2.22 -39.88
C19 6OU T . -5.43 -2.42 -39.30
C20 6OU T . -4.30 -2.59 -40.38
C21 6OU T . -4.64 -3.72 -41.43
O22 6OU T . -5.90 -4.24 -41.20
P23 6OU T . -6.27 -5.89 -41.72
O24 6OU T . -5.08 -6.71 -41.38
O25 6OU T . -7.65 -6.17 -41.23
O26 6OU T . -6.37 -5.82 -43.44
O30 6OU T . -3.06 -2.91 -39.70
C31 6OU T . -2.26 -1.86 -39.27
O32 6OU T . -2.62 -0.74 -39.31
C33 6OU T . -0.84 -2.24 -38.72
C34 6OU T . -0.88 -2.92 -37.31
C35 6OU T . -1.20 -2.00 -36.09
C36 6OU T . -1.14 -2.68 -34.68
C37 6OU T . -2.50 -2.87 -33.93
C38 6OU T . -2.46 -2.69 -32.38
C39 6OU T . -3.52 -3.49 -31.61
C40 6OU T . -3.33 -3.53 -30.11
C41 6OU T . -3.10 -2.47 -29.33
C42 6OU T . -2.91 -2.53 -27.83
C43 6OU T . -3.20 -1.23 -27.02
C10 6OU U . -0.83 13.02 -27.26
C11 6OU U . -1.23 13.49 -25.82
C12 6OU U . -0.06 13.86 -24.86
C13 6OU U . -0.21 15.15 -24.00
C14 6OU U . 1.13 15.74 -23.42
C15 6OU U . 1.38 15.47 -21.91
C16 6OU U . 2.60 16.24 -21.35
O17 6OU U . 3.53 16.57 -22.01
O18 6OU U . 2.58 16.51 -20.00
C19 6OU U . 3.82 16.40 -19.29
C20 6OU U . 4.03 14.98 -18.65
C21 6OU U . 4.56 15.08 -17.17
O22 6OU U . 3.72 15.84 -16.39
P23 6OU U . 4.05 16.01 -14.65
O24 6OU U . 4.02 17.47 -14.37
O25 6OU U . 5.22 15.13 -14.37
O26 6OU U . 2.70 15.31 -13.84
O30 6OU U . 4.98 14.25 -19.48
C31 6OU U . 4.80 12.89 -19.67
O32 6OU U . 4.57 12.17 -18.75
C33 6OU U . 4.94 12.35 -21.11
C34 6OU U . 3.57 12.29 -21.86
C35 6OU U . 3.37 11.10 -22.86
C36 6OU U . 3.62 11.42 -24.36
C37 6OU U . 2.81 10.59 -25.40
O30 6OU V . 8.97 12.62 -18.34
C31 6OU V . 8.11 11.65 -17.84
O32 6OU V . 7.03 11.93 -17.43
C33 6OU V . 8.64 10.19 -17.83
C34 6OU V . 7.77 9.20 -18.67
C35 6OU V . 7.62 9.52 -20.19
C36 6OU V . 7.49 8.29 -21.15
C37 6OU V . 6.17 8.16 -21.97
C38 6OU V . 6.33 7.84 -23.48
C39 6OU V . 5.31 6.84 -24.10
C40 6OU V . 3.90 6.91 -23.59
C41 6OU V . 2.79 6.59 -24.27
C42 6OU V . 2.74 6.05 -25.68
C43 6OU V . 3.85 5.10 -26.15
C40 6OU W . -29.36 21.35 -41.21
C41 6OU W . -28.15 20.79 -41.39
C42 6OU W . -27.29 20.23 -40.29
C43 6OU W . -26.07 19.39 -40.71
C44 6OU W . -25.03 19.13 -39.62
C45 6OU W . -24.49 17.69 -39.58
C46 6OU W . -23.47 17.38 -38.47
C47 6OU W . -23.90 16.28 -37.49
C48 6OU W . -23.85 16.65 -36.00
C49 6OU W . -24.93 15.96 -35.15
C08 6OU X . 12.07 -23.76 -19.94
C09 6OU X . 12.67 -24.35 -21.25
C10 6OU X . 12.60 -25.90 -21.42
C11 6OU X . 11.28 -26.49 -21.99
C12 6OU X . 11.39 -27.88 -22.68
C13 6OU X . 10.57 -28.10 -23.99
C14 6OU X . 10.78 -29.49 -24.69
C15 6OU X . 11.21 -29.42 -26.18
C16 6OU X . 10.36 -30.30 -27.13
O17 6OU X . 9.34 -30.83 -26.79
O18 6OU X . 10.86 -30.44 -28.43
C19 6OU X . 9.91 -30.34 -29.52
C20 6OU X . 9.90 -28.94 -30.25
C21 6OU X . 8.61 -28.72 -31.13
O22 6OU X . 7.62 -29.64 -30.80
P23 6OU X . 6.64 -30.40 -32.08
O24 6OU X . 7.51 -31.37 -32.76
O25 6OU X . 5.33 -30.74 -31.44
O26 6OU X . 6.28 -29.14 -33.22
O30 6OU X . 11.09 -28.87 -31.10
C31 6OU X . 12.02 -27.87 -30.89
O32 6OU X . 12.37 -27.15 -31.77
C33 6OU X . 12.61 -27.74 -29.44
C34 6OU X . 12.73 -26.26 -28.95
C35 6OU X . 12.83 -26.05 -27.40
C36 6OU X . 13.16 -24.60 -26.92
C37 6OU X . 14.51 -24.38 -26.19
C38 6OU X . 14.46 -23.49 -24.91
C39 6OU X . 14.99 -22.05 -25.07
C40 6OU X . 14.34 -21.02 -24.18
C41 6OU X . 14.26 -19.69 -24.43
C10 6OU Y . 3.65 -0.26 -34.88
C11 6OU Y . 4.45 0.52 -35.97
C12 6OU Y . 4.17 0.12 -37.45
C13 6OU Y . 5.25 -0.72 -38.19
C14 6OU Y . 4.81 -1.30 -39.58
C15 6OU Y . 3.33 -1.04 -39.99
C16 6OU Y . 2.43 -2.29 -39.97
O17 6OU Y . 1.74 -2.60 -39.05
O18 6OU Y . 2.48 -3.08 -41.11
C19 6OU Y . 3.25 -4.29 -41.02
C20 6OU Y . 3.68 -4.84 -42.42
C21 6OU Y . 3.23 -6.34 -42.64
O22 6OU Y . 3.44 -6.73 -43.94
P23 6OU Y . 2.06 -7.18 -44.95
O24 6OU Y . 2.26 -6.49 -46.26
O25 6OU Y . 0.86 -7.02 -44.10
O26 6OU Y . 2.24 -8.88 -45.25
C27 6OU Y . 2.95 -9.32 -46.36
C28 6OU Y . 3.41 -10.81 -46.19
O30 6OU Y . 5.13 -4.74 -42.53
C31 6OU Y . 5.90 -5.22 -41.48
O32 6OU Y . 5.48 -6.04 -40.73
C33 6OU Y . 7.34 -4.65 -41.35
C34 6OU Y . 7.76 -4.39 -39.87
C35 6OU Y . 7.92 -2.89 -39.42
C36 6OU Y . 9.21 -2.55 -38.60
C37 6OU Y . 9.02 -2.24 -37.09
C38 6OU Y . 8.78 -0.74 -36.71
C39 6OU Y . 8.84 -0.42 -35.21
C40 6OU Y . 7.67 0.36 -34.67
C41 6OU Y . 7.30 0.42 -33.38
C42 6OU Y . 8.00 -0.31 -32.26
C43 6OU Y . 7.42 -0.14 -30.82
C1 LBN Z . 7.58 -8.84 -50.49
C2 LBN Z . 8.13 -7.50 -49.87
C3 LBN Z . 9.61 -7.30 -50.30
C4 LBN Z . 18.41 0.03 -45.56
C5 LBN Z . 11.60 -0.36 -42.88
O1 LBN Z . 7.37 -8.65 -51.84
C8 LBN Z . 12.97 -0.54 -43.46
C11 LBN Z . 13.95 0.66 -43.33
C14 LBN Z . 14.42 1.00 -41.89
C17 LBN Z . 15.49 2.11 -41.83
C25 LBN Z . 10.82 -6.35 -48.45
O5 LBN Z . 10.46 -7.45 -49.16
C26 LBN Z . 11.89 -6.58 -47.41
O6 LBN Z . 10.29 -5.28 -48.66
C27 LBN Z . 12.32 -5.33 -46.63
C28 LBN Z . 13.73 -5.38 -45.99
C29 LBN Z . 14.18 -4.16 -45.17
C30 LBN Z . 15.72 -3.94 -45.09
C31 LBN Z . 16.26 -2.50 -45.37
C32 LBN Z . 17.56 -2.38 -46.21
C33 LBN Z . 17.95 -0.95 -46.67
C34 LBN Z . 6.14 -6.10 -50.09
O7 LBN Z . 7.43 -6.40 -50.45
C35 LBN Z . 6.02 -5.39 -48.75
O8 LBN Z . 5.23 -6.40 -50.83
C36 LBN Z . 5.94 -3.84 -48.80
C37 LBN Z . 7.21 -3.08 -48.33
C38 LBN Z . 7.35 -2.82 -46.81
C39 LBN Z . 8.82 -2.83 -46.31
C40 LBN Z . 9.18 -1.69 -45.32
C41 LBN Z . 10.15 -2.08 -44.17
C42 LBN Z . 10.45 -0.99 -43.17
C02 YFP AA . 14.66 4.79 -36.73
C03 YFP AA . 13.80 4.91 -35.43
C04 YFP AA . 14.42 5.78 -34.29
C05 YFP AA . 13.60 5.80 -32.95
C06 YFP AA . 13.97 6.95 -31.94
C07 YFP AA . 15.40 6.85 -31.29
C08 YFP AA . 15.65 7.78 -30.07
C09 YFP AA . 16.95 8.64 -30.13
C10 YFP AA . 16.82 10.11 -29.63
C11 YFP AA . 16.16 10.31 -28.22
C12 YFP AA . 15.98 11.80 -27.78
C13 YFP AA . 15.46 12.02 -26.31
C14 YFP AA . 15.53 13.49 -25.77
C15 YFP AA . 14.20 14.02 -25.08
C16 YFP AA . 14.25 14.05 -23.52
C19 YFP AA . 13.53 12.55 -21.73
C20 YFP AA . 12.48 12.56 -20.53
C21 YFP AA . 13.18 12.85 -19.15
C33 YFP AA . 11.45 10.66 -21.73
C35 YFP AA . 11.22 9.13 -21.88
C36 YFP AA . 12.03 8.44 -23.03
C37 YFP AA . 11.74 6.91 -23.28
C38 YFP AA . 12.96 5.94 -23.12
O17 YFP AA . 15.18 14.55 -22.90
O18 YFP AA . 13.23 13.52 -22.75
O22 YFP AA . 14.55 13.12 -19.34
O24 YFP AA . 16.93 12.75 -18.37
O25 YFP AA . 14.98 13.07 -16.75
O26 YFP AA . 15.88 15.13 -18.10
O32 YFP AA . 11.82 11.25 -20.52
O34 YFP AA . 11.30 11.39 -22.70
P23 YFP AA . 15.62 13.44 -18.08
C1 T7X BA . 22.86 -3.49 -13.06
O1 T7X BA . 23.28 -4.49 -13.96
P1 T7X BA . 22.62 -4.43 -15.46
C2 T7X BA . 24.09 -2.69 -12.58
O2 T7X BA . 24.91 -2.40 -13.69
C3 T7X BA . 24.91 -3.42 -11.54
O3 T7X BA . 25.93 -2.57 -11.11
C4 T7X BA . 24.02 -3.82 -10.36
O4 T7X BA . 24.79 -4.43 -9.35
C5 T7X BA . 22.94 -4.78 -10.84
O5 T7X BA . 22.13 -5.14 -9.75
C6 T7X BA . 22.07 -4.16 -11.93
O6 T7X BA . 21.25 -3.19 -11.33
C7 T7X BA . 20.18 -4.48 -16.30
C8 T7X BA . 18.84 -5.16 -16.25
C9 T7X BA . 18.51 -5.67 -17.65
C10 T7X BA . 17.66 -6.98 -15.27
C11 T7X BA . 18.15 -5.08 -19.85
O11 T7X BA . 22.56 -3.01 -15.94
C12 T7X BA . 17.70 -8.39 -14.71
O12 T7X BA . 23.46 -5.23 -16.42
C13 T7X BA . 16.73 -9.29 -15.45
O13 T7X BA . 21.09 -5.04 -15.40
C14 T7X BA . 17.32 -10.70 -15.46
C15 T7X BA . 16.21 -11.74 -15.46
C16 T7X BA . 16.27 -12.78 -16.27
O16 T7X BA . 18.86 -6.25 -15.37
O17 T7X BA . 16.63 -6.50 -15.60
O18 T7X BA . 18.58 -4.65 -18.60
O19 T7X BA . 18.95 -5.39 -20.68
C31 T7X BA . 16.66 -5.15 -20.17
C32 T7X BA . 16.11 -6.56 -19.96
C33 T7X BA . 14.74 -6.49 -19.27
C34 T7X BA . 14.29 -7.85 -18.74
C35 T7X BA . 14.07 -8.81 -19.91
C36 T7X BA . 13.46 -10.10 -19.40
C37 T7X BA . 14.37 -11.29 -19.68
C38 T7X BA . 14.40 -11.64 -21.16
C39 T7X BA . 13.24 -12.55 -21.54
C40 T7X BA . 13.25 -12.76 -23.06
C41 T7X BA . 12.21 -13.80 -23.46
C42 T7X BA . 12.51 -14.34 -24.86
C43 T7X BA . 12.65 -15.86 -24.84
C1 LBN CA . 24.92 1.14 -30.18
N1 LBN CA . 25.59 -3.11 -23.93
P1 LBN CA . 26.01 -0.12 -28.04
C2 LBN CA . 25.01 0.50 -31.63
C3 LBN CA . 26.49 0.55 -32.12
C6 LBN CA . 24.95 -1.85 -24.55
O1 LBN CA . 24.83 0.16 -29.20
C9 LBN CA . 25.91 -1.16 -25.55
O2 LBN CA . 25.26 -1.08 -26.74
C12 LBN CA . 26.79 -2.73 -23.08
O3 LBN CA . 26.24 1.15 -27.29
C15 LBN CA . 26.02 -4.08 -25.02
O4 LBN CA . 27.00 -1.07 -28.58
C18 LBN CA . 24.58 -3.81 -23.03
C25 LBN CA . 27.76 1.80 -33.74
O5 LBN CA . 26.69 1.73 -32.89
C26 LBN CA . 27.42 1.60 -35.20
O6 LBN CA . 28.88 2.00 -33.32
C27 LBN CA . 27.45 2.88 -36.05
C28 LBN CA . 27.51 2.67 -37.59
C29 LBN CA . 26.76 3.70 -38.47
C30 LBN CA . 27.66 4.55 -39.41
C31 LBN CA . 26.95 5.58 -40.33
C32 LBN CA . 27.12 7.08 -39.97
C33 LBN CA . 27.07 8.08 -41.16
C34 LBN CA . 24.12 -1.51 -32.70
O7 LBN CA . 24.69 -0.90 -31.61
C35 LBN CA . 25.12 -2.27 -33.56
O8 LBN CA . 22.93 -1.38 -32.90
C36 LBN CA . 24.56 -2.84 -34.90
C37 LBN CA . 24.24 -1.79 -36.00
C38 LBN CA . 24.44 -2.25 -37.47
C39 LBN CA . 25.53 -3.34 -37.63
C06 6OU DA . 9.38 -19.37 -19.90
C07 6OU DA . 8.39 -20.57 -20.04
C08 6OU DA . 9.00 -21.99 -20.25
C09 6OU DA . 8.01 -23.20 -20.13
C10 6OU DA . 8.40 -24.49 -20.91
C11 6OU DA . 7.23 -25.31 -21.55
C12 6OU DA . 7.64 -26.40 -22.58
C13 6OU DA . 6.80 -26.52 -23.88
C14 6OU DA . 6.80 -27.92 -24.58
C15 6OU DA . 5.55 -28.25 -25.45
C16 6OU DA . 5.76 -29.44 -26.42
O17 6OU DA . 6.31 -29.33 -27.47
O18 6OU DA . 5.26 -30.66 -25.99
C19 6OU DA . 5.22 -30.86 -24.57
C20 6OU DA . 5.53 -32.34 -24.15
C21 6OU DA . 4.61 -33.38 -24.91
O22 6OU DA . 3.80 -32.75 -25.83
P23 6OU DA . 2.27 -33.49 -26.30
O24 6OU DA . 1.66 -34.02 -25.06
O25 6OU DA . 1.60 -32.50 -27.20
O26 6OU DA . 2.69 -34.85 -27.28
O30 6OU DA . 5.34 -32.46 -22.72
C31 6OU DA . 6.41 -32.18 -21.88
O32 6OU DA . 7.41 -31.72 -22.30
C33 6OU DA . 6.22 -32.52 -20.37
C34 6OU DA . 5.26 -31.54 -19.62
C35 6OU DA . 5.81 -30.10 -19.33
C36 6OU DA . 4.87 -29.16 -18.50
C37 6OU DA . 4.23 -27.95 -19.25
C38 6OU DA . 4.07 -26.63 -18.44
C39 6OU DA . 2.91 -25.72 -18.89
C40 6OU DA . 2.59 -24.59 -17.96
C41 6OU DA . 3.47 -23.73 -17.42
C42 6OU DA . 3.13 -22.60 -16.48
C43 6OU DA . 4.13 -21.42 -16.39
C10 6OU EA . 18.26 -18.54 -15.48
C11 6OU EA . 18.30 -17.02 -15.11
C12 6OU EA . 18.70 -16.67 -13.63
C13 6OU EA . 19.70 -15.50 -13.40
C14 6OU EA . 20.41 -15.49 -12.01
C15 6OU EA . 19.89 -14.44 -10.99
C16 6OU EA . 20.74 -14.33 -9.71
O17 6OU EA . 21.40 -15.22 -9.29
O18 6OU EA . 20.69 -13.12 -9.06
C19 6OU EA . 20.70 -13.16 -7.62
C20 6OU EA . 19.25 -13.16 -7.01
C21 6OU EA . 19.13 -12.16 -5.80
O22 6OU EA . 19.50 -10.88 -6.17
P23 6OU EA . 19.37 -9.55 -5.00
O24 6OU EA . 20.68 -8.88 -4.98
O25 6OU EA . 18.71 -10.14 -3.79
O26 6OU EA . 18.23 -8.44 -5.68
O30 6OU EA . 18.94 -14.51 -6.59
C31 6OU EA . 17.64 -14.98 -6.73
O32 6OU EA . 16.71 -14.32 -6.40
C33 6OU EA . 17.47 -16.40 -7.33
C34 6OU EA . 17.30 -16.38 -8.88
C35 6OU EA . 16.34 -17.46 -9.48
C36 6OU EA . 17.02 -18.74 -10.08
C37 6OU EA . 16.29 -19.46 -11.25
O30 6OU FA . 17.97 -15.96 -2.48
C31 6OU FA . 16.76 -15.42 -2.87
O32 6OU FA . 16.71 -14.48 -3.61
C33 6OU FA . 15.47 -16.10 -2.33
C34 6OU FA . 14.54 -16.67 -3.44
C35 6OU FA . 15.14 -17.75 -4.37
C36 6OU FA . 14.14 -18.85 -4.89
C37 6OU FA . 13.94 -18.95 -6.43
C38 6OU FA . 13.99 -20.36 -7.06
C39 6OU FA . 12.96 -20.68 -8.17
C40 6OU FA . 12.63 -19.57 -9.13
C41 6OU FA . 12.23 -19.70 -10.40
C42 6OU FA . 12.03 -20.99 -11.14
C43 6OU FA . 11.45 -22.20 -10.37
C40 6OU GA . 23.27 -13.98 -47.59
C41 6OU GA . 23.03 -14.87 -46.63
C42 6OU GA . 22.43 -14.54 -45.29
C43 6OU GA . 21.98 -15.72 -44.40
C44 6OU GA . 21.71 -15.39 -42.93
C45 6OU GA . 20.44 -16.03 -42.35
C46 6OU GA . 20.11 -15.69 -40.89
C47 6OU GA . 18.77 -15.01 -40.66
C48 6OU GA . 18.80 -13.68 -39.89
C49 6OU GA . 17.73 -12.67 -40.31
C08 6OU HA . -15.69 -29.52 1.83
C09 6OU HA . -15.84 -31.07 1.71
C10 6OU HA . -17.29 -31.61 1.67
C11 6OU HA . -18.02 -31.64 0.28
C12 6OU HA . -19.16 -32.69 0.13
C13 6OU HA . -19.26 -33.43 -1.24
C14 6OU HA . -20.37 -34.52 -1.33
C15 6OU HA . -19.89 -35.94 -1.74
C16 6OU HA . -20.70 -36.58 -2.89
O17 6OU HA . -21.49 -35.97 -3.55
O18 6OU HA . -20.44 -37.93 -3.13
C19 6OU HA . -20.32 -38.36 -4.51
C20 6OU HA . -18.82 -38.55 -4.98
C21 6OU HA . -18.69 -38.59 -6.57
O22 6OU HA . -19.84 -38.11 -7.17
P23 6OU HA . -20.49 -38.92 -8.62
O24 6OU HA . -21.09 -40.20 -8.16
O25 6OU HA . -21.24 -37.87 -9.37
O26 6OU HA . -19.12 -39.33 -9.60
O30 6OU HA . -18.32 -39.79 -4.42
C31 6OU HA . -17.21 -39.77 -3.57
O32 6OU HA . -16.26 -40.45 -3.78
C33 6OU HA . -17.29 -38.82 -2.35
C34 6OU HA . -15.96 -38.03 -2.08
C35 6OU HA . -16.07 -36.73 -1.21
C36 6OU HA . -14.73 -36.07 -0.79
C37 6OU HA . -14.40 -36.03 0.74
C38 6OU HA . -13.83 -34.68 1.29
C39 6OU HA . -12.32 -34.65 1.56
C40 6OU HA . -11.67 -33.30 1.39
C41 6OU HA . -10.38 -33.07 1.11
C10 6OU IA . -24.62 -24.91 1.54
C11 6OU IA . -25.43 -25.68 2.62
C12 6OU IA . -26.39 -26.80 2.11
C13 6OU IA . -27.91 -26.50 2.14
C14 6OU IA . -28.82 -27.53 1.37
C15 6OU IA . -28.06 -28.67 0.63
C16 6OU IA . -28.11 -28.56 -0.91
O17 6OU IA . -27.24 -28.06 -1.56
O18 6OU IA . -29.24 -29.09 -1.51
C19 6OU IA . -30.23 -28.15 -1.95
C20 6OU IA . -31.65 -28.79 -2.13
C21 6OU IA . -32.23 -28.55 -3.58
O22 6OU IA . -33.39 -29.29 -3.77
P23 6OU IA . -33.41 -30.54 -5.03
O24 6OU IA . -34.03 -31.74 -4.40
O25 6OU IA . -32.06 -30.53 -5.64
O26 6OU IA . -34.52 -29.97 -6.23
C27 6OU IA . -35.86 -30.30 -6.13
C28 6OU IA . -36.75 -29.33 -6.98
O30 6OU IA . -32.53 -28.22 -1.14
C31 6OU IA . -32.56 -26.83 -1.00
O32 6OU IA . -32.23 -26.12 -1.88
C33 6OU IA . -33.07 -26.28 0.36
C34 6OU IA . -32.26 -25.03 0.87
C35 6OU IA . -31.35 -25.26 2.14
C36 6OU IA . -31.44 -24.15 3.23
C37 6OU IA . -30.21 -23.20 3.39
C38 6OU IA . -29.11 -23.65 4.40
C39 6OU IA . -28.04 -22.59 4.71
C40 6OU IA . -26.62 -23.07 4.58
C41 6OU IA . -25.54 -22.28 4.42
C42 6OU IA . -25.59 -20.77 4.32
C43 6OU IA . -24.25 -20.02 4.11
C1 LBN JA . -41.06 -31.45 -2.90
C2 LBN JA . -40.35 -31.27 -1.51
C3 LBN JA . -41.43 -30.97 -0.43
C4 LBN JA . -40.19 -26.16 10.94
C5 LBN JA . -34.56 -27.21 6.35
O1 LBN JA . -41.69 -32.68 -2.91
C8 LBN JA . -35.85 -26.91 7.07
C11 LBN JA . -35.76 -26.86 8.63
C14 LBN JA . -34.97 -25.66 9.22
C17 LBN JA . -35.05 -25.56 10.76
C25 LBN JA . -40.51 -29.37 1.12
O5 LBN JA . -41.28 -29.62 0.02
C26 LBN JA . -40.61 -27.95 1.64
O6 LBN JA . -39.81 -30.23 1.61
C27 LBN JA . -39.76 -27.67 2.90
C28 LBN JA . -40.24 -26.47 3.77
C29 LBN JA . -39.40 -26.14 5.03
C30 LBN JA . -40.17 -25.43 6.17
C31 LBN JA . -39.99 -25.99 7.61
C32 LBN JA . -41.25 -26.06 8.52
C33 LBN JA . -41.09 -26.84 9.86
C34 LBN JA . -38.62 -32.98 -1.70
O7 LBN JA . -39.76 -32.52 -1.11
C35 LBN JA . -37.35 -32.30 -1.20
O8 LBN JA . -38.69 -33.87 -2.53
C36 LBN JA . -36.59 -33.02 -0.06
C37 LBN JA . -36.69 -32.38 1.35
C38 LBN JA . -35.68 -31.25 1.66
C39 LBN JA . -36.25 -30.15 2.61
C40 LBN JA . -35.30 -29.70 3.74
C41 LBN JA . -35.33 -28.18 4.08
C42 LBN JA . -34.36 -27.72 5.12
C02 YFP KA . -30.01 -23.15 12.41
C03 YFP KA . -28.61 -22.61 11.97
C04 YFP KA . -27.83 -21.80 13.06
C05 YFP KA . -26.48 -21.17 12.59
C06 YFP KA . -25.51 -20.69 13.73
C07 YFP KA . -26.01 -19.47 14.57
C08 YFP KA . -24.92 -18.79 15.47
C09 YFP KA . -25.34 -18.56 16.96
C10 YFP KA . -24.24 -18.87 18.03
C11 YFP KA . -22.85 -18.17 17.80
C12 YFP KA . -21.72 -18.55 18.83
C13 YFP KA . -20.38 -17.76 18.70
C14 YFP KA . -19.36 -17.92 19.89
C15 YFP KA . -17.88 -18.25 19.47
C16 YFP KA . -16.90 -17.04 19.55
C19 YFP KA . -16.04 -15.38 17.99
C20 YFP KA . -14.63 -14.96 17.34
C21 YFP KA . -14.04 -13.68 18.05
C33 YFP KA . -15.69 -15.58 15.19
C35 YFP KA . -16.39 -15.17 13.87
C36 YFP KA . -17.94 -15.38 13.84
C37 YFP KA . -18.66 -15.08 12.46
C38 YFP KA . -19.76 -13.96 12.50
O17 YFP KA . -16.83 -16.33 20.55
O18 YFP KA . -16.04 -16.72 18.50
O22 YFP KA . -14.87 -13.29 19.12
O24 YFP KA . -15.86 -11.25 20.36
O25 YFP KA . -13.50 -11.06 19.40
O26 YFP KA . -13.91 -12.53 21.53
O32 YFP KA . -14.87 -14.74 15.92
O34 YFP KA . -15.86 -16.71 15.65
P23 YFP KA . -14.54 -11.94 20.07
C1 T7X LA . -23.86 2.50 11.75
O1 T7X LA . -25.15 2.43 11.23
P1 T7X LA . -25.69 0.93 10.81
C2 T7X LA . -23.90 3.11 13.16
O2 T7X LA . -24.96 2.54 13.88
C3 T7X LA . -24.08 4.63 13.13
O3 T7X LA . -24.03 5.09 14.45
C4 T7X LA . -22.99 5.27 12.29
O4 T7X LA . -23.11 6.68 12.32
C5 T7X LA . -23.11 4.79 10.85
O5 T7X LA . -22.10 5.39 10.07
C6 T7X LA . -22.98 3.27 10.74
O6 T7X LA . -21.63 2.93 10.98
C7 T7X LA . -24.78 -0.87 9.20
C8 T7X LA . -24.27 -1.20 7.81
C9 T7X LA . -25.20 -2.22 7.20
C10 T7X LA . -23.80 -0.25 5.70
C11 T7X LA . -26.11 -4.33 7.38
O11 T7X LA . -25.28 -0.07 11.85
C12 T7X LA . -24.15 0.79 4.64
O12 T7X LA . -27.19 0.92 10.70
C13 T7X LA . -24.47 0.15 3.31
O13 T7X LA . -25.03 0.48 9.38
C14 T7X LA . -25.51 0.99 2.60
C15 T7X LA . -25.34 0.91 1.09
C16 T7X LA . -26.38 0.75 0.31
O16 T7X LA . -24.24 -0.05 7.02
O17 T7X LA . -23.17 -1.20 5.40
O18 T7X LA . -25.36 -3.34 8.01
O19 T7X LA . -27.25 -4.46 7.63
C31 T7X LA . -25.45 -5.26 6.36
C32 T7X LA . -25.65 -4.79 4.92
C33 T7X LA . -24.36 -4.94 4.13
C34 T7X LA . -24.41 -4.18 2.80
C35 T7X LA . -25.48 -4.78 1.91
C36 T7X LA . -25.40 -4.15 0.52
C37 T7X LA . -26.70 -3.42 0.18
C38 T7X LA . -27.83 -4.40 -0.11
C39 T7X LA . -27.81 -4.87 -1.55
C40 T7X LA . -28.88 -5.95 -1.74
C41 T7X LA . -29.02 -6.32 -3.21
C42 T7X LA . -30.35 -7.03 -3.46
C43 T7X LA . -31.15 -6.32 -4.54
C1 LBN MA . -33.77 -11.64 16.26
N1 LBN MA . -32.23 -4.73 13.55
P1 LBN MA . -33.67 -8.96 16.03
C2 LBN MA . -35.06 -12.44 15.80
C3 LBN MA . -36.24 -12.14 16.77
C6 LBN MA . -31.65 -6.04 14.08
O1 LBN MA . -33.57 -10.52 15.46
C9 LBN MA . -32.53 -6.64 15.22
O2 LBN MA . -32.85 -7.90 14.85
C12 LBN MA . -32.24 -3.65 14.61
O3 LBN MA . -32.73 -8.78 17.17
C15 LBN MA . -33.66 -4.95 13.04
O4 LBN MA . -35.08 -8.48 15.92
C18 LBN MA . -31.39 -4.23 12.37
C25 LBN MA . -37.44 -13.30 18.50
O5 LBN MA . -36.28 -13.13 17.79
C26 LBN MA . -38.27 -14.50 18.10
O6 LBN MA . -37.75 -12.52 19.38
C27 LBN MA . -38.21 -15.67 19.09
C28 LBN MA . -39.33 -16.73 18.93
C29 LBN MA . -38.94 -18.22 19.23
C30 LBN MA . -39.67 -18.86 20.43
C31 LBN MA . -39.34 -20.35 20.75
C32 LBN MA . -38.48 -20.62 22.03
C33 LBN MA . -38.74 -21.97 22.74
C34 LBN MA . -36.17 -12.85 13.67
O7 LBN MA . -35.53 -12.00 14.51
C35 LBN MA . -37.69 -12.73 13.68
O8 LBN MA . -35.53 -13.63 13.00
C36 LBN MA . -38.47 -13.79 12.87
C37 LBN MA . -38.49 -15.22 13.45
C38 LBN MA . -39.76 -16.07 13.19
C39 LBN MA . -41.05 -15.21 13.03
C06 6OU NA . -27.73 -2.61 -9.23
C07 6OU NA . -27.78 -2.70 -10.80
C08 6OU NA . -28.97 -1.98 -11.50
C09 6OU NA . -28.87 -1.84 -13.05
C10 6OU NA . -30.22 -1.73 -13.82
C11 6OU NA . -30.32 -2.43 -15.21
C12 6OU NA . -31.76 -2.57 -15.80
C13 6OU NA . -32.13 -3.94 -16.46
C14 6OU NA . -33.24 -3.87 -17.56
C15 6OU NA . -33.21 -5.01 -18.63
C16 6OU NA . -34.52 -5.16 -19.42
O17 6OU NA . -35.48 -5.75 -19.01
O18 6OU NA . -34.54 -4.56 -20.68
C19 6OU NA . -33.70 -3.39 -20.83
C20 6OU NA . -34.33 -2.31 -21.77
C21 6OU NA . -34.76 -2.90 -23.17
O22 6OU NA . -34.56 -4.27 -23.21
P23 6OU NA . -34.28 -5.06 -24.77
O24 6OU NA . -33.39 -4.16 -25.54
O25 6OU NA . -33.98 -6.49 -24.46
O26 6OU NA . -35.82 -5.04 -25.57
O30 6OU NA . -33.36 -1.25 -21.95
C31 6OU NA . -33.34 -0.20 -21.05
O32 6OU NA . -33.99 -0.24 -20.04
C33 6OU NA . -32.44 1.01 -21.39
C34 6OU NA . -30.90 0.70 -21.23
C35 6OU NA . -30.35 0.60 -19.75
C36 6OU NA . -28.81 0.39 -19.62
C37 6OU NA . -28.33 -1.00 -19.10
C38 6OU NA . -27.07 -1.00 -18.18
C39 6OU NA . -26.22 -2.28 -18.22
C40 6OU NA . -24.89 -2.20 -17.53
C41 6OU NA . -24.67 -1.71 -16.31
C42 6OU NA . -23.32 -1.64 -15.64
C43 6OU NA . -23.29 -1.58 -14.08
C10 6OU OA . -29.84 4.71 -2.83
C11 6OU OA . -28.90 4.39 -1.63
C12 6OU OA . -28.03 5.57 -1.09
C13 6OU OA . -27.94 5.74 0.46
C14 6OU OA . -27.47 7.15 0.96
C15 6OU OA . -26.00 7.24 1.45
C16 6OU OA . -25.65 8.59 2.11
O17 6OU OA . -26.21 9.61 1.86
O18 6OU OA . -24.63 8.57 3.03
C19 6OU OA . -23.73 9.69 3.02
C20 6OU OA . -22.47 9.47 2.13
C21 6OU OA . -21.14 9.93 2.84
O22 6OU OA . -20.99 9.28 4.05
P23 6OU OA . -19.52 9.56 5.02
O24 6OU OA . -19.98 9.92 6.38
O25 6OU OA . -18.64 10.42 4.16
O26 6OU OA . -18.74 8.03 5.13
O30 6OU OA . -22.66 10.21 0.89
C31 6OU OA . -22.19 9.68 -0.30
O32 6OU OA . -21.11 9.20 -0.38
C33 6OU OA . -23.16 9.73 -1.51
C34 6OU OA . -24.03 8.44 -1.66
C35 6OU OA . -24.36 7.96 -3.10
C36 6OU OA . -25.76 8.37 -3.66
C37 6OU OA . -26.41 7.42 -4.71
O30 6OU PA . -20.16 13.52 -0.76
C31 6OU PA . -19.42 12.39 -1.13
O32 6OU PA . -19.40 11.42 -0.45
C33 6OU PA . -18.62 12.49 -2.45
C34 6OU PA . -19.04 11.43 -3.52
C35 6OU PA . -20.52 11.45 -3.99
C36 6OU PA . -20.77 11.02 -5.47
C37 6OU PA . -21.68 9.78 -5.72
C38 6OU PA . -22.79 9.92 -6.79
C39 6OU PA . -23.03 8.70 -7.71
C40 6OU PA . -22.90 7.33 -7.08
C41 6OU PA . -23.54 6.21 -7.47
C42 6OU PA . -24.51 6.09 -8.61
C43 6OU PA . -24.25 6.90 -9.89
C40 6OU QA . -51.14 -19.52 3.19
C41 6OU QA . -50.80 -18.53 2.36
C42 6OU QA . -49.43 -17.92 2.27
C43 6OU QA . -49.16 -16.96 1.10
C44 6OU QA . -47.90 -16.09 1.20
C45 6OU QA . -47.08 -15.98 -0.09
C46 6OU QA . -45.79 -15.16 -0.01
C47 6OU QA . -44.51 -15.92 -0.33
C48 6OU QA . -43.40 -15.86 0.73
C49 6OU QA . -42.53 -17.13 0.82
C08 6OU RA . -3.63 6.32 -32.56
C09 6OU RA . -4.37 6.80 -33.84
C10 6OU RA . -3.78 6.30 -35.20
C11 6OU RA . -4.24 4.90 -35.71
C12 6OU RA . -4.15 4.67 -37.24
C13 6OU RA . -5.32 3.88 -37.90
C14 6OU RA . -5.23 3.73 -39.45
C15 6OU RA . -6.47 4.24 -40.25
C16 6OU RA . -7.02 3.23 -41.29
O17 6OU RA . -6.67 2.09 -41.34
O18 6OU RA . -7.97 3.74 -42.17
C19 6OU RA . -9.13 2.91 -42.44
C20 6OU RA . -10.43 3.35 -41.64
C21 6OU RA . -11.54 2.21 -41.63
O22 6OU RA . -11.00 0.98 -42.02
P23 6OU RA . -11.93 -0.10 -43.07
O24 6OU RA . -11.88 0.50 -44.43
O25 6OU RA . -11.45 -1.49 -42.77
O26 6OU RA . -13.56 -0.03 -42.54
O30 6OU RA . -10.98 4.53 -42.28
C31 6OU RA . -11.09 5.71 -41.54
O32 6OU RA . -12.12 6.30 -41.46
C33 6OU RA . -9.80 6.22 -40.83
C34 6OU RA . -10.05 6.74 -39.37
C35 6OU RA . -8.80 6.81 -38.43
C36 6OU RA . -9.03 7.51 -37.05
C37 6OU RA . -8.25 8.83 -36.78
C38 6OU RA . -7.58 8.96 -35.37
C39 6OU RA . -8.31 9.87 -34.37
C40 6OU RA . -8.16 9.50 -32.92
C41 6OU RA . -9.01 9.81 -31.93
#